data_7NP1
#
_entry.id   7NP1
#
_cell.length_a   91.049
_cell.length_b   107.899
_cell.length_c   181.628
_cell.angle_alpha   90.000
_cell.angle_beta   99.448
_cell.angle_gamma   90.000
#
_symmetry.space_group_name_H-M   'P 1 21 1'
#
loop_
_entity.id
_entity.type
_entity.pdbx_description
1 polymer 'Spike protein S1'
2 polymer 'Immunoglobulin gamma-1 heavy chain'
3 polymer 'Immunoblobulin light chain'
4 branched alpha-L-fucopyranose-(1-6)-2-acetamido-2-deoxy-beta-D-glucopyranose
5 non-polymer 2-acetamido-2-deoxy-beta-D-glucopyranose
6 water water
#
loop_
_entity_poly.entity_id
_entity_poly.type
_entity_poly.pdbx_seq_one_letter_code
_entity_poly.pdbx_strand_id
1 'polypeptide(L)'
;RVQPTESIVRFPNITNLCPFGEVFNATRFASVYAWNRKRISNCVADYSVLYNSASFSTFKCYGVSPTKLNDLCFTNVYAD
SFVIRGDEVRQIAPGQTGKIADYNYKLPDDFTGCVIAWNSNNLDSKVGGNYNYLYRLFRKSNLKPFERDISTEIYQAGST
PCNGVEGFNCYFPLQSYGFQPTNGVGYQPYRVVVLSFELLPATVCGPKKSTNLVKNKCVNFAAAGSHHHHHH
;
A,B,C,D
2 'polypeptide(L)'
;EVQLVQSGGGLVKPGGSLRLSCAASGITVSSNYMSWVRQAPGKGLEWVSVIYSGGSTYYADSVKGRFTISRDNSKNTLYL
QMNSLRAEDTAVYYCARGEGGSIVGVTSDYWGQGTLVTVSSASTKGPSVFPLAPSSKSTSGGTAALGCLVKDYFPEPVTV
SWNSGALTSGVHTFPAVLQSSGLYSLSSVVTVPSSSLGTQTYICNVNHKPSNTKVDKKVEPKSC
;
H,I,J,K
3 'polypeptide(L)'
;ASDIQMTQSPSSLSASVGDRVTITCRASQSISRYLNWYQQKPGKAPKLLIYAASSLQSGVPSRFSGSGSETEFTLTISSL
HPDDFATYYCQQSYSTLPYTFGQGTKVEIKRTAAAPSVFIFPPSDEQLKSGTASVVCLLNNFYPREAKVQWKVDNALQSG
NSQESVTEQDSKDSTYSLSSTLTLSKADYEKHKLYACEVTHQGLSSPVTKSFNRGEC
;
L,M,N,O
#
loop_
_chem_comp.id
_chem_comp.type
_chem_comp.name
_chem_comp.formula
FUC L-saccharide, alpha linking alpha-L-fucopyranose 'C6 H12 O5'
NAG D-saccharide, beta linking 2-acetamido-2-deoxy-beta-D-glucopyranose 'C8 H15 N O6'
#
# COMPACT_ATOMS: atom_id res chain seq x y z
N PRO A 19 -18.48 4.59 -1.07
CA PRO A 19 -18.92 4.36 0.31
C PRO A 19 -18.73 2.92 0.72
N PHE A 20 -18.13 2.11 -0.16
CA PHE A 20 -17.70 0.78 0.24
C PHE A 20 -16.57 0.84 1.27
N GLY A 21 -15.92 1.99 1.40
CA GLY A 21 -14.88 2.12 2.42
C GLY A 21 -15.46 2.06 3.82
N GLU A 22 -16.62 2.66 4.04
CA GLU A 22 -17.24 2.63 5.35
C GLU A 22 -17.72 1.23 5.75
N VAL A 23 -17.77 0.29 4.82
CA VAL A 23 -18.20 -1.06 5.14
C VAL A 23 -17.02 -2.03 5.14
N PHE A 24 -16.04 -1.86 4.24
CA PHE A 24 -14.89 -2.77 4.23
C PHE A 24 -13.88 -2.37 5.30
N ASN A 25 -13.56 -1.08 5.39
CA ASN A 25 -12.53 -0.60 6.30
C ASN A 25 -13.10 -0.19 7.66
N ALA A 26 -14.32 -0.62 7.98
CA ALA A 26 -14.89 -0.31 9.29
C ALA A 26 -14.07 -0.96 10.39
N THR A 27 -13.88 -0.24 11.50
CA THR A 27 -13.05 -0.74 12.58
C THR A 27 -13.66 -1.96 13.25
N ARG A 28 -14.97 -1.95 13.44
CA ARG A 28 -15.67 -3.01 14.14
C ARG A 28 -16.65 -3.71 13.21
N PHE A 29 -16.73 -5.03 13.33
CA PHE A 29 -17.65 -5.85 12.55
C PHE A 29 -18.69 -6.49 13.46
N ALA A 30 -19.78 -6.90 12.85
CA ALA A 30 -20.88 -7.50 13.60
C ALA A 30 -20.66 -8.99 13.80
N SER A 31 -21.30 -9.52 14.83
CA SER A 31 -21.40 -10.96 14.98
C SER A 31 -22.37 -11.50 13.93
N VAL A 32 -22.09 -12.70 13.43
CA VAL A 32 -22.83 -13.21 12.27
C VAL A 32 -24.31 -13.33 12.57
N TYR A 33 -24.67 -13.68 13.81
CA TYR A 33 -26.07 -13.78 14.15
C TYR A 33 -26.75 -12.42 14.12
N ALA A 34 -26.02 -11.36 14.45
CA ALA A 34 -26.54 -10.01 14.37
C ALA A 34 -25.88 -9.31 13.19
N TRP A 35 -25.96 -9.91 12.01
CA TRP A 35 -25.21 -9.42 10.85
C TRP A 35 -25.71 -8.05 10.43
N ASN A 36 -24.79 -7.26 9.87
CA ASN A 36 -25.02 -5.85 9.57
C ASN A 36 -25.42 -5.68 8.11
N ARG A 37 -26.30 -4.72 7.86
CA ARG A 37 -26.86 -4.48 6.54
C ARG A 37 -26.80 -3.00 6.22
N LYS A 38 -26.04 -2.62 5.20
CA LYS A 38 -25.92 -1.22 4.78
C LYS A 38 -26.56 -1.09 3.40
N ARG A 39 -27.60 -0.24 3.33
CA ARG A 39 -28.21 0.15 2.06
C ARG A 39 -27.28 1.09 1.30
N ILE A 40 -27.03 0.80 0.04
CA ILE A 40 -26.10 1.58 -0.77
C ILE A 40 -26.88 2.33 -1.85
N SER A 41 -26.88 3.66 -1.77
CA SER A 41 -27.31 4.53 -2.85
C SER A 41 -26.06 5.29 -3.31
N ASN A 42 -25.71 5.16 -4.58
CA ASN A 42 -24.32 5.37 -4.92
C ASN A 42 -24.14 5.80 -6.38
N CYS A 43 -22.89 5.73 -6.84
CA CYS A 43 -22.46 6.09 -8.18
C CYS A 43 -23.04 5.18 -9.26
N SER A 48 -15.11 -2.55 -10.14
CA SER A 48 -14.03 -3.53 -9.99
C SER A 48 -12.80 -2.88 -9.35
N VAL A 49 -13.00 -1.74 -8.70
CA VAL A 49 -11.91 -1.12 -7.95
C VAL A 49 -11.65 -1.90 -6.66
N LEU A 50 -12.60 -2.69 -6.21
CA LEU A 50 -12.39 -3.52 -5.03
C LEU A 50 -11.47 -4.69 -5.37
N TYR A 51 -11.84 -5.48 -6.38
CA TYR A 51 -11.08 -6.68 -6.72
C TYR A 51 -9.66 -6.36 -7.16
N ASN A 52 -9.43 -5.17 -7.74
CA ASN A 52 -8.08 -4.91 -8.26
C ASN A 52 -7.11 -4.55 -7.14
N SER A 53 -7.58 -3.86 -6.11
CA SER A 53 -6.77 -3.63 -4.91
C SER A 53 -7.25 -4.57 -3.81
N ALA A 54 -7.02 -5.85 -4.05
CA ALA A 54 -7.69 -6.93 -3.31
C ALA A 54 -7.01 -7.32 -2.01
N SER A 55 -6.14 -8.34 -2.09
CA SER A 55 -5.66 -9.13 -0.94
C SER A 55 -6.80 -9.89 -0.29
N PHE A 56 -7.81 -10.27 -1.07
CA PHE A 56 -8.93 -11.05 -0.59
C PHE A 56 -8.67 -12.54 -0.79
N SER A 57 -9.14 -13.35 0.15
CA SER A 57 -9.04 -14.80 0.05
C SER A 57 -10.22 -15.42 -0.69
N THR A 58 -11.38 -14.77 -0.65
CA THR A 58 -12.56 -15.24 -1.36
C THR A 58 -13.22 -14.06 -2.05
N PHE A 59 -13.47 -14.21 -3.35
CA PHE A 59 -14.19 -13.20 -4.15
C PHE A 59 -14.96 -13.97 -5.22
N LYS A 60 -16.20 -14.32 -4.91
CA LYS A 60 -17.04 -15.12 -5.78
C LYS A 60 -18.32 -14.34 -6.08
N CYS A 61 -18.57 -14.08 -7.36
CA CYS A 61 -19.78 -13.40 -7.78
C CYS A 61 -20.72 -14.40 -8.45
N TYR A 62 -22.02 -14.18 -8.28
CA TYR A 62 -23.04 -15.12 -8.72
C TYR A 62 -24.03 -14.39 -9.61
N GLY A 63 -24.35 -14.99 -10.75
CA GLY A 63 -25.21 -14.36 -11.74
C GLY A 63 -24.54 -13.30 -12.57
N VAL A 64 -23.36 -12.83 -12.18
CA VAL A 64 -22.67 -11.74 -12.87
C VAL A 64 -21.18 -11.89 -12.64
N SER A 65 -20.38 -11.50 -13.63
CA SER A 65 -18.95 -11.35 -13.51
C SER A 65 -18.54 -9.90 -13.74
N PRO A 66 -17.45 -9.44 -13.13
CA PRO A 66 -16.95 -8.09 -13.40
C PRO A 66 -16.62 -7.88 -14.88
N LEU A 72 -24.82 3.32 -11.55
CA LEU A 72 -25.70 2.19 -11.22
C LEU A 72 -26.40 1.63 -12.46
N CYS A 73 -26.58 0.31 -12.46
CA CYS A 73 -27.56 -0.38 -13.29
C CYS A 73 -28.43 -1.29 -12.43
N PHE A 74 -28.86 -0.76 -11.28
CA PHE A 74 -29.58 -1.55 -10.29
C PHE A 74 -30.52 -0.67 -9.50
N THR A 75 -31.69 -1.24 -9.15
CA THR A 75 -32.66 -0.52 -8.33
C THR A 75 -32.09 -0.20 -6.96
N ASN A 76 -31.61 -1.23 -6.25
CA ASN A 76 -31.06 -1.05 -4.92
C ASN A 76 -30.02 -2.13 -4.67
N VAL A 77 -29.03 -1.80 -3.85
CA VAL A 77 -27.94 -2.72 -3.55
C VAL A 77 -27.64 -2.68 -2.07
N TYR A 78 -27.35 -3.84 -1.50
CA TYR A 78 -27.15 -4.00 -0.07
C TYR A 78 -25.77 -4.59 0.20
N ALA A 79 -25.16 -4.16 1.30
CA ALA A 79 -23.85 -4.66 1.72
C ALA A 79 -24.00 -5.24 3.13
N ASP A 80 -23.79 -6.56 3.25
CA ASP A 80 -23.90 -7.27 4.51
C ASP A 80 -22.51 -7.68 5.00
N SER A 81 -22.24 -7.51 6.29
CA SER A 81 -20.91 -7.76 6.82
C SER A 81 -20.98 -8.38 8.22
N PHE A 82 -20.02 -9.27 8.51
CA PHE A 82 -19.95 -10.01 9.77
C PHE A 82 -18.65 -10.81 9.79
N VAL A 83 -18.44 -11.57 10.87
CA VAL A 83 -17.23 -12.35 11.12
C VAL A 83 -17.60 -13.81 11.37
N ILE A 84 -16.79 -14.74 10.86
CA ILE A 84 -16.98 -16.17 11.06
C ILE A 84 -15.62 -16.87 11.01
N ARG A 85 -15.64 -18.18 11.27
CA ARG A 85 -14.46 -19.04 11.16
C ARG A 85 -14.04 -19.17 9.70
N GLY A 86 -12.79 -19.60 9.50
CA GLY A 86 -12.31 -19.85 8.16
C GLY A 86 -13.02 -21.00 7.48
N ASP A 87 -13.30 -22.08 8.23
CA ASP A 87 -13.96 -23.24 7.65
C ASP A 87 -15.41 -22.97 7.28
N GLU A 88 -15.99 -21.90 7.79
CA GLU A 88 -17.40 -21.61 7.57
C GLU A 88 -17.67 -20.68 6.40
N VAL A 89 -16.62 -20.10 5.81
CA VAL A 89 -16.82 -19.19 4.67
C VAL A 89 -17.44 -19.91 3.49
N ARG A 90 -17.18 -21.22 3.36
CA ARG A 90 -17.78 -21.99 2.28
C ARG A 90 -19.30 -21.96 2.35
N GLN A 91 -19.86 -21.76 3.54
CA GLN A 91 -21.31 -21.74 3.74
C GLN A 91 -21.94 -20.46 3.26
N ILE A 92 -21.15 -19.42 2.97
CA ILE A 92 -21.72 -18.17 2.43
C ILE A 92 -21.75 -18.34 0.93
N ALA A 93 -22.76 -19.08 0.47
CA ALA A 93 -22.89 -19.46 -0.93
C ALA A 93 -24.29 -20.03 -1.17
N PRO A 94 -24.83 -19.95 -2.38
CA PRO A 94 -26.19 -20.44 -2.61
C PRO A 94 -26.30 -21.94 -2.37
N GLY A 95 -27.42 -22.34 -1.78
CA GLY A 95 -27.68 -23.76 -1.54
C GLY A 95 -26.64 -24.44 -0.67
N GLN A 96 -26.23 -23.78 0.41
CA GLN A 96 -25.25 -24.34 1.33
C GLN A 96 -25.92 -24.66 2.67
N THR A 97 -25.35 -25.65 3.36
CA THR A 97 -25.87 -26.08 4.66
C THR A 97 -24.78 -25.96 5.71
N GLY A 98 -25.22 -25.92 6.97
CA GLY A 98 -24.31 -25.79 8.09
C GLY A 98 -24.88 -24.89 9.16
N LYS A 99 -24.23 -24.84 10.33
CA LYS A 99 -24.72 -23.99 11.41
C LYS A 99 -24.85 -22.54 10.97
N ILE A 100 -23.91 -22.07 10.16
CA ILE A 100 -23.93 -20.66 9.76
C ILE A 100 -25.06 -20.40 8.77
N ALA A 101 -25.16 -21.24 7.72
CA ALA A 101 -26.19 -21.04 6.71
C ALA A 101 -27.58 -21.31 7.24
N ASP A 102 -27.71 -22.22 8.22
CA ASP A 102 -29.03 -22.59 8.71
C ASP A 102 -29.56 -21.64 9.78
N TYR A 103 -28.70 -21.15 10.67
CA TYR A 103 -29.17 -20.43 11.85
C TYR A 103 -28.62 -19.01 11.97
N ASN A 104 -27.77 -18.57 11.05
CA ASN A 104 -27.14 -17.26 11.16
C ASN A 104 -27.36 -16.39 9.92
N TYR A 105 -26.91 -16.82 8.74
CA TYR A 105 -26.99 -15.98 7.55
C TYR A 105 -27.24 -16.85 6.33
N LYS A 106 -28.38 -16.66 5.67
CA LYS A 106 -28.78 -17.52 4.55
C LYS A 106 -28.84 -16.71 3.27
N LEU A 107 -28.15 -17.20 2.24
CA LEU A 107 -28.23 -16.69 0.88
C LEU A 107 -29.29 -17.44 0.11
N PRO A 108 -30.08 -16.77 -0.73
CA PRO A 108 -31.09 -17.47 -1.53
C PRO A 108 -30.45 -18.30 -2.64
N ASP A 109 -31.25 -19.22 -3.17
CA ASP A 109 -30.76 -20.07 -4.26
C ASP A 109 -30.50 -19.25 -5.52
N ASP A 110 -31.34 -18.26 -5.79
CA ASP A 110 -31.23 -17.41 -6.97
C ASP A 110 -30.29 -16.22 -6.77
N PHE A 111 -29.38 -16.32 -5.80
CA PHE A 111 -28.59 -15.17 -5.38
C PHE A 111 -27.81 -14.56 -6.55
N THR A 112 -27.95 -13.26 -6.72
CA THR A 112 -27.12 -12.49 -7.66
C THR A 112 -26.38 -11.43 -6.85
N GLY A 113 -25.06 -11.53 -6.85
CA GLY A 113 -24.22 -10.65 -6.06
C GLY A 113 -22.83 -11.25 -5.92
N CYS A 114 -22.07 -10.71 -4.95
CA CYS A 114 -20.71 -11.16 -4.71
C CYS A 114 -20.48 -11.39 -3.22
N VAL A 115 -19.67 -12.40 -2.92
CA VAL A 115 -19.27 -12.76 -1.56
C VAL A 115 -17.77 -12.53 -1.43
N ILE A 116 -17.38 -11.64 -0.52
CA ILE A 116 -16.01 -11.19 -0.39
C ILE A 116 -15.54 -11.42 1.04
N ALA A 117 -14.44 -12.15 1.19
CA ALA A 117 -13.95 -12.53 2.51
C ALA A 117 -12.44 -12.42 2.56
N TRP A 118 -11.91 -12.21 3.76
CA TRP A 118 -10.47 -12.13 3.95
C TRP A 118 -10.14 -12.44 5.41
N ASN A 119 -8.93 -12.98 5.62
CA ASN A 119 -8.47 -13.33 6.95
C ASN A 119 -8.22 -12.06 7.77
N SER A 120 -8.76 -12.02 8.98
CA SER A 120 -8.65 -10.88 9.87
C SER A 120 -8.08 -11.29 11.22
N ASN A 121 -7.09 -12.20 11.20
CA ASN A 121 -6.49 -12.69 12.44
C ASN A 121 -5.77 -11.57 13.18
N ASN A 122 -5.11 -10.68 12.44
CA ASN A 122 -4.31 -9.61 13.06
C ASN A 122 -5.17 -8.58 13.79
N LEU A 123 -6.46 -8.50 13.48
CA LEU A 123 -7.36 -7.56 14.13
C LEU A 123 -8.33 -8.23 15.10
N ASP A 124 -8.88 -9.39 14.74
CA ASP A 124 -9.98 -9.99 15.46
C ASP A 124 -9.56 -11.10 16.43
N SER A 125 -8.26 -11.41 16.51
CA SER A 125 -7.75 -12.37 17.47
C SER A 125 -6.93 -11.64 18.54
N LYS A 126 -6.95 -12.18 19.75
CA LYS A 126 -6.15 -11.65 20.85
C LYS A 126 -5.55 -12.80 21.63
N VAL A 127 -4.39 -12.56 22.23
CA VAL A 127 -3.74 -13.58 23.04
C VAL A 127 -4.62 -13.87 24.25
N GLY A 128 -4.84 -15.16 24.54
CA GLY A 128 -5.82 -15.56 25.52
C GLY A 128 -7.24 -15.65 24.99
N GLY A 129 -7.47 -15.24 23.74
CA GLY A 129 -8.78 -15.35 23.14
C GLY A 129 -9.57 -14.06 23.05
N ASN A 130 -10.16 -13.81 21.88
CA ASN A 130 -11.16 -12.78 21.70
C ASN A 130 -12.51 -13.48 21.67
N TYR A 131 -13.34 -13.26 22.69
CA TYR A 131 -14.62 -13.94 22.78
C TYR A 131 -15.79 -13.02 22.41
N ASN A 132 -15.50 -11.90 21.74
CA ASN A 132 -16.52 -10.90 21.44
C ASN A 132 -17.46 -11.31 20.30
N TYR A 133 -17.04 -12.21 19.42
CA TYR A 133 -17.84 -12.58 18.26
C TYR A 133 -18.63 -13.85 18.56
N LEU A 134 -19.93 -13.81 18.31
CA LEU A 134 -20.83 -14.90 18.67
C LEU A 134 -21.47 -15.50 17.43
N TYR A 135 -22.08 -16.67 17.61
CA TYR A 135 -22.88 -17.31 16.58
C TYR A 135 -23.99 -18.13 17.25
N ARG A 136 -25.09 -18.30 16.54
CA ARG A 136 -26.23 -19.03 17.08
C ARG A 136 -26.03 -20.53 16.90
N LEU A 137 -26.04 -21.27 18.01
CA LEU A 137 -25.82 -22.71 17.97
C LEU A 137 -27.12 -23.51 17.99
N PHE A 138 -28.22 -22.93 18.44
CA PHE A 138 -29.48 -23.65 18.58
C PHE A 138 -30.61 -22.85 17.93
N ARG A 139 -31.34 -23.51 17.04
CA ARG A 139 -32.56 -22.95 16.46
C ARG A 139 -33.43 -24.11 15.98
N LYS A 140 -34.75 -23.97 16.16
CA LYS A 140 -35.64 -25.07 15.82
C LYS A 140 -35.78 -25.24 14.30
N SER A 141 -35.68 -24.17 13.53
CA SER A 141 -35.84 -24.28 12.09
C SER A 141 -34.92 -23.29 11.38
N ASN A 142 -34.62 -23.58 10.11
CA ASN A 142 -33.67 -22.80 9.33
C ASN A 142 -34.20 -21.40 9.06
N LEU A 143 -33.25 -20.48 8.84
CA LEU A 143 -33.59 -19.11 8.50
C LEU A 143 -33.99 -19.04 7.03
N LYS A 144 -35.02 -18.23 6.74
CA LYS A 144 -35.30 -17.86 5.37
C LYS A 144 -34.18 -16.97 4.85
N PRO A 145 -34.01 -16.87 3.53
CA PRO A 145 -32.94 -16.03 2.98
C PRO A 145 -33.06 -14.58 3.46
N PHE A 146 -31.93 -14.02 3.89
CA PHE A 146 -31.83 -12.65 4.40
C PHE A 146 -32.68 -12.44 5.65
N GLU A 147 -32.90 -13.49 6.41
CA GLU A 147 -33.55 -13.37 7.71
C GLU A 147 -32.50 -13.18 8.80
N ARG A 148 -32.86 -12.41 9.83
CA ARG A 148 -31.97 -12.12 10.94
C ARG A 148 -32.68 -12.42 12.26
N ASP A 149 -31.98 -13.10 13.16
CA ASP A 149 -32.51 -13.49 14.47
C ASP A 149 -31.51 -13.09 15.53
N ILE A 150 -31.88 -12.15 16.40
CA ILE A 150 -31.02 -11.69 17.47
C ILE A 150 -31.65 -11.94 18.85
N SER A 151 -32.60 -12.86 18.93
CA SER A 151 -33.23 -13.20 20.20
C SER A 151 -32.27 -14.04 21.04
N THR A 152 -32.38 -13.88 22.36
CA THR A 152 -31.60 -14.66 23.32
C THR A 152 -32.50 -15.45 24.26
N GLU A 153 -33.65 -15.88 23.78
CA GLU A 153 -34.54 -16.72 24.58
C GLU A 153 -33.92 -18.10 24.76
N ILE A 154 -34.07 -18.67 25.96
CA ILE A 154 -33.51 -19.98 26.23
C ILE A 154 -34.14 -21.00 25.30
N TYR A 155 -33.30 -21.81 24.65
CA TYR A 155 -33.77 -22.82 23.72
C TYR A 155 -34.33 -24.03 24.47
N GLN A 156 -35.43 -24.57 23.95
CA GLN A 156 -36.18 -25.63 24.62
C GLN A 156 -35.99 -26.94 23.85
N ALA A 157 -35.15 -27.82 24.39
CA ALA A 157 -34.85 -29.09 23.73
C ALA A 157 -35.78 -30.22 24.14
N GLY A 158 -36.67 -30.00 25.09
CA GLY A 158 -37.61 -31.04 25.50
C GLY A 158 -39.04 -30.55 25.48
N SER A 159 -39.94 -31.28 26.14
CA SER A 159 -41.34 -30.87 26.21
C SER A 159 -41.63 -29.91 27.36
N THR A 160 -40.70 -29.75 28.31
CA THR A 160 -40.93 -28.88 29.45
C THR A 160 -40.43 -27.47 29.15
N PRO A 161 -41.21 -26.44 29.45
CA PRO A 161 -40.75 -25.06 29.23
C PRO A 161 -39.57 -24.72 30.12
N CYS A 162 -38.74 -23.79 29.63
CA CYS A 162 -37.54 -23.35 30.34
C CYS A 162 -37.82 -22.19 31.29
N ASN A 163 -38.81 -21.34 30.97
CA ASN A 163 -39.15 -20.18 31.77
C ASN A 163 -37.93 -19.27 31.98
N GLY A 164 -37.10 -19.17 30.94
CA GLY A 164 -35.99 -18.24 30.94
C GLY A 164 -34.77 -18.67 31.72
N VAL A 165 -34.68 -19.92 32.14
CA VAL A 165 -33.56 -20.39 32.96
C VAL A 165 -32.85 -21.52 32.25
N GLU A 166 -31.52 -21.49 32.30
CA GLU A 166 -30.70 -22.49 31.64
C GLU A 166 -30.59 -23.75 32.52
N GLY A 167 -30.31 -24.86 31.86
CA GLY A 167 -30.24 -26.15 32.53
C GLY A 167 -30.36 -27.26 31.52
N PHE A 168 -30.71 -28.45 32.03
CA PHE A 168 -30.90 -29.61 31.15
C PHE A 168 -32.00 -29.31 30.15
N ASN A 169 -31.73 -29.64 28.88
CA ASN A 169 -32.67 -29.39 27.78
C ASN A 169 -33.10 -27.93 27.70
N CYS A 170 -32.29 -27.02 28.22
CA CYS A 170 -32.62 -25.59 28.26
C CYS A 170 -31.33 -24.82 28.04
N TYR A 171 -31.02 -24.53 26.78
CA TYR A 171 -29.71 -24.04 26.38
C TYR A 171 -29.78 -22.59 25.94
N PHE A 172 -28.78 -21.81 26.36
CA PHE A 172 -28.60 -20.47 25.83
C PHE A 172 -28.21 -20.57 24.35
N PRO A 173 -28.91 -19.86 23.46
CA PRO A 173 -28.73 -20.15 22.03
C PRO A 173 -27.38 -19.73 21.48
N LEU A 174 -26.78 -18.67 21.98
CA LEU A 174 -25.57 -18.14 21.39
C LEU A 174 -24.32 -18.76 22.00
N GLN A 175 -23.31 -18.96 21.15
CA GLN A 175 -22.00 -19.46 21.54
C GLN A 175 -20.93 -18.55 20.93
N SER A 176 -19.84 -18.35 21.65
CA SER A 176 -18.81 -17.41 21.22
C SER A 176 -17.68 -18.15 20.51
N TYR A 177 -17.15 -17.52 19.47
CA TYR A 177 -15.87 -17.96 18.93
C TYR A 177 -14.75 -17.61 19.89
N GLY A 178 -13.70 -18.42 19.85
CA GLY A 178 -12.49 -18.11 20.58
C GLY A 178 -11.34 -17.86 19.63
N PHE A 179 -11.16 -16.61 19.23
CA PHE A 179 -10.13 -16.26 18.25
C PHE A 179 -8.84 -15.96 19.00
N GLN A 180 -7.91 -16.92 18.98
CA GLN A 180 -6.55 -16.77 19.47
C GLN A 180 -5.59 -16.75 18.29
N PRO A 181 -4.49 -16.00 18.38
CA PRO A 181 -3.62 -15.81 17.19
C PRO A 181 -3.05 -17.11 16.66
N THR A 182 -2.97 -18.15 17.47
CA THR A 182 -2.33 -19.39 17.09
C THR A 182 -3.31 -20.48 16.66
N ASN A 183 -4.58 -20.13 16.47
CA ASN A 183 -5.53 -21.08 15.89
C ASN A 183 -5.14 -21.44 14.48
N GLY A 184 -5.41 -22.68 14.09
CA GLY A 184 -5.30 -23.09 12.70
C GLY A 184 -6.15 -22.22 11.81
N VAL A 185 -5.82 -22.16 10.52
CA VAL A 185 -6.48 -21.21 9.61
C VAL A 185 -7.99 -21.44 9.58
N GLY A 186 -8.43 -22.69 9.71
CA GLY A 186 -9.86 -22.98 9.71
C GLY A 186 -10.61 -22.41 10.89
N TYR A 187 -9.91 -22.11 11.98
CA TYR A 187 -10.53 -21.55 13.19
C TYR A 187 -10.14 -20.10 13.44
N GLN A 188 -9.56 -19.43 12.43
CA GLN A 188 -9.19 -18.02 12.47
C GLN A 188 -10.34 -17.15 11.99
N PRO A 189 -10.43 -15.90 12.44
CA PRO A 189 -11.55 -15.05 12.02
C PRO A 189 -11.39 -14.57 10.59
N TYR A 190 -12.50 -14.57 9.86
CA TYR A 190 -12.56 -14.01 8.52
C TYR A 190 -13.67 -12.98 8.48
N ARG A 191 -13.34 -11.76 8.04
CA ARG A 191 -14.36 -10.77 7.80
C ARG A 191 -14.99 -11.02 6.43
N VAL A 192 -16.28 -10.73 6.32
CA VAL A 192 -17.06 -11.10 5.15
C VAL A 192 -17.97 -9.94 4.77
N VAL A 193 -18.03 -9.62 3.48
CA VAL A 193 -18.98 -8.65 2.95
C VAL A 193 -19.75 -9.30 1.81
N VAL A 194 -21.07 -9.17 1.82
CA VAL A 194 -21.94 -9.74 0.80
C VAL A 194 -22.68 -8.60 0.10
N LEU A 195 -22.42 -8.44 -1.20
CA LEU A 195 -23.09 -7.44 -2.03
C LEU A 195 -24.23 -8.13 -2.77
N SER A 196 -25.44 -7.60 -2.63
CA SER A 196 -26.62 -8.14 -3.28
C SER A 196 -27.27 -7.06 -4.15
N PHE A 197 -27.55 -7.39 -5.40
CA PHE A 197 -28.06 -6.46 -6.40
C PHE A 197 -29.52 -6.77 -6.72
N GLU A 198 -30.34 -5.72 -6.81
CA GLU A 198 -31.75 -5.89 -7.14
C GLU A 198 -32.32 -4.67 -7.86
N PHE B 20 21.55 96.29 -35.77
CA PHE B 20 22.71 95.41 -35.70
C PHE B 20 23.86 96.11 -34.97
N GLY B 21 24.63 95.34 -34.20
CA GLY B 21 25.69 95.91 -33.40
C GLY B 21 25.31 96.01 -31.94
N GLU B 22 24.16 96.62 -31.66
CA GLU B 22 23.60 96.61 -30.31
C GLU B 22 23.20 95.20 -29.89
N VAL B 23 23.02 94.29 -30.84
CA VAL B 23 22.67 92.92 -30.55
C VAL B 23 23.90 92.03 -30.48
N PHE B 24 24.82 92.19 -31.43
CA PHE B 24 26.00 91.31 -31.48
C PHE B 24 27.04 91.72 -30.45
N ASN B 25 27.35 93.01 -30.37
CA ASN B 25 28.40 93.51 -29.49
C ASN B 25 27.89 93.88 -28.10
N ALA B 26 26.68 93.47 -27.73
CA ALA B 26 26.15 93.79 -26.40
C ALA B 26 27.03 93.16 -25.32
N THR B 27 27.19 93.89 -24.20
CA THR B 27 28.07 93.41 -23.14
C THR B 27 27.51 92.15 -22.47
N ARG B 28 26.20 92.13 -22.22
CA ARG B 28 25.55 91.04 -21.52
C ARG B 28 24.53 90.36 -22.42
N PHE B 29 24.48 89.04 -22.36
CA PHE B 29 23.52 88.26 -23.12
C PHE B 29 22.55 87.54 -22.18
N ALA B 30 21.42 87.15 -22.75
CA ALA B 30 20.39 86.48 -21.98
C ALA B 30 20.73 85.00 -21.76
N SER B 31 20.13 84.43 -20.72
CA SER B 31 20.09 82.97 -20.60
C SER B 31 19.13 82.41 -21.64
N VAL B 32 19.42 81.19 -22.10
CA VAL B 32 18.69 80.65 -23.25
C VAL B 32 17.21 80.51 -22.92
N TYR B 33 16.88 80.13 -21.68
CA TYR B 33 15.48 79.97 -21.32
C TYR B 33 14.74 81.30 -21.32
N ALA B 34 15.45 82.39 -21.03
CA ALA B 34 14.88 83.73 -21.12
C ALA B 34 15.49 84.45 -22.32
N TRP B 35 15.49 83.80 -23.47
CA TRP B 35 16.13 84.36 -24.65
C TRP B 35 15.55 85.72 -24.99
N ASN B 36 16.39 86.57 -25.59
CA ASN B 36 16.04 87.94 -25.91
C ASN B 36 15.61 88.04 -27.37
N ARG B 37 14.68 88.96 -27.63
CA ARG B 37 14.22 89.24 -28.99
C ARG B 37 14.28 90.73 -29.23
N LYS B 38 15.02 91.13 -30.26
CA LYS B 38 15.10 92.52 -30.69
C LYS B 38 14.38 92.68 -32.01
N ARG B 39 13.44 93.62 -32.06
CA ARG B 39 12.79 94.00 -33.31
C ARG B 39 13.74 94.88 -34.12
N ILE B 40 13.74 94.68 -35.44
CA ILE B 40 14.69 95.34 -36.32
C ILE B 40 13.91 96.17 -37.33
N SER B 41 14.11 97.49 -37.29
CA SER B 41 13.40 98.43 -38.16
C SER B 41 13.91 99.86 -37.98
N ASN B 42 13.89 100.67 -39.05
CA ASN B 42 13.73 100.21 -40.43
C ASN B 42 15.05 100.51 -41.15
N CYS B 43 15.72 99.48 -41.63
CA CYS B 43 17.03 99.69 -42.26
C CYS B 43 17.20 98.87 -43.52
N VAL B 44 16.89 97.57 -43.46
CA VAL B 44 17.14 96.62 -44.54
C VAL B 44 18.56 96.87 -45.06
N ALA B 45 19.52 96.85 -44.13
CA ALA B 45 20.92 97.11 -44.46
C ALA B 45 21.83 96.03 -43.89
N LEU B 50 24.28 92.68 -45.47
CA LEU B 50 24.75 91.69 -44.52
C LEU B 50 26.21 91.96 -44.11
N TYR B 51 27.14 91.71 -45.05
CA TYR B 51 28.53 92.16 -44.97
C TYR B 51 29.35 91.50 -43.86
N ASN B 52 28.72 91.27 -42.69
CA ASN B 52 29.17 90.46 -41.54
C ASN B 52 30.57 89.82 -41.61
N SER B 53 31.65 90.60 -41.46
CA SER B 53 32.96 89.96 -41.41
C SER B 53 33.48 89.79 -39.97
N ALA B 54 32.58 89.67 -39.00
CA ALA B 54 32.92 89.81 -37.60
C ALA B 54 33.40 88.51 -36.93
N SER B 55 33.78 87.49 -37.69
CA SER B 55 34.43 86.27 -37.19
C SER B 55 33.47 85.38 -36.41
N PHE B 56 33.11 84.23 -36.99
CA PHE B 56 32.08 83.37 -36.43
C PHE B 56 32.50 81.90 -36.56
N SER B 57 31.93 81.06 -35.70
CA SER B 57 32.11 79.62 -35.79
C SER B 57 30.98 78.95 -36.55
N THR B 58 29.77 79.50 -36.47
CA THR B 58 28.60 78.96 -37.15
C THR B 58 27.87 80.11 -37.84
N PHE B 59 27.54 79.92 -39.11
CA PHE B 59 26.75 80.88 -39.87
C PHE B 59 25.98 80.08 -40.92
N LYS B 60 24.78 79.65 -40.54
CA LYS B 60 23.95 78.82 -41.39
C LYS B 60 22.65 79.56 -41.69
N CYS B 61 22.33 79.73 -42.95
CA CYS B 61 21.08 80.34 -43.35
C CYS B 61 20.17 79.28 -43.95
N TYR B 62 18.87 79.47 -43.76
CA TYR B 62 17.87 78.51 -44.18
C TYR B 62 16.84 79.23 -45.03
N GLY B 63 16.51 78.64 -46.18
CA GLY B 63 15.60 79.25 -47.13
C GLY B 63 16.16 80.41 -47.91
N VAL B 64 17.31 80.96 -47.51
CA VAL B 64 17.97 82.07 -48.20
C VAL B 64 19.48 81.81 -48.18
N SER B 65 20.18 82.41 -49.13
CA SER B 65 21.63 82.33 -49.17
C SER B 65 22.22 83.73 -49.05
N PRO B 66 23.45 83.85 -48.53
CA PRO B 66 24.15 85.14 -48.57
C PRO B 66 24.45 85.57 -50.01
N PHE B 74 11.77 92.80 -46.84
CA PHE B 74 11.12 91.99 -45.80
C PHE B 74 10.09 92.78 -45.01
N THR B 75 9.02 92.09 -44.61
CA THR B 75 8.01 92.71 -43.75
C THR B 75 8.62 93.16 -42.43
N ASN B 76 9.29 92.25 -41.74
CA ASN B 76 9.71 92.42 -40.36
C ASN B 76 10.85 91.45 -40.10
N VAL B 77 11.75 91.84 -39.20
CA VAL B 77 12.92 91.01 -38.92
C VAL B 77 13.14 90.99 -37.43
N TYR B 78 13.46 89.80 -36.90
CA TYR B 78 13.66 89.60 -35.48
C TYR B 78 15.06 89.05 -35.23
N ALA B 79 15.68 89.49 -34.14
CA ALA B 79 17.01 89.05 -33.75
C ALA B 79 16.94 88.45 -32.35
N ASP B 80 17.13 87.15 -32.24
CA ASP B 80 17.08 86.45 -30.96
C ASP B 80 18.48 86.04 -30.54
N SER B 81 18.82 86.30 -29.27
CA SER B 81 20.18 86.14 -28.79
C SER B 81 20.21 85.55 -27.38
N PHE B 82 21.19 84.68 -27.13
CA PHE B 82 21.30 83.95 -25.86
C PHE B 82 22.67 83.27 -25.81
N VAL B 83 22.90 82.49 -24.75
CA VAL B 83 24.16 81.78 -24.52
C VAL B 83 23.86 80.32 -24.21
N ILE B 84 24.65 79.41 -24.79
CA ILE B 84 24.50 77.97 -24.58
C ILE B 84 25.86 77.29 -24.65
N ARG B 85 25.87 75.99 -24.34
CA ARG B 85 27.07 75.17 -24.45
C ARG B 85 27.52 75.03 -25.90
N GLY B 86 28.76 74.59 -26.08
CA GLY B 86 29.33 74.47 -27.41
C GLY B 86 28.65 73.42 -28.27
N ASP B 87 28.53 72.20 -27.76
CA ASP B 87 27.90 71.12 -28.50
C ASP B 87 26.39 71.09 -28.33
N GLU B 88 25.80 72.20 -27.89
CA GLU B 88 24.36 72.40 -27.98
C GLU B 88 23.97 73.34 -29.13
N VAL B 89 24.95 73.96 -29.78
CA VAL B 89 24.66 74.84 -30.91
C VAL B 89 24.02 74.05 -32.05
N ARG B 90 24.33 72.76 -32.15
CA ARG B 90 23.71 71.91 -33.17
C ARG B 90 22.19 71.88 -33.03
N GLN B 91 21.66 72.21 -31.85
CA GLN B 91 20.22 72.16 -31.63
C GLN B 91 19.50 73.41 -32.10
N ILE B 92 20.23 74.48 -32.42
CA ILE B 92 19.62 75.70 -32.95
C ILE B 92 19.48 75.56 -34.46
N ALA B 93 18.56 74.71 -34.89
CA ALA B 93 18.41 74.30 -36.28
C ALA B 93 17.06 73.64 -36.48
N PRO B 94 16.48 73.70 -37.68
CA PRO B 94 15.13 73.15 -37.87
C PRO B 94 15.07 71.66 -37.62
N GLY B 95 13.92 71.22 -37.12
CA GLY B 95 13.70 69.80 -36.86
C GLY B 95 14.71 69.19 -35.91
N GLN B 96 15.16 69.95 -34.92
CA GLN B 96 16.17 69.46 -34.01
C GLN B 96 15.56 69.02 -32.69
N THR B 97 16.36 68.30 -31.92
CA THR B 97 15.92 67.63 -30.71
C THR B 97 17.00 67.78 -29.65
N GLY B 98 16.57 67.88 -28.40
CA GLY B 98 17.50 68.02 -27.28
C GLY B 98 16.96 68.95 -26.22
N LYS B 99 17.60 68.96 -25.04
CA LYS B 99 17.13 69.79 -23.94
C LYS B 99 16.95 71.24 -24.36
N ILE B 100 17.86 71.76 -25.18
CA ILE B 100 17.76 73.16 -25.62
C ILE B 100 16.60 73.32 -26.58
N ALA B 101 16.52 72.46 -27.60
CA ALA B 101 15.46 72.60 -28.60
C ALA B 101 14.08 72.27 -28.03
N ASP B 102 14.03 71.38 -27.03
CA ASP B 102 12.74 70.96 -26.50
C ASP B 102 12.20 71.93 -25.46
N TYR B 103 13.06 72.45 -24.60
CA TYR B 103 12.62 73.16 -23.40
C TYR B 103 13.12 74.59 -23.30
N ASN B 104 13.80 75.11 -24.33
CA ASN B 104 14.40 76.44 -24.20
C ASN B 104 14.15 77.31 -25.43
N TYR B 105 14.60 76.86 -26.61
CA TYR B 105 14.47 77.67 -27.82
C TYR B 105 14.24 76.76 -29.02
N LYS B 106 13.07 76.88 -29.64
CA LYS B 106 12.66 76.00 -30.74
C LYS B 106 12.53 76.78 -32.03
N LEU B 107 13.16 76.26 -33.09
CA LEU B 107 13.01 76.79 -34.43
C LEU B 107 11.97 75.99 -35.21
N PRO B 108 11.10 76.65 -35.97
CA PRO B 108 10.11 75.92 -36.76
C PRO B 108 10.75 75.14 -37.89
N ASP B 109 10.04 74.12 -38.36
CA ASP B 109 10.56 73.31 -39.44
C ASP B 109 10.64 74.10 -40.74
N ASP B 110 9.80 75.12 -40.90
CA ASP B 110 9.78 75.97 -42.09
C ASP B 110 10.69 77.18 -41.98
N PHE B 111 11.70 77.13 -41.13
CA PHE B 111 12.46 78.31 -40.75
C PHE B 111 13.19 78.93 -41.94
N THR B 112 12.97 80.23 -42.14
CA THR B 112 13.72 81.01 -43.12
C THR B 112 14.47 82.11 -42.38
N GLY B 113 15.78 81.92 -42.21
CA GLY B 113 16.59 82.86 -41.49
C GLY B 113 17.99 82.30 -41.31
N CYS B 114 18.78 82.96 -40.47
CA CYS B 114 20.18 82.60 -40.28
C CYS B 114 20.48 82.43 -38.80
N VAL B 115 21.28 81.41 -38.49
CA VAL B 115 21.71 81.11 -37.13
C VAL B 115 23.20 81.39 -37.04
N ILE B 116 23.58 82.29 -36.13
CA ILE B 116 24.95 82.80 -36.04
C ILE B 116 25.45 82.56 -34.61
N ALA B 117 26.62 81.94 -34.50
CA ALA B 117 27.17 81.56 -33.20
C ALA B 117 28.68 81.78 -33.19
N TRP B 118 29.22 81.99 -31.99
CA TRP B 118 30.66 82.12 -31.83
C TRP B 118 31.04 81.86 -30.38
N ASN B 119 32.23 81.28 -30.21
CA ASN B 119 32.75 80.99 -28.88
C ASN B 119 32.98 82.28 -28.10
N SER B 120 32.52 82.31 -26.86
CA SER B 120 32.65 83.49 -26.00
C SER B 120 33.28 83.12 -24.68
N ASN B 121 34.29 82.26 -24.72
CA ASN B 121 34.94 81.80 -23.48
C ASN B 121 35.66 82.93 -22.77
N ASN B 122 36.18 83.91 -23.53
CA ASN B 122 36.94 84.98 -22.92
C ASN B 122 36.06 85.97 -22.15
N LEU B 123 34.77 86.04 -22.47
CA LEU B 123 33.87 86.97 -21.82
C LEU B 123 32.92 86.32 -20.82
N ASP B 124 32.41 85.14 -21.14
CA ASP B 124 31.33 84.53 -20.37
C ASP B 124 31.82 83.44 -19.42
N SER B 125 33.12 83.23 -19.30
CA SER B 125 33.68 82.25 -18.36
C SER B 125 34.55 82.96 -17.34
N LYS B 126 34.57 82.40 -16.13
CA LYS B 126 35.36 82.95 -15.03
C LYS B 126 36.00 81.81 -14.27
N VAL B 127 37.06 82.15 -13.51
CA VAL B 127 38.00 81.14 -13.01
C VAL B 127 37.29 80.14 -12.10
N GLY B 128 36.52 80.63 -11.15
CA GLY B 128 35.79 79.73 -10.29
C GLY B 128 34.50 79.21 -10.86
N GLY B 129 34.20 79.56 -12.10
CA GLY B 129 32.92 79.25 -12.69
C GLY B 129 32.02 80.47 -12.77
N ASN B 130 31.41 80.69 -13.93
CA ASN B 130 30.37 81.70 -14.09
C ASN B 130 29.04 80.96 -14.12
N TYR B 131 28.28 81.06 -13.03
CA TYR B 131 27.03 80.34 -12.88
C TYR B 131 25.83 81.20 -13.23
N ASN B 132 26.05 82.33 -13.91
CA ASN B 132 24.96 83.26 -14.18
C ASN B 132 24.01 82.73 -15.25
N TYR B 133 24.50 81.88 -16.15
CA TYR B 133 23.73 81.45 -17.31
C TYR B 133 23.02 80.14 -17.01
N LEU B 134 21.71 80.12 -17.22
CA LEU B 134 20.85 79.01 -16.86
C LEU B 134 20.21 78.39 -18.11
N TYR B 135 19.61 77.22 -17.89
CA TYR B 135 18.84 76.54 -18.93
C TYR B 135 17.80 75.66 -18.26
N ARG B 136 16.65 75.50 -18.91
CA ARG B 136 15.56 74.71 -18.35
C ARG B 136 15.85 73.23 -18.53
N LEU B 137 15.84 72.48 -17.42
CA LEU B 137 16.11 71.06 -17.45
C LEU B 137 14.85 70.21 -17.43
N PHE B 138 13.74 70.73 -16.93
CA PHE B 138 12.52 69.96 -16.76
C PHE B 138 11.34 70.71 -17.35
N ARG B 139 10.59 70.03 -18.22
CA ARG B 139 9.34 70.57 -18.73
C ARG B 139 8.46 69.40 -19.18
N LYS B 140 7.16 69.52 -18.93
CA LYS B 140 6.26 68.41 -19.22
C LYS B 140 6.09 68.19 -20.71
N SER B 141 6.23 69.24 -21.54
CA SER B 141 6.06 69.08 -22.97
C SER B 141 7.01 70.03 -23.70
N ASN B 142 7.13 69.81 -25.00
CA ASN B 142 8.06 70.57 -25.84
C ASN B 142 7.50 71.93 -26.17
N LEU B 143 8.41 72.89 -26.35
CA LEU B 143 8.04 74.25 -26.71
C LEU B 143 7.57 74.31 -28.15
N LYS B 144 6.52 75.10 -28.39
CA LYS B 144 6.16 75.46 -29.75
C LYS B 144 7.25 76.37 -30.33
N PRO B 145 7.34 76.47 -31.65
CA PRO B 145 8.35 77.35 -32.26
C PRO B 145 8.20 78.78 -31.76
N PHE B 146 9.34 79.38 -31.40
CA PHE B 146 9.40 80.75 -30.88
C PHE B 146 8.55 80.94 -29.64
N GLU B 147 8.42 79.90 -28.82
CA GLU B 147 7.78 80.01 -27.51
C GLU B 147 8.85 80.30 -26.46
N ARG B 148 8.48 81.07 -25.43
CA ARG B 148 9.37 81.43 -24.33
C ARG B 148 8.66 81.19 -23.00
N ASP B 149 9.40 80.67 -22.02
CA ASP B 149 8.82 80.27 -20.74
C ASP B 149 9.14 81.26 -19.62
N ILE B 150 10.19 80.95 -18.85
CA ILE B 150 10.78 81.72 -17.72
C ILE B 150 10.03 81.52 -16.40
N SER B 151 9.13 80.55 -16.33
CA SER B 151 8.51 80.23 -15.04
C SER B 151 9.45 79.39 -14.18
N THR B 152 9.39 79.61 -12.87
CA THR B 152 10.25 78.90 -11.92
C THR B 152 9.46 78.05 -10.94
N GLU B 153 8.26 77.64 -11.33
CA GLU B 153 7.45 76.77 -10.48
C GLU B 153 8.13 75.41 -10.33
N ILE B 154 7.94 74.80 -9.17
CA ILE B 154 8.57 73.51 -8.90
C ILE B 154 8.00 72.45 -9.83
N TYR B 155 8.87 71.64 -10.42
CA TYR B 155 8.45 70.61 -11.36
C TYR B 155 7.96 69.38 -10.60
N GLN B 156 6.85 68.81 -11.07
CA GLN B 156 6.13 67.76 -10.37
C GLN B 156 6.29 66.44 -11.14
N ALA B 157 7.14 65.56 -10.61
CA ALA B 157 7.41 64.29 -11.26
C ALA B 157 6.45 63.19 -10.84
N GLY B 158 5.61 63.43 -9.85
CA GLY B 158 4.66 62.42 -9.40
C GLY B 158 3.21 62.89 -9.46
N SER B 159 2.29 62.12 -8.89
CA SER B 159 0.89 62.52 -8.84
C SER B 159 0.61 63.47 -7.69
N THR B 160 1.54 63.62 -6.77
CA THR B 160 1.32 64.43 -5.59
C THR B 160 1.86 65.84 -5.80
N PRO B 161 1.11 66.88 -5.42
CA PRO B 161 1.59 68.24 -5.65
C PRO B 161 2.83 68.57 -4.83
N CYS B 162 3.60 69.53 -5.33
CA CYS B 162 4.79 70.01 -4.62
C CYS B 162 4.48 71.17 -3.69
N ASN B 163 3.48 71.98 -4.02
CA ASN B 163 3.15 73.20 -3.28
C ASN B 163 4.40 74.04 -3.01
N GLY B 164 5.22 74.20 -4.05
CA GLY B 164 6.28 75.18 -4.06
C GLY B 164 7.53 74.83 -3.29
N VAL B 165 7.70 73.59 -2.86
CA VAL B 165 8.87 73.19 -2.09
C VAL B 165 9.59 72.07 -2.84
N GLU B 166 10.92 72.12 -2.81
CA GLU B 166 11.75 71.16 -3.50
C GLU B 166 11.92 69.88 -2.68
N GLY B 167 12.20 68.79 -3.37
CA GLY B 167 12.35 67.50 -2.73
C GLY B 167 12.21 66.38 -3.74
N PHE B 168 11.98 65.18 -3.22
CA PHE B 168 11.78 64.00 -4.06
C PHE B 168 10.59 64.22 -4.99
N ASN B 169 10.77 63.87 -6.27
CA ASN B 169 9.78 64.11 -7.31
C ASN B 169 9.35 65.57 -7.40
N CYS B 170 10.16 66.50 -6.89
CA CYS B 170 9.80 67.92 -6.80
C CYS B 170 11.07 68.73 -7.09
N TYR B 171 11.29 69.03 -8.36
CA TYR B 171 12.55 69.58 -8.81
C TYR B 171 12.40 71.04 -9.23
N PHE B 172 13.39 71.85 -8.88
CA PHE B 172 13.50 73.18 -9.45
C PHE B 172 13.80 73.02 -10.95
N PRO B 173 13.13 73.78 -11.81
CA PRO B 173 13.23 73.50 -13.25
C PRO B 173 14.51 73.97 -13.92
N LEU B 174 15.15 75.02 -13.41
CA LEU B 174 16.30 75.61 -14.07
C LEU B 174 17.61 75.09 -13.48
N GLN B 175 18.62 74.94 -14.34
CA GLN B 175 19.96 74.48 -13.97
C GLN B 175 20.99 75.41 -14.58
N SER B 176 22.09 75.63 -13.86
CA SER B 176 23.13 76.54 -14.30
C SER B 176 24.24 75.80 -15.06
N TYR B 177 24.94 76.55 -15.90
CA TYR B 177 25.91 75.95 -16.82
C TYR B 177 27.25 75.70 -16.13
N GLY B 178 27.82 76.74 -15.52
CA GLY B 178 29.12 76.60 -14.87
C GLY B 178 30.26 76.71 -15.85
N PHE B 179 30.46 77.90 -16.40
CA PHE B 179 31.48 78.13 -17.42
C PHE B 179 32.79 78.48 -16.74
N GLN B 180 33.74 77.54 -16.75
CA GLN B 180 35.10 77.78 -16.29
C GLN B 180 36.05 77.83 -17.50
N PRO B 181 37.16 78.56 -17.40
CA PRO B 181 37.98 78.80 -18.59
C PRO B 181 38.61 77.55 -19.17
N THR B 182 38.79 76.51 -18.35
CA THR B 182 39.48 75.30 -18.77
C THR B 182 38.52 74.20 -19.23
N ASN B 183 37.25 74.51 -19.41
CA ASN B 183 36.31 73.52 -19.91
C ASN B 183 36.69 73.11 -21.33
N GLY B 184 36.32 71.87 -21.69
CA GLY B 184 36.40 71.46 -23.08
C GLY B 184 35.51 72.33 -23.96
N VAL B 185 35.84 72.34 -25.25
CA VAL B 185 35.14 73.23 -26.17
C VAL B 185 33.64 72.95 -26.17
N GLY B 186 33.25 71.68 -26.03
CA GLY B 186 31.84 71.35 -26.02
C GLY B 186 31.11 71.96 -24.85
N TYR B 187 31.82 72.23 -23.76
CA TYR B 187 31.20 72.78 -22.57
C TYR B 187 31.55 74.24 -22.33
N GLN B 188 32.07 74.93 -23.37
CA GLN B 188 32.39 76.35 -23.33
C GLN B 188 31.20 77.18 -23.78
N PRO B 189 31.07 78.41 -23.30
CA PRO B 189 29.91 79.22 -23.70
C PRO B 189 30.05 79.72 -25.13
N TYR B 190 28.94 79.69 -25.85
CA TYR B 190 28.85 80.26 -27.19
C TYR B 190 27.69 81.24 -27.22
N ARG B 191 27.96 82.44 -27.69
CA ARG B 191 26.91 83.41 -27.92
C ARG B 191 26.25 83.11 -29.26
N VAL B 192 24.94 83.33 -29.34
CA VAL B 192 24.15 82.90 -30.51
C VAL B 192 23.15 84.00 -30.86
N VAL B 193 23.03 84.29 -32.16
CA VAL B 193 22.03 85.21 -32.68
C VAL B 193 21.25 84.51 -33.78
N VAL B 194 19.92 84.64 -33.74
CA VAL B 194 19.04 84.03 -34.72
C VAL B 194 18.28 85.14 -35.43
N LEU B 195 18.50 85.27 -36.73
CA LEU B 195 17.75 86.20 -37.57
C LEU B 195 16.60 85.47 -38.24
N SER B 196 15.40 86.00 -38.09
CA SER B 196 14.22 85.45 -38.76
C SER B 196 13.60 86.54 -39.61
N PHE B 197 13.23 86.19 -40.84
CA PHE B 197 12.70 87.12 -41.83
C PHE B 197 11.27 86.78 -42.14
N GLU B 198 10.47 87.81 -42.44
CA GLU B 198 9.07 87.60 -42.81
C GLU B 198 8.59 88.68 -43.79
N LEU C 17 29.13 63.54 -57.12
CA LEU C 17 28.88 62.26 -57.78
C LEU C 17 28.24 61.27 -56.81
N CYS C 18 27.87 60.08 -57.30
CA CYS C 18 26.90 59.25 -56.61
C CYS C 18 27.57 58.38 -55.54
N PRO C 19 26.90 58.26 -54.39
CA PRO C 19 27.45 57.48 -53.26
C PRO C 19 27.19 55.98 -53.39
N PHE C 20 27.74 55.39 -54.44
CA PHE C 20 27.74 53.94 -54.55
C PHE C 20 28.64 53.29 -53.48
N GLY C 21 29.51 54.07 -52.84
CA GLY C 21 30.39 53.51 -51.82
C GLY C 21 29.64 53.15 -50.55
N GLU C 22 28.76 54.06 -50.10
CA GLU C 22 27.91 53.76 -48.94
C GLU C 22 27.05 52.53 -49.16
N VAL C 23 26.82 52.15 -50.41
CA VAL C 23 26.01 50.98 -50.73
C VAL C 23 26.85 49.73 -50.83
N PHE C 24 27.88 49.76 -51.67
CA PHE C 24 28.66 48.55 -51.95
C PHE C 24 29.59 48.22 -50.80
N ASN C 25 30.30 49.23 -50.27
CA ASN C 25 31.29 49.02 -49.23
C ASN C 25 30.71 49.25 -47.84
N ALA C 26 29.40 49.09 -47.67
CA ALA C 26 28.80 49.19 -46.33
C ALA C 26 29.23 47.99 -45.49
N THR C 27 29.45 48.24 -44.19
CA THR C 27 29.96 47.19 -43.32
C THR C 27 28.92 46.11 -43.07
N ARG C 28 27.65 46.49 -42.96
CA ARG C 28 26.57 45.56 -42.67
C ARG C 28 25.55 45.57 -43.79
N PHE C 29 25.13 44.38 -44.22
CA PHE C 29 24.11 44.22 -45.25
C PHE C 29 22.82 43.70 -44.62
N ALA C 30 21.72 43.87 -45.34
CA ALA C 30 20.43 43.44 -44.85
C ALA C 30 20.17 41.97 -45.18
N SER C 31 19.28 41.37 -44.40
CA SER C 31 18.76 40.05 -44.77
C SER C 31 17.81 40.19 -45.96
N VAL C 32 17.74 39.13 -46.77
CA VAL C 32 17.04 39.22 -48.05
C VAL C 32 15.55 39.46 -47.85
N TYR C 33 14.96 38.91 -46.78
CA TYR C 33 13.54 39.15 -46.53
C TYR C 33 13.28 40.60 -46.14
N ALA C 34 14.25 41.26 -45.51
CA ALA C 34 14.14 42.68 -45.20
C ALA C 34 15.12 43.46 -46.07
N TRP C 35 14.96 43.33 -47.38
CA TRP C 35 15.96 43.87 -48.30
C TRP C 35 15.95 45.40 -48.27
N ASN C 36 17.15 45.96 -48.40
CA ASN C 36 17.35 47.40 -48.26
C ASN C 36 17.24 48.10 -49.59
N ARG C 37 16.54 49.24 -49.61
CA ARG C 37 16.40 50.08 -50.79
C ARG C 37 16.95 51.46 -50.47
N LYS C 38 18.05 51.84 -51.12
CA LYS C 38 18.57 53.19 -51.05
C LYS C 38 18.11 53.97 -52.27
N ARG C 39 17.40 55.06 -52.03
CA ARG C 39 17.10 55.98 -53.10
C ARG C 39 18.33 56.79 -53.46
N ILE C 40 18.54 57.01 -54.76
CA ILE C 40 19.73 57.69 -55.26
C ILE C 40 19.28 58.86 -56.13
N SER C 41 19.64 60.08 -55.74
CA SER C 41 19.24 61.26 -56.48
C SER C 41 20.33 62.32 -56.36
N ASN C 42 20.22 63.34 -57.22
CA ASN C 42 21.08 64.53 -57.19
C ASN C 42 22.56 64.17 -57.24
N CYS C 43 22.96 63.42 -58.26
CA CYS C 43 24.35 63.00 -58.35
C CYS C 43 24.68 62.50 -59.75
N VAL C 44 25.97 62.46 -60.04
CA VAL C 44 26.50 61.97 -61.31
C VAL C 44 26.93 60.52 -61.12
N ALA C 45 26.36 59.63 -61.92
CA ALA C 45 26.53 58.19 -61.74
C ALA C 45 27.61 57.68 -62.69
N ASP C 46 28.78 57.37 -62.15
CA ASP C 46 29.89 56.82 -62.94
C ASP C 46 29.82 55.30 -62.83
N TYR C 47 28.97 54.71 -63.66
CA TYR C 47 28.89 53.26 -63.74
C TYR C 47 30.16 52.64 -64.32
N SER C 48 30.99 53.46 -64.96
CA SER C 48 32.17 52.94 -65.65
C SER C 48 33.26 52.47 -64.69
N VAL C 49 33.21 52.86 -63.41
CA VAL C 49 34.17 52.30 -62.47
C VAL C 49 33.66 51.01 -61.85
N LEU C 50 32.35 50.78 -61.85
CA LEU C 50 31.80 49.51 -61.38
C LEU C 50 32.15 48.39 -62.35
N TYR C 51 31.57 48.43 -63.54
CA TYR C 51 31.66 47.39 -64.57
C TYR C 51 31.87 45.98 -64.05
N SER C 53 36.25 47.77 -61.01
CA SER C 53 36.19 46.58 -60.17
C SER C 53 35.89 45.32 -60.98
N ALA C 54 36.95 44.61 -61.39
CA ALA C 54 36.82 43.25 -61.90
C ALA C 54 36.61 42.22 -60.79
N SER C 55 36.12 42.66 -59.63
CA SER C 55 35.95 41.85 -58.44
C SER C 55 34.57 41.21 -58.33
N PHE C 56 33.68 41.48 -59.28
CA PHE C 56 32.32 40.98 -59.21
C PHE C 56 32.19 39.63 -59.88
N SER C 57 31.37 38.76 -59.29
CA SER C 57 31.10 37.45 -59.89
C SER C 57 29.90 37.47 -60.82
N THR C 58 28.96 38.38 -60.59
CA THR C 58 27.81 38.57 -61.46
C THR C 58 27.64 40.05 -61.74
N PHE C 59 27.53 40.40 -63.03
CA PHE C 59 27.21 41.77 -63.45
C PHE C 59 26.39 41.64 -64.73
N LYS C 60 25.08 41.55 -64.57
CA LYS C 60 24.15 41.34 -65.68
C LYS C 60 23.16 42.49 -65.70
N CYS C 61 23.20 43.29 -66.77
CA CYS C 61 22.22 44.36 -66.96
C CYS C 61 21.15 43.89 -67.94
N TYR C 62 19.94 44.40 -67.74
CA TYR C 62 18.78 44.02 -68.53
C TYR C 62 18.13 45.28 -69.09
N GLY C 63 17.86 45.29 -70.39
CA GLY C 63 17.28 46.45 -71.05
C GLY C 63 18.22 47.58 -71.29
N VAL C 64 19.42 47.57 -70.70
CA VAL C 64 20.44 48.58 -70.92
C VAL C 64 21.79 47.87 -70.91
N SER C 65 22.80 48.53 -71.47
CA SER C 65 24.14 47.97 -71.38
C SER C 65 25.00 48.83 -70.47
N PRO C 66 25.98 48.24 -69.78
CA PRO C 66 26.78 49.03 -68.82
C PRO C 66 27.39 50.31 -69.39
N THR C 67 27.88 50.27 -70.63
CA THR C 67 28.54 51.45 -71.17
C THR C 67 27.53 52.52 -71.57
N LYS C 68 26.31 52.13 -71.95
CA LYS C 68 25.30 53.11 -72.30
C LYS C 68 24.72 53.80 -71.07
N LEU C 69 24.94 53.24 -69.87
CA LEU C 69 24.47 53.88 -68.66
C LEU C 69 25.08 55.27 -68.49
N ASN C 70 26.33 55.45 -68.94
CA ASN C 70 26.98 56.75 -68.88
C ASN C 70 26.39 57.75 -69.87
N ASP C 71 25.56 57.28 -70.80
CA ASP C 71 24.80 58.14 -71.69
C ASP C 71 23.44 58.53 -71.13
N LEU C 72 22.90 57.74 -70.21
CA LEU C 72 21.50 57.86 -69.84
C LEU C 72 21.33 58.73 -68.60
N CYS C 73 20.21 59.45 -68.56
CA CYS C 73 19.74 60.16 -67.39
C CYS C 73 18.47 59.48 -66.87
N PHE C 74 18.16 59.68 -65.59
CA PHE C 74 17.07 58.92 -64.98
C PHE C 74 16.30 59.75 -63.96
N THR C 75 14.97 59.57 -63.95
CA THR C 75 14.11 60.32 -63.03
C THR C 75 14.29 59.87 -61.58
N ASN C 76 14.68 58.62 -61.37
CA ASN C 76 15.06 58.10 -60.06
C ASN C 76 15.68 56.73 -60.26
N VAL C 77 16.64 56.41 -59.40
CA VAL C 77 17.32 55.13 -59.43
C VAL C 77 17.38 54.59 -58.02
N TYR C 78 17.14 53.29 -57.89
CA TYR C 78 17.11 52.64 -56.59
C TYR C 78 18.21 51.59 -56.53
N ALA C 79 18.80 51.44 -55.34
CA ALA C 79 19.83 50.44 -55.09
C ALA C 79 19.32 49.50 -54.01
N ASP C 80 18.94 48.28 -54.40
CA ASP C 80 18.51 47.25 -53.48
C ASP C 80 19.67 46.32 -53.16
N SER C 81 19.85 45.99 -51.88
CA SER C 81 21.01 45.22 -51.44
C SER C 81 20.63 44.25 -50.32
N PHE C 82 21.28 43.09 -50.33
CA PHE C 82 21.00 42.00 -49.38
C PHE C 82 22.06 40.91 -49.54
N VAL C 83 21.89 39.83 -48.76
CA VAL C 83 22.82 38.70 -48.72
C VAL C 83 22.02 37.41 -48.92
N ILE C 84 22.51 36.53 -49.79
CA ILE C 84 21.88 35.24 -50.07
C ILE C 84 22.96 34.19 -50.29
N ARG C 85 22.52 32.95 -50.50
CA ARG C 85 23.41 31.85 -50.83
C ARG C 85 24.03 32.03 -52.21
N GLY C 86 25.09 31.27 -52.47
CA GLY C 86 25.73 31.24 -53.76
C GLY C 86 24.80 30.87 -54.90
N ASP C 87 24.28 29.64 -54.88
CA ASP C 87 23.42 29.17 -55.96
C ASP C 87 21.98 29.63 -55.82
N GLU C 88 21.73 30.71 -55.10
CA GLU C 88 20.48 31.44 -55.17
C GLU C 88 20.58 32.72 -55.99
N VAL C 89 21.80 33.13 -56.35
CA VAL C 89 22.00 34.34 -57.13
C VAL C 89 21.32 34.24 -58.48
N ARG C 90 21.21 33.02 -59.03
CA ARG C 90 20.53 32.84 -60.30
C ARG C 90 19.06 33.24 -60.22
N GLN C 91 18.50 33.35 -59.02
CA GLN C 91 17.11 33.74 -58.85
C GLN C 91 16.90 35.24 -58.88
N ILE C 92 17.97 36.03 -58.83
CA ILE C 92 17.86 37.48 -58.93
C ILE C 92 17.94 37.87 -60.40
N ALA C 93 16.90 37.52 -61.15
CA ALA C 93 16.84 37.66 -62.60
C ALA C 93 15.39 37.55 -63.02
N PRO C 94 14.99 38.15 -64.15
CA PRO C 94 13.57 38.16 -64.53
C PRO C 94 13.03 36.75 -64.73
N GLY C 95 11.74 36.58 -64.46
CA GLY C 95 11.08 35.31 -64.72
C GLY C 95 11.74 34.13 -64.04
N GLN C 96 12.19 34.31 -62.80
CA GLN C 96 12.86 33.25 -62.08
C GLN C 96 11.97 32.72 -60.98
N THR C 97 12.35 31.55 -60.46
CA THR C 97 11.51 30.78 -59.56
C THR C 97 12.37 30.16 -58.46
N GLY C 98 11.78 30.01 -57.27
CA GLY C 98 12.52 29.49 -56.13
C GLY C 98 12.17 30.19 -54.83
N LYS C 99 12.74 29.74 -53.72
CA LYS C 99 12.43 30.34 -52.41
C LYS C 99 12.73 31.84 -52.41
N ILE C 100 13.86 32.24 -52.98
CA ILE C 100 14.24 33.65 -52.94
C ILE C 100 13.34 34.48 -53.83
N ALA C 101 13.11 34.04 -55.07
CA ALA C 101 12.32 34.82 -56.00
C ALA C 101 10.84 34.80 -55.64
N ASP C 102 10.37 33.72 -54.99
CA ASP C 102 8.95 33.63 -54.65
C ASP C 102 8.62 34.35 -53.35
N TYR C 103 9.48 34.24 -52.34
CA TYR C 103 9.13 34.66 -51.00
C TYR C 103 10.02 35.76 -50.42
N ASN C 104 11.01 36.26 -51.17
CA ASN C 104 11.95 37.20 -50.61
C ASN C 104 12.14 38.45 -51.46
N TYR C 105 12.57 38.27 -52.70
CA TYR C 105 12.88 39.41 -53.56
C TYR C 105 12.54 39.03 -55.00
N LYS C 106 11.54 39.72 -55.57
CA LYS C 106 11.06 39.41 -56.92
C LYS C 106 11.39 40.56 -57.87
N LEU C 107 12.01 40.22 -59.00
CA LEU C 107 12.24 41.11 -60.13
C LEU C 107 11.15 40.95 -61.17
N PRO C 108 10.63 42.04 -61.72
CA PRO C 108 9.59 41.92 -62.76
C PRO C 108 10.17 41.39 -64.06
N ASP C 109 9.28 40.92 -64.93
CA ASP C 109 9.73 40.38 -66.21
C ASP C 109 10.22 41.49 -67.14
N ASP C 110 9.69 42.70 -67.01
CA ASP C 110 10.12 43.84 -67.80
C ASP C 110 11.32 44.56 -67.19
N PHE C 111 12.04 43.91 -66.27
CA PHE C 111 13.04 44.57 -65.45
C PHE C 111 14.12 45.23 -66.30
N THR C 112 14.38 46.51 -66.04
CA THR C 112 15.47 47.25 -66.66
C THR C 112 16.41 47.74 -65.57
N GLY C 113 17.56 47.09 -65.44
CA GLY C 113 18.52 47.44 -64.43
C GLY C 113 19.64 46.40 -64.42
N CYS C 114 20.50 46.49 -63.42
CA CYS C 114 21.65 45.60 -63.31
C CYS C 114 21.64 44.87 -61.97
N VAL C 115 21.91 43.56 -62.03
CA VAL C 115 22.12 42.76 -60.84
C VAL C 115 23.62 42.55 -60.67
N ILE C 116 24.14 42.91 -59.50
CA ILE C 116 25.58 42.85 -59.21
C ILE C 116 25.77 42.01 -57.95
N ALA C 117 26.68 41.03 -58.01
CA ALA C 117 26.86 40.10 -56.91
C ALA C 117 28.33 39.73 -56.75
N TRP C 118 28.72 39.40 -55.53
CA TRP C 118 30.09 39.00 -55.25
C TRP C 118 30.16 38.17 -53.97
N ASN C 119 31.09 37.22 -53.96
CA ASN C 119 31.30 36.35 -52.80
C ASN C 119 31.79 37.15 -51.60
N SER C 120 31.11 36.98 -50.46
CA SER C 120 31.41 37.73 -49.25
C SER C 120 31.79 36.82 -48.08
N ASN C 121 32.45 35.69 -48.39
CA ASN C 121 32.72 34.68 -47.37
C ASN C 121 33.67 35.18 -46.30
N ASN C 122 34.61 36.05 -46.67
CA ASN C 122 35.59 36.53 -45.70
C ASN C 122 35.00 37.49 -44.67
N LEU C 123 33.85 38.09 -44.98
CA LEU C 123 33.20 39.04 -44.08
C LEU C 123 31.95 38.48 -43.41
N ASP C 124 31.13 37.73 -44.13
CA ASP C 124 29.82 37.31 -43.66
C ASP C 124 29.80 35.87 -43.15
N SER C 125 30.96 35.23 -43.03
CA SER C 125 31.05 33.88 -42.49
C SER C 125 31.97 33.87 -41.28
N LYS C 126 31.62 33.07 -40.28
CA LYS C 126 32.42 32.95 -39.07
C LYS C 126 32.50 31.49 -38.68
N VAL C 127 33.58 31.11 -38.00
CA VAL C 127 33.70 29.73 -37.58
C VAL C 127 32.72 29.49 -36.44
N GLY C 128 32.11 28.30 -36.43
CA GLY C 128 30.90 28.07 -35.66
C GLY C 128 29.62 28.42 -36.39
N GLY C 129 29.71 29.23 -37.45
CA GLY C 129 28.55 29.64 -38.20
C GLY C 129 28.08 31.04 -37.86
N ASN C 130 27.81 31.84 -38.89
CA ASN C 130 27.14 33.13 -38.73
C ASN C 130 25.67 32.91 -39.06
N TYR C 131 24.82 33.03 -38.05
CA TYR C 131 23.40 32.75 -38.20
C TYR C 131 22.55 34.02 -38.18
N ASN C 132 23.15 35.17 -38.49
CA ASN C 132 22.45 36.44 -38.40
C ASN C 132 21.67 36.83 -39.66
N TYR C 133 21.97 36.21 -40.81
CA TYR C 133 21.27 36.52 -42.05
C TYR C 133 20.11 35.56 -42.25
N LEU C 134 18.91 36.10 -42.43
CA LEU C 134 17.70 35.32 -42.49
C LEU C 134 17.10 35.33 -43.89
N TYR C 135 16.17 34.41 -44.13
CA TYR C 135 15.35 34.38 -45.34
C TYR C 135 13.98 33.82 -44.98
N ARG C 136 12.98 34.16 -45.80
CA ARG C 136 11.64 33.65 -45.58
C ARG C 136 11.52 32.28 -46.23
N LEU C 137 11.14 31.27 -45.42
CA LEU C 137 10.99 29.91 -45.90
C LEU C 137 9.54 29.53 -46.19
N PHE C 138 8.59 30.22 -45.56
CA PHE C 138 7.17 29.89 -45.69
C PHE C 138 6.38 31.12 -46.10
N ARG C 139 5.57 30.98 -47.14
CA ARG C 139 4.63 32.02 -47.53
C ARG C 139 3.50 31.37 -48.31
N LYS C 140 2.29 31.89 -48.11
CA LYS C 140 1.13 31.30 -48.76
C LYS C 140 1.12 31.56 -50.27
N SER C 141 1.68 32.69 -50.71
CA SER C 141 1.69 33.01 -52.13
C SER C 141 2.91 33.86 -52.46
N ASN C 142 3.20 33.94 -53.76
CA ASN C 142 4.40 34.60 -54.26
C ASN C 142 4.31 36.11 -54.10
N LEU C 143 5.47 36.74 -54.07
CA LEU C 143 5.56 38.19 -53.97
C LEU C 143 5.31 38.84 -55.33
N LYS C 144 4.67 40.02 -55.29
CA LYS C 144 4.64 40.87 -56.45
C LYS C 144 6.03 41.47 -56.66
N PRO C 145 6.36 41.89 -57.89
CA PRO C 145 7.68 42.48 -58.13
C PRO C 145 7.91 43.71 -57.26
N PHE C 146 9.07 43.74 -56.60
CA PHE C 146 9.49 44.79 -55.67
C PHE C 146 8.60 44.86 -54.43
N GLU C 147 7.94 43.76 -54.07
CA GLU C 147 7.26 43.66 -52.79
C GLU C 147 8.26 43.29 -51.70
N ARG C 148 7.99 43.78 -50.49
CA ARG C 148 8.84 43.50 -49.32
C ARG C 148 7.95 43.05 -48.17
N ASP C 149 8.35 41.97 -47.49
CA ASP C 149 7.59 41.44 -46.37
C ASP C 149 8.52 41.22 -45.20
N ILE C 150 8.23 41.88 -44.08
CA ILE C 150 9.01 41.72 -42.87
C ILE C 150 8.10 41.33 -41.72
N SER C 151 6.97 40.69 -42.03
CA SER C 151 6.07 40.18 -41.01
C SER C 151 6.58 38.87 -40.45
N THR C 152 6.31 38.63 -39.16
CA THR C 152 6.75 37.41 -38.50
C THR C 152 5.59 36.63 -37.88
N GLU C 153 4.43 36.65 -38.54
CA GLU C 153 3.30 35.87 -38.05
C GLU C 153 3.54 34.39 -38.27
N ILE C 154 3.10 33.57 -37.31
CA ILE C 154 3.29 32.13 -37.41
C ILE C 154 2.55 31.58 -38.61
N TYR C 155 3.22 30.71 -39.37
CA TYR C 155 2.64 30.12 -40.57
C TYR C 155 1.74 28.94 -40.20
N GLN C 156 0.63 28.80 -40.91
CA GLN C 156 -0.36 27.75 -40.63
C GLN C 156 -0.35 26.74 -41.78
N ALA C 157 0.33 25.61 -41.56
CA ALA C 157 0.37 24.55 -42.56
C ALA C 157 -0.80 23.59 -42.43
N GLY C 158 -1.49 23.58 -41.30
CA GLY C 158 -2.56 22.63 -41.09
C GLY C 158 -3.95 23.22 -40.94
N SER C 159 -4.89 22.43 -40.43
CA SER C 159 -6.26 22.85 -40.28
C SER C 159 -6.51 23.59 -38.97
N THR C 160 -5.62 23.45 -38.00
CA THR C 160 -5.79 24.11 -36.71
C THR C 160 -5.07 25.46 -36.73
N PRO C 161 -5.77 26.55 -36.38
CA PRO C 161 -5.09 27.86 -36.27
C PRO C 161 -3.95 27.79 -35.26
N CYS C 162 -3.02 28.73 -35.42
CA CYS C 162 -1.80 28.73 -34.61
C CYS C 162 -1.92 29.57 -33.35
N ASN C 163 -2.72 30.62 -33.39
CA ASN C 163 -2.87 31.55 -32.25
C ASN C 163 -1.52 32.06 -31.76
N GLY C 164 -0.62 32.35 -32.70
CA GLY C 164 0.63 32.99 -32.38
C GLY C 164 1.66 32.10 -31.70
N VAL C 165 1.47 30.79 -31.72
CA VAL C 165 2.35 29.84 -31.04
C VAL C 165 2.91 28.86 -32.06
N GLU C 166 4.23 28.67 -32.04
CA GLU C 166 4.85 27.69 -32.90
C GLU C 166 4.56 26.28 -32.40
N GLY C 167 4.63 25.33 -33.33
CA GLY C 167 4.33 23.95 -33.01
C GLY C 167 4.25 23.12 -34.27
N PHE C 168 3.64 21.94 -34.15
CA PHE C 168 3.40 21.12 -35.34
C PHE C 168 2.49 21.88 -36.30
N ASN C 169 2.87 21.88 -37.58
CA ASN C 169 2.15 22.59 -38.64
C ASN C 169 1.97 24.07 -38.32
N CYS C 170 2.79 24.62 -37.43
CA CYS C 170 2.73 26.04 -37.04
C CYS C 170 4.18 26.55 -36.99
N TYR C 171 4.65 27.09 -38.12
CA TYR C 171 6.06 27.36 -38.32
C TYR C 171 6.37 28.85 -38.28
N PHE C 172 7.47 29.20 -37.63
CA PHE C 172 7.98 30.56 -37.71
C PHE C 172 8.52 30.80 -39.11
N PRO C 173 8.11 31.88 -39.78
CA PRO C 173 8.34 31.97 -41.24
C PRO C 173 9.80 32.12 -41.63
N LEU C 174 10.63 32.76 -40.81
CA LEU C 174 12.01 33.03 -41.18
C LEU C 174 12.93 31.91 -40.70
N GLN C 175 13.91 31.58 -41.52
CA GLN C 175 14.97 30.64 -41.20
C GLN C 175 16.30 31.32 -41.48
N SER C 176 17.34 30.91 -40.76
CA SER C 176 18.65 31.53 -40.89
C SER C 176 19.55 30.73 -41.82
N TYR C 177 20.40 31.44 -42.56
CA TYR C 177 21.52 30.80 -43.22
C TYR C 177 22.59 30.45 -42.19
N GLY C 178 23.37 29.41 -42.50
CA GLY C 178 24.54 29.09 -41.70
C GLY C 178 25.83 29.26 -42.48
N PHE C 179 26.44 30.45 -42.39
CA PHE C 179 27.63 30.76 -43.17
C PHE C 179 28.87 30.45 -42.33
N GLN C 180 29.48 29.27 -42.58
CA GLN C 180 30.71 28.78 -41.99
C GLN C 180 31.81 28.76 -43.05
N PRO C 181 33.06 29.09 -42.70
CA PRO C 181 34.07 29.38 -43.75
C PRO C 181 34.27 28.28 -44.78
N THR C 182 34.02 27.01 -44.44
CA THR C 182 34.31 25.93 -45.38
C THR C 182 33.05 25.34 -45.99
N ASN C 183 31.97 26.10 -46.10
CA ASN C 183 30.87 25.70 -46.96
C ASN C 183 31.32 25.72 -48.42
N GLY C 184 30.68 24.89 -49.24
CA GLY C 184 30.91 24.96 -50.67
C GLY C 184 30.41 26.26 -51.25
N VAL C 185 30.86 26.57 -52.47
CA VAL C 185 30.56 27.88 -53.05
C VAL C 185 29.06 28.13 -53.11
N GLY C 186 28.28 27.10 -53.44
CA GLY C 186 26.84 27.25 -53.51
C GLY C 186 26.19 27.64 -52.20
N TYR C 187 26.87 27.41 -51.08
CA TYR C 187 26.31 27.74 -49.77
C TYR C 187 27.13 28.79 -49.04
N GLN C 188 27.96 29.54 -49.76
CA GLN C 188 28.64 30.69 -49.20
C GLN C 188 27.80 31.94 -49.35
N PRO C 189 28.06 32.98 -48.56
CA PRO C 189 27.26 34.21 -48.68
C PRO C 189 27.74 35.06 -49.84
N TYR C 190 26.78 35.60 -50.59
CA TYR C 190 27.05 36.59 -51.62
C TYR C 190 26.31 37.87 -51.29
N ARG C 191 27.02 38.98 -51.33
CA ARG C 191 26.37 40.28 -51.24
C ARG C 191 25.89 40.69 -52.62
N VAL C 192 24.70 41.28 -52.69
CA VAL C 192 24.02 41.54 -53.94
C VAL C 192 23.53 42.97 -53.95
N VAL C 193 23.67 43.66 -55.08
CA VAL C 193 23.11 44.99 -55.29
C VAL C 193 22.29 44.96 -56.56
N VAL C 194 21.07 45.49 -56.51
CA VAL C 194 20.19 45.56 -57.66
C VAL C 194 19.92 47.03 -57.94
N LEU C 195 20.37 47.51 -59.10
CA LEU C 195 20.10 48.85 -59.56
C LEU C 195 18.89 48.83 -60.48
N SER C 196 17.89 49.66 -60.19
CA SER C 196 16.70 49.79 -61.04
C SER C 196 16.58 51.24 -61.48
N PHE C 197 16.29 51.43 -62.77
CA PHE C 197 16.24 52.75 -63.39
C PHE C 197 14.86 53.06 -63.91
N GLU C 198 14.44 54.31 -63.76
CA GLU C 198 13.31 54.85 -64.50
C GLU C 198 13.44 56.37 -64.57
N THR C 203 17.28 63.33 -62.42
CA THR C 203 17.95 63.69 -61.17
C THR C 203 19.32 63.04 -61.07
N VAL C 204 19.51 61.92 -61.77
CA VAL C 204 20.80 61.25 -61.84
C VAL C 204 21.14 61.01 -63.30
N CYS C 205 22.40 61.25 -63.64
CA CYS C 205 22.88 61.12 -65.01
C CYS C 205 24.28 60.53 -64.98
N GLY C 206 24.65 59.85 -66.06
CA GLY C 206 26.03 59.53 -66.30
C GLY C 206 26.77 60.79 -66.69
N PRO C 207 27.99 60.65 -67.21
CA PRO C 207 28.71 61.80 -67.76
C PRO C 207 27.86 62.69 -68.66
N LYS C 208 27.05 63.55 -68.04
CA LYS C 208 26.12 64.43 -68.73
C LYS C 208 25.83 65.62 -67.82
N LYS C 209 25.23 66.66 -68.40
CA LYS C 209 25.05 67.91 -67.67
C LYS C 209 23.60 68.38 -67.66
N SER C 210 22.68 67.51 -67.24
CA SER C 210 21.27 67.88 -67.17
C SER C 210 20.88 68.40 -65.78
N THR C 211 21.35 67.72 -64.73
CA THR C 211 20.97 68.03 -63.35
C THR C 211 19.45 68.15 -63.19
N PHE D 20 -45.56 -46.85 59.52
CA PHE D 20 -44.42 -46.12 58.96
C PHE D 20 -44.57 -45.95 57.46
N GLY D 21 -45.55 -46.64 56.87
CA GLY D 21 -45.74 -46.54 55.43
C GLY D 21 -46.26 -45.18 55.01
N GLU D 22 -47.23 -44.64 55.75
CA GLU D 22 -47.75 -43.32 55.42
C GLU D 22 -46.75 -42.21 55.70
N VAL D 23 -45.66 -42.52 56.40
CA VAL D 23 -44.61 -41.55 56.68
C VAL D 23 -43.55 -41.62 55.60
N PHE D 24 -42.99 -42.81 55.38
CA PHE D 24 -41.88 -42.95 54.45
C PHE D 24 -42.33 -42.88 53.00
N ASN D 25 -43.41 -43.58 52.66
CA ASN D 25 -43.89 -43.67 51.29
C ASN D 25 -44.92 -42.61 50.94
N ALA D 26 -45.00 -41.53 51.71
CA ALA D 26 -45.92 -40.43 51.36
C ALA D 26 -45.49 -39.80 50.05
N THR D 27 -46.48 -39.43 49.24
CA THR D 27 -46.18 -38.85 47.92
C THR D 27 -45.50 -37.50 48.07
N ARG D 28 -45.91 -36.73 49.08
CA ARG D 28 -45.42 -35.36 49.26
C ARG D 28 -44.70 -35.23 50.59
N PHE D 29 -43.59 -34.50 50.59
CA PHE D 29 -42.84 -34.21 51.81
C PHE D 29 -42.87 -32.71 52.08
N ALA D 30 -42.70 -32.35 53.35
CA ALA D 30 -42.76 -30.96 53.74
C ALA D 30 -41.45 -30.25 53.44
N SER D 31 -41.51 -28.92 53.43
CA SER D 31 -40.32 -28.11 53.41
C SER D 31 -39.68 -28.10 54.79
N VAL D 32 -38.35 -27.95 54.82
CA VAL D 32 -37.62 -28.16 56.07
C VAL D 32 -37.99 -27.11 57.11
N TYR D 33 -38.23 -25.87 56.68
CA TYR D 33 -38.65 -24.84 57.63
C TYR D 33 -40.01 -25.16 58.24
N ALA D 34 -40.87 -25.85 57.50
CA ALA D 34 -42.18 -26.23 58.02
C ALA D 34 -42.23 -27.74 58.24
N TRP D 35 -41.25 -28.28 58.95
CA TRP D 35 -41.08 -29.73 59.01
C TRP D 35 -42.29 -30.40 59.66
N ASN D 36 -42.58 -31.61 59.18
CA ASN D 36 -43.77 -32.34 59.60
C ASN D 36 -43.45 -33.25 60.78
N ARG D 37 -44.38 -33.35 61.71
CA ARG D 37 -44.25 -34.23 62.87
C ARG D 37 -45.48 -35.11 62.95
N LYS D 38 -45.29 -36.41 62.77
CA LYS D 38 -46.36 -37.39 62.94
C LYS D 38 -46.22 -38.06 64.29
N ARG D 39 -47.27 -37.99 65.09
CA ARG D 39 -47.31 -38.77 66.31
C ARG D 39 -47.58 -40.23 66.00
N ILE D 40 -46.88 -41.12 66.68
CA ILE D 40 -46.99 -42.56 66.46
C ILE D 40 -47.41 -43.21 67.78
N SER D 41 -48.55 -43.87 67.78
CA SER D 41 -49.03 -44.61 68.94
C SER D 41 -49.70 -45.90 68.46
N ASN D 42 -49.99 -46.78 69.41
CA ASN D 42 -50.73 -48.03 69.17
C ASN D 42 -50.04 -48.92 68.15
N CYS D 43 -48.71 -48.84 68.09
CA CYS D 43 -47.85 -49.81 67.43
C CYS D 43 -47.21 -50.68 68.51
N VAL D 44 -46.84 -51.95 68.21
CA VAL D 44 -46.72 -52.69 66.92
C VAL D 44 -45.70 -52.00 66.01
N ALA D 45 -44.47 -51.91 66.52
CA ALA D 45 -43.40 -51.12 65.92
C ALA D 45 -42.35 -52.06 65.37
N ASP D 46 -42.40 -52.30 64.07
CA ASP D 46 -41.48 -53.22 63.39
C ASP D 46 -40.39 -52.39 62.72
N TYR D 47 -39.41 -52.00 63.53
CA TYR D 47 -38.26 -51.28 63.02
C TYR D 47 -37.32 -52.20 62.25
N SER D 48 -37.44 -53.51 62.46
CA SER D 48 -36.57 -54.46 61.80
C SER D 48 -36.77 -54.49 60.28
N VAL D 49 -37.89 -53.95 59.78
CA VAL D 49 -38.06 -53.90 58.34
C VAL D 49 -37.46 -52.64 57.73
N LEU D 50 -37.20 -51.62 58.53
CA LEU D 50 -36.55 -50.42 58.01
C LEU D 50 -35.06 -50.66 57.86
N TYR D 51 -34.37 -50.86 58.99
CA TYR D 51 -32.91 -51.04 59.07
C TYR D 51 -32.12 -50.33 57.97
N SER D 53 -35.12 -52.60 54.20
CA SER D 53 -34.80 -51.64 53.16
C SER D 53 -33.34 -51.20 53.20
N ALA D 54 -32.49 -51.87 52.42
CA ALA D 54 -31.12 -51.42 52.21
C ALA D 54 -31.04 -50.26 51.24
N SER D 55 -32.15 -49.58 51.01
CA SER D 55 -32.25 -48.48 50.06
C SER D 55 -31.96 -47.11 50.69
N PHE D 56 -31.54 -47.07 51.95
CA PHE D 56 -31.27 -45.80 52.62
C PHE D 56 -29.80 -45.42 52.48
N SER D 57 -29.56 -44.13 52.25
CA SER D 57 -28.20 -43.60 52.21
C SER D 57 -27.66 -43.22 53.57
N THR D 58 -28.53 -42.87 54.51
CA THR D 58 -28.14 -42.55 55.88
C THR D 58 -29.10 -43.24 56.84
N PHE D 59 -28.55 -43.94 57.82
CA PHE D 59 -29.36 -44.56 58.89
C PHE D 59 -28.47 -44.61 60.13
N LYS D 60 -28.51 -43.54 60.93
CA LYS D 60 -27.70 -43.42 62.13
C LYS D 60 -28.62 -43.29 63.33
N CYS D 61 -28.48 -44.19 64.29
CA CYS D 61 -29.21 -44.11 65.54
C CYS D 61 -28.29 -43.61 66.65
N TYR D 62 -28.88 -42.90 67.61
CA TYR D 62 -28.14 -42.33 68.72
C TYR D 62 -28.81 -42.73 70.02
N GLY D 63 -28.00 -43.15 70.99
CA GLY D 63 -28.50 -43.62 72.25
C GLY D 63 -29.12 -44.99 72.21
N VAL D 64 -29.18 -45.63 71.03
CA VAL D 64 -29.84 -46.91 70.92
C VAL D 64 -29.45 -47.52 69.57
N SER D 65 -29.48 -48.86 69.48
CA SER D 65 -29.14 -49.57 68.26
C SER D 65 -30.41 -50.11 67.60
N PRO D 66 -30.45 -50.18 66.27
CA PRO D 66 -31.68 -50.60 65.58
C PRO D 66 -32.25 -51.93 66.07
N THR D 67 -31.40 -52.89 66.40
CA THR D 67 -31.88 -54.21 66.79
C THR D 67 -32.44 -54.23 68.20
N LYS D 68 -31.91 -53.40 69.10
CA LYS D 68 -32.46 -53.31 70.45
C LYS D 68 -33.79 -52.59 70.48
N LEU D 69 -34.20 -51.95 69.38
CA LEU D 69 -35.43 -51.16 69.39
C LEU D 69 -36.66 -52.05 69.61
N ASN D 70 -36.61 -53.30 69.14
CA ASN D 70 -37.80 -54.12 69.02
C ASN D 70 -38.30 -54.70 70.34
N ASP D 71 -37.50 -54.60 71.41
CA ASP D 71 -37.96 -54.97 72.74
C ASP D 71 -38.14 -53.76 73.65
N LEU D 72 -37.60 -52.60 73.26
CA LEU D 72 -37.73 -51.41 74.07
C LEU D 72 -39.11 -50.77 73.88
N CYS D 73 -39.62 -50.19 74.95
CA CYS D 73 -40.92 -49.51 74.94
C CYS D 73 -40.74 -48.04 75.29
N PHE D 74 -41.67 -47.21 74.81
CA PHE D 74 -41.53 -45.76 74.94
C PHE D 74 -42.90 -45.13 75.15
N THR D 75 -42.91 -44.04 75.92
CA THR D 75 -44.16 -43.33 76.19
C THR D 75 -44.79 -42.82 74.89
N ASN D 76 -44.01 -42.10 74.08
CA ASN D 76 -44.47 -41.66 72.78
C ASN D 76 -43.28 -41.61 71.83
N VAL D 77 -43.57 -41.72 70.54
CA VAL D 77 -42.55 -41.67 69.51
C VAL D 77 -43.05 -40.78 68.37
N TYR D 78 -42.17 -39.92 67.89
CA TYR D 78 -42.51 -38.93 66.88
C TYR D 78 -41.71 -39.21 65.61
N ALA D 79 -42.29 -38.84 64.47
CA ALA D 79 -41.66 -39.03 63.17
C ALA D 79 -41.63 -37.69 62.44
N ASP D 80 -40.45 -37.08 62.36
CA ASP D 80 -40.27 -35.80 61.69
C ASP D 80 -39.71 -36.03 60.29
N SER D 81 -40.28 -35.34 59.31
CA SER D 81 -39.91 -35.56 57.91
C SER D 81 -39.90 -34.25 57.14
N PHE D 82 -38.95 -34.13 56.21
CA PHE D 82 -38.74 -32.92 55.41
C PHE D 82 -37.76 -33.26 54.28
N VAL D 83 -37.42 -32.25 53.48
CA VAL D 83 -36.54 -32.39 52.33
C VAL D 83 -35.48 -31.31 52.42
N ILE D 84 -34.23 -31.68 52.13
CA ILE D 84 -33.09 -30.77 52.12
C ILE D 84 -32.13 -31.16 51.01
N ARG D 85 -31.07 -30.37 50.86
CA ARG D 85 -29.99 -30.68 49.93
C ARG D 85 -29.22 -31.93 50.38
N GLY D 86 -28.43 -32.46 49.46
CA GLY D 86 -27.59 -33.61 49.74
C GLY D 86 -26.56 -33.36 50.83
N ASP D 87 -25.66 -32.40 50.63
CA ASP D 87 -24.63 -32.15 51.63
C ASP D 87 -25.12 -31.27 52.77
N GLU D 88 -26.43 -31.18 52.98
CA GLU D 88 -27.01 -30.64 54.20
C GLU D 88 -27.47 -31.73 55.15
N VAL D 89 -27.58 -32.98 54.69
CA VAL D 89 -27.96 -34.09 55.57
C VAL D 89 -26.96 -34.24 56.71
N ARG D 90 -25.72 -33.78 56.51
CA ARG D 90 -24.73 -33.78 57.58
C ARG D 90 -25.23 -33.02 58.81
N GLN D 91 -26.06 -32.00 58.60
CA GLN D 91 -26.50 -31.14 59.68
C GLN D 91 -27.62 -31.74 60.52
N ILE D 92 -28.19 -32.86 60.09
CA ILE D 92 -29.21 -33.54 60.88
C ILE D 92 -28.53 -34.52 61.82
N ALA D 93 -27.86 -33.98 62.84
CA ALA D 93 -27.05 -34.76 63.79
C ALA D 93 -26.77 -33.90 65.01
N PRO D 94 -26.58 -34.50 66.18
CA PRO D 94 -26.38 -33.69 67.40
C PRO D 94 -25.14 -32.81 67.29
N GLY D 95 -25.25 -31.61 67.87
CA GLY D 95 -24.13 -30.68 67.90
C GLY D 95 -23.67 -30.23 66.54
N GLN D 96 -24.59 -30.07 65.59
CA GLN D 96 -24.24 -29.64 64.24
C GLN D 96 -24.58 -28.17 64.05
N THR D 97 -23.96 -27.59 63.02
CA THR D 97 -24.05 -26.16 62.76
C THR D 97 -24.19 -25.93 61.26
N GLY D 98 -24.93 -24.87 60.91
CA GLY D 98 -25.21 -24.56 59.52
C GLY D 98 -26.59 -23.95 59.32
N LYS D 99 -26.91 -23.53 58.09
CA LYS D 99 -28.19 -22.88 57.83
C LYS D 99 -29.36 -23.77 58.26
N ILE D 100 -29.27 -25.08 57.99
CA ILE D 100 -30.37 -25.98 58.31
C ILE D 100 -30.48 -26.17 59.82
N ALA D 101 -29.35 -26.46 60.49
CA ALA D 101 -29.39 -26.74 61.91
C ALA D 101 -29.61 -25.49 62.76
N ASP D 102 -29.26 -24.32 62.23
CA ASP D 102 -29.46 -23.08 62.97
C ASP D 102 -30.87 -22.52 62.79
N TYR D 103 -31.39 -22.59 61.57
CA TYR D 103 -32.59 -21.83 61.22
C TYR D 103 -33.75 -22.70 60.74
N ASN D 104 -33.65 -24.03 60.79
CA ASN D 104 -34.69 -24.86 60.22
C ASN D 104 -35.05 -26.05 61.10
N TYR D 105 -34.09 -26.93 61.36
CA TYR D 105 -34.35 -28.13 62.16
C TYR D 105 -33.13 -28.43 63.02
N LYS D 106 -33.34 -28.46 64.33
CA LYS D 106 -32.25 -28.58 65.30
C LYS D 106 -32.49 -29.80 66.18
N LEU D 107 -31.50 -30.69 66.24
CA LEU D 107 -31.47 -31.87 67.10
C LEU D 107 -30.74 -31.53 68.41
N PRO D 108 -31.27 -31.97 69.55
CA PRO D 108 -30.60 -31.71 70.82
C PRO D 108 -29.32 -32.54 70.95
N ASP D 109 -28.46 -32.08 71.87
CA ASP D 109 -27.21 -32.80 72.11
C ASP D 109 -27.44 -34.17 72.73
N ASP D 110 -28.48 -34.31 73.56
CA ASP D 110 -28.81 -35.57 74.20
C ASP D 110 -29.69 -36.49 73.34
N PHE D 111 -29.76 -36.22 72.03
CA PHE D 111 -30.75 -36.85 71.16
C PHE D 111 -30.69 -38.38 71.22
N THR D 112 -31.84 -39.00 71.49
CA THR D 112 -31.99 -40.45 71.44
C THR D 112 -33.03 -40.77 70.38
N GLY D 113 -32.56 -41.30 69.25
CA GLY D 113 -33.41 -41.58 68.12
C GLY D 113 -32.56 -41.85 66.90
N CYS D 114 -33.21 -41.98 65.75
CA CYS D 114 -32.52 -42.30 64.51
C CYS D 114 -32.84 -41.27 63.44
N VAL D 115 -31.83 -40.92 62.65
CA VAL D 115 -32.01 -40.06 61.48
C VAL D 115 -31.90 -40.94 60.24
N ILE D 116 -32.92 -40.89 59.40
CA ILE D 116 -33.00 -41.72 58.20
C ILE D 116 -33.14 -40.80 57.00
N ALA D 117 -32.38 -41.09 55.94
CA ALA D 117 -32.38 -40.24 54.76
C ALA D 117 -32.11 -41.08 53.52
N TRP D 118 -32.53 -40.57 52.36
CA TRP D 118 -32.31 -41.25 51.09
C TRP D 118 -32.47 -40.27 49.94
N ASN D 119 -31.77 -40.54 48.84
CA ASN D 119 -31.79 -39.64 47.70
C ASN D 119 -33.14 -39.66 47.02
N SER D 120 -33.74 -38.47 46.90
CA SER D 120 -34.86 -38.24 45.99
C SER D 120 -34.38 -37.35 44.85
N ASN D 121 -34.81 -37.66 43.64
CA ASN D 121 -34.41 -36.86 42.49
C ASN D 121 -35.29 -37.27 41.32
N ASN D 122 -35.56 -38.56 41.25
CA ASN D 122 -36.59 -39.05 40.34
C ASN D 122 -37.96 -38.50 40.71
N LEU D 123 -38.16 -38.16 41.99
CA LEU D 123 -39.45 -37.65 42.47
C LEU D 123 -39.44 -36.14 42.68
N ASP D 124 -38.48 -35.62 43.43
CA ASP D 124 -38.52 -34.24 43.88
C ASP D 124 -37.77 -33.27 42.99
N SER D 125 -37.34 -33.71 41.81
CA SER D 125 -36.69 -32.84 40.85
C SER D 125 -37.42 -32.91 39.50
N LYS D 126 -37.46 -31.76 38.82
CA LYS D 126 -38.18 -31.65 37.55
C LYS D 126 -37.34 -30.85 36.56
N VAL D 127 -37.59 -31.11 35.27
CA VAL D 127 -36.92 -30.35 34.21
C VAL D 127 -37.39 -28.90 34.28
N GLY D 128 -36.43 -27.98 34.14
CA GLY D 128 -36.69 -26.57 34.40
C GLY D 128 -36.68 -26.20 35.86
N GLY D 129 -36.61 -27.18 36.77
CA GLY D 129 -36.47 -26.91 38.18
C GLY D 129 -37.75 -27.04 38.99
N ASN D 130 -37.67 -27.70 40.14
CA ASN D 130 -38.77 -27.75 41.10
C ASN D 130 -38.45 -26.75 42.21
N TYR D 131 -39.26 -25.69 42.30
CA TYR D 131 -39.01 -24.61 43.23
C TYR D 131 -40.01 -24.60 44.39
N ASN D 132 -40.63 -25.74 44.68
CA ASN D 132 -41.66 -25.82 45.71
C ASN D 132 -41.10 -26.04 47.10
N TYR D 133 -39.88 -26.57 47.23
CA TYR D 133 -39.29 -26.86 48.53
C TYR D 133 -38.49 -25.66 49.01
N LEU D 134 -38.79 -25.18 50.21
CA LEU D 134 -38.18 -23.95 50.71
C LEU D 134 -37.32 -24.24 51.93
N TYR D 135 -36.53 -23.23 52.30
CA TYR D 135 -35.77 -23.24 53.54
C TYR D 135 -35.63 -21.81 54.04
N ARG D 136 -35.50 -21.68 55.35
CA ARG D 136 -35.27 -20.37 55.94
C ARG D 136 -33.79 -19.99 55.77
N LEU D 137 -33.55 -18.82 55.19
CA LEU D 137 -32.20 -18.33 54.99
C LEU D 137 -31.80 -17.25 55.99
N PHE D 138 -32.77 -16.55 56.58
CA PHE D 138 -32.50 -15.45 57.49
C PHE D 138 -33.25 -15.65 58.80
N ARG D 139 -32.53 -15.60 59.91
CA ARG D 139 -33.14 -15.62 61.23
C ARG D 139 -32.19 -14.94 62.20
N LYS D 140 -32.76 -14.19 63.15
CA LYS D 140 -31.94 -13.40 64.06
C LYS D 140 -31.19 -14.28 65.06
N SER D 141 -31.73 -15.43 65.44
CA SER D 141 -31.05 -16.31 66.37
C SER D 141 -31.34 -17.77 66.02
N ASN D 142 -30.54 -18.66 66.62
CA ASN D 142 -30.66 -20.08 66.35
C ASN D 142 -31.93 -20.66 66.97
N LEU D 143 -32.40 -21.76 66.39
CA LEU D 143 -33.57 -22.45 66.90
C LEU D 143 -33.19 -23.34 68.08
N LYS D 144 -34.06 -23.39 69.09
CA LYS D 144 -33.94 -24.39 70.14
C LYS D 144 -34.19 -25.77 69.53
N PRO D 145 -33.74 -26.84 70.18
CA PRO D 145 -34.01 -28.19 69.67
C PRO D 145 -35.51 -28.42 69.50
N PHE D 146 -35.87 -28.97 68.33
CA PHE D 146 -37.25 -29.31 67.99
C PHE D 146 -38.15 -28.07 67.93
N GLU D 147 -37.58 -26.91 67.66
CA GLU D 147 -38.36 -25.70 67.44
C GLU D 147 -38.72 -25.60 65.96
N ARG D 148 -39.92 -25.06 65.70
CA ARG D 148 -40.41 -24.88 64.33
C ARG D 148 -40.85 -23.45 64.13
N ASP D 149 -40.42 -22.85 63.02
CA ASP D 149 -40.70 -21.44 62.70
C ASP D 149 -41.23 -21.36 61.28
N ILE D 150 -42.51 -21.04 61.13
CA ILE D 150 -43.11 -20.89 59.80
C ILE D 150 -43.58 -19.46 59.57
N SER D 151 -43.04 -18.50 60.31
CA SER D 151 -43.37 -17.10 60.10
C SER D 151 -42.76 -16.59 58.80
N THR D 152 -43.45 -15.64 58.17
CA THR D 152 -42.97 -15.05 56.93
C THR D 152 -42.83 -13.54 57.03
N GLU D 153 -42.49 -13.04 58.23
CA GLU D 153 -42.28 -11.61 58.40
C GLU D 153 -40.97 -11.18 57.75
N ILE D 154 -40.93 -9.93 57.29
CA ILE D 154 -39.75 -9.43 56.59
C ILE D 154 -38.58 -9.30 57.55
N TYR D 155 -37.42 -9.78 57.13
CA TYR D 155 -36.23 -9.72 57.96
C TYR D 155 -35.54 -8.36 57.84
N GLN D 156 -35.12 -7.82 58.98
CA GLN D 156 -34.55 -6.47 59.05
C GLN D 156 -33.05 -6.58 59.29
N ALA D 157 -32.26 -6.35 58.24
CA ALA D 157 -30.81 -6.42 58.33
C ALA D 157 -30.17 -5.08 58.65
N GLY D 158 -30.92 -3.98 58.59
CA GLY D 158 -30.34 -2.68 58.86
C GLY D 158 -31.02 -1.93 60.00
N SER D 159 -30.79 -0.63 60.08
CA SER D 159 -31.36 0.18 61.15
C SER D 159 -32.77 0.68 60.84
N THR D 160 -33.18 0.67 59.57
CA THR D 160 -34.50 1.13 59.16
C THR D 160 -35.51 -0.01 59.32
N PRO D 161 -36.69 0.27 59.87
CA PRO D 161 -37.73 -0.76 59.93
C PRO D 161 -38.29 -1.06 58.56
N CYS D 162 -38.78 -2.30 58.39
CA CYS D 162 -39.26 -2.76 57.11
C CYS D 162 -40.74 -2.48 56.89
N ASN D 163 -41.54 -2.49 57.97
CA ASN D 163 -42.98 -2.26 57.89
C ASN D 163 -43.64 -3.19 56.86
N GLY D 164 -43.20 -4.44 56.85
CA GLY D 164 -43.84 -5.44 56.02
C GLY D 164 -43.58 -5.30 54.54
N VAL D 165 -42.59 -4.51 54.14
CA VAL D 165 -42.26 -4.31 52.72
C VAL D 165 -40.83 -4.73 52.48
N GLU D 166 -40.61 -5.46 51.39
CA GLU D 166 -39.26 -5.87 51.04
C GLU D 166 -38.50 -4.74 50.37
N GLY D 167 -37.18 -4.83 50.43
CA GLY D 167 -36.32 -3.83 49.84
C GLY D 167 -34.89 -4.06 50.28
N PHE D 168 -34.10 -2.99 50.24
CA PHE D 168 -32.73 -3.05 50.72
C PHE D 168 -32.73 -3.28 52.23
N ASN D 169 -31.90 -4.22 52.69
CA ASN D 169 -31.80 -4.60 54.09
C ASN D 169 -33.12 -5.08 54.67
N CYS D 170 -34.06 -5.45 53.81
CA CYS D 170 -35.39 -5.93 54.22
C CYS D 170 -35.70 -7.13 53.33
N TYR D 171 -35.45 -8.33 53.85
CA TYR D 171 -35.46 -9.53 53.04
C TYR D 171 -36.62 -10.44 53.41
N PHE D 172 -37.22 -11.07 52.41
CA PHE D 172 -38.14 -12.15 52.67
C PHE D 172 -37.36 -13.33 53.22
N PRO D 173 -37.81 -13.95 54.32
CA PRO D 173 -36.96 -14.93 55.01
C PRO D 173 -36.76 -16.23 54.24
N LEU D 174 -37.77 -16.71 53.51
CA LEU D 174 -37.68 -18.03 52.89
C LEU D 174 -37.12 -17.96 51.47
N GLN D 175 -36.41 -19.02 51.10
CA GLN D 175 -35.79 -19.14 49.80
C GLN D 175 -36.03 -20.56 49.30
N SER D 176 -36.08 -20.72 47.99
CA SER D 176 -36.41 -22.01 47.38
C SER D 176 -35.15 -22.75 46.91
N TYR D 177 -35.11 -24.05 47.19
CA TYR D 177 -34.19 -24.91 46.48
C TYR D 177 -34.56 -24.93 45.00
N GLY D 178 -33.56 -25.19 44.17
CA GLY D 178 -33.80 -25.41 42.75
C GLY D 178 -33.40 -26.81 42.35
N PHE D 179 -34.32 -27.77 42.45
CA PHE D 179 -34.02 -29.17 42.17
C PHE D 179 -34.29 -29.46 40.70
N GLN D 180 -33.23 -29.54 39.90
CA GLN D 180 -33.25 -29.96 38.52
C GLN D 180 -32.60 -31.33 38.38
N PRO D 181 -32.85 -32.08 37.30
CA PRO D 181 -32.39 -33.48 37.28
C PRO D 181 -30.87 -33.62 37.26
N THR D 182 -30.14 -32.63 36.75
CA THR D 182 -28.71 -32.76 36.59
C THR D 182 -27.90 -31.90 37.57
N ASN D 183 -28.43 -31.65 38.77
CA ASN D 183 -27.56 -31.10 39.81
C ASN D 183 -26.59 -32.16 40.29
N GLY D 184 -25.45 -31.70 40.81
CA GLY D 184 -24.59 -32.59 41.55
C GLY D 184 -25.28 -33.19 42.76
N VAL D 185 -24.77 -34.34 43.20
CA VAL D 185 -25.46 -35.09 44.25
C VAL D 185 -25.61 -34.27 45.54
N GLY D 186 -24.69 -33.33 45.77
CA GLY D 186 -24.81 -32.48 46.94
C GLY D 186 -26.02 -31.56 46.86
N TYR D 187 -26.35 -31.11 45.65
CA TYR D 187 -27.46 -30.20 45.45
C TYR D 187 -28.73 -30.91 45.00
N GLN D 188 -28.78 -32.23 45.11
CA GLN D 188 -29.97 -33.02 44.84
C GLN D 188 -30.81 -33.15 46.10
N PRO D 189 -32.12 -33.31 45.98
CA PRO D 189 -32.96 -33.40 47.18
C PRO D 189 -32.80 -34.74 47.88
N TYR D 190 -32.98 -34.72 49.20
CA TYR D 190 -32.97 -35.93 50.01
C TYR D 190 -34.15 -35.87 50.96
N ARG D 191 -34.93 -36.95 51.00
CA ARG D 191 -35.99 -37.06 51.99
C ARG D 191 -35.42 -37.60 53.29
N VAL D 192 -35.88 -37.05 54.41
CA VAL D 192 -35.33 -37.35 55.72
C VAL D 192 -36.46 -37.68 56.67
N VAL D 193 -36.25 -38.68 57.51
CA VAL D 193 -37.15 -39.01 58.60
C VAL D 193 -36.34 -39.05 59.89
N VAL D 194 -36.85 -38.40 60.93
CA VAL D 194 -36.17 -38.35 62.23
C VAL D 194 -37.10 -38.96 63.27
N LEU D 195 -36.76 -40.15 63.74
CA LEU D 195 -37.51 -40.80 64.81
C LEU D 195 -36.94 -40.35 66.15
N SER D 196 -37.82 -40.01 67.08
CA SER D 196 -37.42 -39.61 68.43
C SER D 196 -38.26 -40.39 69.43
N PHE D 197 -37.61 -40.92 70.46
CA PHE D 197 -38.24 -41.79 71.45
C PHE D 197 -38.19 -41.14 72.82
N GLU D 198 -39.30 -41.25 73.54
CA GLU D 198 -39.38 -40.75 74.91
C GLU D 198 -40.52 -41.42 75.67
N THR D 203 -46.33 -45.80 75.01
CA THR D 203 -46.60 -47.23 75.03
C THR D 203 -46.64 -47.80 73.62
N VAL D 204 -45.46 -47.97 73.04
CA VAL D 204 -45.29 -48.53 71.71
C VAL D 204 -44.16 -49.55 71.75
N CYS D 205 -44.44 -50.76 71.31
CA CYS D 205 -43.45 -51.84 71.32
C CYS D 205 -43.57 -52.72 70.09
N GLU E 1 -36.75 -39.92 33.83
CA GLU E 1 -35.73 -40.61 33.06
C GLU E 1 -35.83 -40.29 31.58
N VAL E 2 -34.75 -39.77 31.02
CA VAL E 2 -34.64 -39.63 29.56
C VAL E 2 -34.12 -40.95 29.01
N GLN E 3 -34.83 -41.51 28.03
CA GLN E 3 -34.42 -42.76 27.41
C GLN E 3 -34.57 -42.69 25.90
N LEU E 4 -33.75 -43.47 25.21
CA LEU E 4 -33.88 -43.73 23.79
C LEU E 4 -34.06 -45.23 23.61
N VAL E 5 -35.21 -45.64 23.10
CA VAL E 5 -35.53 -47.06 22.94
C VAL E 5 -35.47 -47.39 21.45
N GLN E 6 -34.58 -48.31 21.08
CA GLN E 6 -34.33 -48.67 19.69
C GLN E 6 -35.13 -49.90 19.31
N SER E 7 -35.27 -50.11 18.00
CA SER E 7 -36.02 -51.25 17.50
C SER E 7 -35.72 -51.45 16.03
N GLY E 8 -35.85 -52.70 15.58
CA GLY E 8 -35.95 -52.99 14.16
C GLY E 8 -34.68 -53.29 13.40
N GLY E 9 -33.73 -53.99 14.00
CA GLY E 9 -32.54 -54.40 13.28
C GLY E 9 -32.81 -55.61 12.41
N GLY E 10 -31.88 -56.56 12.36
CA GLY E 10 -32.15 -57.88 11.85
C GLY E 10 -31.23 -58.27 10.70
N LEU E 11 -31.57 -59.40 10.09
CA LEU E 11 -30.81 -60.00 9.00
C LEU E 11 -31.34 -59.51 7.65
N VAL E 12 -30.43 -59.35 6.70
CA VAL E 12 -30.76 -58.79 5.40
C VAL E 12 -29.65 -59.15 4.44
N LYS E 13 -30.01 -59.39 3.18
CA LYS E 13 -29.05 -59.83 2.20
C LYS E 13 -28.33 -58.65 1.55
N PRO E 14 -27.11 -58.85 1.08
CA PRO E 14 -26.40 -57.80 0.35
C PRO E 14 -27.26 -57.23 -0.76
N GLY E 15 -27.36 -55.90 -0.79
CA GLY E 15 -28.25 -55.19 -1.66
C GLY E 15 -29.57 -54.80 -1.03
N GLY E 16 -30.01 -55.52 0.01
CA GLY E 16 -31.28 -55.26 0.65
C GLY E 16 -31.26 -54.03 1.54
N SER E 17 -32.43 -53.75 2.12
CA SER E 17 -32.63 -52.55 2.90
C SER E 17 -33.21 -52.88 4.28
N LEU E 18 -33.19 -51.88 5.16
CA LEU E 18 -33.58 -52.03 6.55
C LEU E 18 -33.78 -50.64 7.13
N ARG E 19 -34.75 -50.48 8.02
CA ARG E 19 -34.96 -49.22 8.71
C ARG E 19 -34.80 -49.43 10.21
N LEU E 20 -34.02 -48.56 10.84
CA LEU E 20 -33.81 -48.59 12.28
C LEU E 20 -34.67 -47.52 12.94
N SER E 21 -35.19 -47.82 14.12
CA SER E 21 -36.05 -46.90 14.85
C SER E 21 -35.43 -46.55 16.19
N CYS E 22 -35.75 -45.34 16.67
CA CYS E 22 -35.25 -44.88 17.97
C CYS E 22 -36.31 -43.96 18.56
N ALA E 23 -37.19 -44.54 19.39
CA ALA E 23 -38.22 -43.77 20.05
C ALA E 23 -37.66 -43.11 21.31
N ALA E 24 -37.86 -41.81 21.43
CA ALA E 24 -37.26 -41.01 22.49
C ALA E 24 -38.32 -40.58 23.50
N SER E 25 -37.88 -40.41 24.75
CA SER E 25 -38.72 -39.91 25.84
C SER E 25 -37.90 -38.95 26.70
N GLY E 26 -38.50 -37.81 27.04
CA GLY E 26 -37.80 -36.76 27.74
C GLY E 26 -36.97 -35.86 26.85
N ILE E 27 -36.84 -36.19 25.57
CA ILE E 27 -36.13 -35.38 24.60
C ILE E 27 -37.05 -35.22 23.40
N THR E 28 -37.11 -34.02 22.83
CA THR E 28 -37.83 -33.81 21.58
C THR E 28 -36.84 -34.03 20.44
N VAL E 29 -37.06 -35.10 19.66
CA VAL E 29 -36.14 -35.45 18.58
C VAL E 29 -36.06 -34.34 17.54
N SER E 30 -37.22 -33.78 17.17
CA SER E 30 -37.24 -32.74 16.14
C SER E 30 -36.59 -31.45 16.59
N SER E 31 -36.34 -31.28 17.90
CA SER E 31 -35.74 -30.07 18.42
C SER E 31 -34.24 -30.21 18.66
N ASN E 32 -33.63 -31.34 18.31
CA ASN E 32 -32.28 -31.65 18.73
C ASN E 32 -31.40 -32.08 17.56
N TYR E 33 -30.11 -31.81 17.70
CA TYR E 33 -29.11 -32.60 17.00
C TYR E 33 -29.28 -34.06 17.40
N MET E 34 -29.31 -34.96 16.42
CA MET E 34 -29.40 -36.39 16.69
C MET E 34 -28.39 -37.14 15.83
N SER E 35 -28.02 -38.34 16.27
CA SER E 35 -26.90 -39.04 15.66
C SER E 35 -27.11 -40.55 15.65
N TRP E 36 -26.55 -41.20 14.64
CA TRP E 36 -26.42 -42.65 14.58
C TRP E 36 -24.94 -43.01 14.58
N VAL E 37 -24.56 -43.96 15.43
CA VAL E 37 -23.19 -44.46 15.55
C VAL E 37 -23.23 -45.98 15.50
N ARG E 38 -22.17 -46.60 15.00
CA ARG E 38 -22.17 -48.05 14.82
C ARG E 38 -20.83 -48.65 15.21
N GLN E 39 -20.83 -49.96 15.37
CA GLN E 39 -19.65 -50.71 15.79
C GLN E 39 -19.67 -52.08 15.11
N ALA E 40 -18.77 -52.30 14.17
CA ALA E 40 -18.61 -53.62 13.55
C ALA E 40 -18.00 -54.59 14.57
N PRO E 41 -18.22 -55.90 14.38
CA PRO E 41 -17.81 -56.87 15.41
C PRO E 41 -16.31 -56.85 15.71
N GLY E 42 -15.95 -56.41 16.91
CA GLY E 42 -14.57 -56.37 17.31
C GLY E 42 -13.79 -55.17 16.83
N LYS E 43 -14.48 -54.12 16.41
CA LYS E 43 -13.83 -52.93 15.88
C LYS E 43 -14.19 -51.72 16.74
N GLY E 44 -13.73 -50.56 16.32
CA GLY E 44 -13.99 -49.33 17.03
C GLY E 44 -15.33 -48.74 16.67
N LEU E 45 -15.66 -47.63 17.34
CA LEU E 45 -16.89 -46.91 17.04
C LEU E 45 -16.69 -46.04 15.82
N GLU E 46 -17.76 -45.88 15.04
CA GLU E 46 -17.73 -45.06 13.83
C GLU E 46 -18.99 -44.21 13.80
N TRP E 47 -18.82 -42.90 13.71
CA TRP E 47 -19.97 -42.03 13.53
C TRP E 47 -20.52 -42.20 12.12
N VAL E 48 -21.83 -42.45 12.04
CA VAL E 48 -22.48 -42.78 10.77
C VAL E 48 -23.22 -41.58 10.20
N SER E 49 -24.00 -40.87 11.02
CA SER E 49 -24.86 -39.82 10.50
C SER E 49 -25.25 -38.86 11.61
N VAL E 50 -25.58 -37.63 11.20
CA VAL E 50 -26.02 -36.56 12.09
C VAL E 50 -27.15 -35.82 11.40
N ILE E 51 -28.11 -35.32 12.19
CA ILE E 51 -29.18 -34.49 11.66
C ILE E 51 -29.38 -33.28 12.57
N TYR E 52 -29.63 -32.13 11.96
CA TYR E 52 -29.88 -30.89 12.67
C TYR E 52 -31.38 -30.70 12.85
N SER E 53 -31.76 -29.97 13.89
CA SER E 53 -33.18 -29.71 14.13
C SER E 53 -33.81 -28.97 12.95
N GLY E 54 -33.02 -28.13 12.27
CA GLY E 54 -33.48 -27.48 11.07
C GLY E 54 -33.61 -28.40 9.87
N GLY E 55 -32.86 -29.49 9.84
CA GLY E 55 -33.07 -30.48 8.80
C GLY E 55 -31.81 -30.91 8.07
N SER E 56 -30.70 -30.21 8.28
CA SER E 56 -29.46 -30.57 7.60
C SER E 56 -28.95 -31.92 8.08
N THR E 57 -28.35 -32.67 7.15
CA THR E 57 -27.92 -34.03 7.41
C THR E 57 -26.48 -34.21 6.99
N TYR E 58 -25.78 -35.10 7.69
CA TYR E 58 -24.37 -35.35 7.46
C TYR E 58 -24.10 -36.84 7.59
N TYR E 59 -23.18 -37.35 6.77
CA TYR E 59 -22.95 -38.79 6.68
C TYR E 59 -21.46 -39.10 6.58
N ALA E 60 -21.06 -40.21 7.17
CA ALA E 60 -19.72 -40.74 6.93
C ALA E 60 -19.59 -41.10 5.46
N ASP E 61 -18.36 -40.95 4.93
CA ASP E 61 -18.12 -41.22 3.52
C ASP E 61 -18.53 -42.63 3.13
N SER E 62 -18.40 -43.58 4.06
CA SER E 62 -18.65 -44.98 3.74
C SER E 62 -20.12 -45.29 3.51
N VAL E 63 -21.02 -44.43 3.97
CA VAL E 63 -22.46 -44.67 3.85
C VAL E 63 -23.17 -43.57 3.07
N LYS E 64 -22.45 -42.57 2.56
CA LYS E 64 -23.09 -41.49 1.83
C LYS E 64 -23.76 -42.03 0.56
N GLY E 65 -25.01 -41.62 0.35
CA GLY E 65 -25.76 -42.09 -0.79
C GLY E 65 -26.65 -43.27 -0.48
N ARG E 66 -26.19 -44.15 0.42
CA ARG E 66 -26.91 -45.37 0.75
C ARG E 66 -27.76 -45.26 2.01
N PHE E 67 -27.44 -44.33 2.91
CA PHE E 67 -28.14 -44.19 4.18
C PHE E 67 -28.92 -42.88 4.20
N THR E 68 -30.00 -42.86 4.99
CA THR E 68 -30.82 -41.67 5.14
C THR E 68 -31.27 -41.57 6.58
N ILE E 69 -30.92 -40.47 7.24
CA ILE E 69 -31.39 -40.19 8.60
C ILE E 69 -32.66 -39.37 8.49
N SER E 70 -33.62 -39.66 9.38
CA SER E 70 -34.93 -39.04 9.29
C SER E 70 -35.59 -39.12 10.66
N ARG E 71 -36.73 -38.45 10.78
CA ARG E 71 -37.41 -38.40 12.07
C ARG E 71 -38.89 -38.17 11.83
N ASP E 72 -39.69 -38.46 12.86
CA ASP E 72 -41.10 -38.09 12.82
C ASP E 72 -41.49 -37.48 14.15
N ASN E 73 -42.04 -36.27 14.08
CA ASN E 73 -42.34 -35.49 15.27
C ASN E 73 -43.53 -36.06 16.03
N SER E 74 -44.54 -36.57 15.33
CA SER E 74 -45.74 -37.02 16.02
C SER E 74 -45.52 -38.33 16.78
N LYS E 75 -44.52 -39.12 16.36
CA LYS E 75 -44.14 -40.31 17.11
C LYS E 75 -42.82 -40.14 17.86
N ASN E 76 -42.26 -38.93 17.85
CA ASN E 76 -41.01 -38.58 18.56
C ASN E 76 -39.96 -39.66 18.38
N THR E 77 -39.72 -40.03 17.12
CA THR E 77 -38.85 -41.13 16.77
C THR E 77 -37.82 -40.68 15.76
N LEU E 78 -36.60 -41.19 15.89
CA LEU E 78 -35.54 -40.98 14.91
C LEU E 78 -35.37 -42.27 14.11
N TYR E 79 -35.09 -42.13 12.82
CA TYR E 79 -35.00 -43.26 11.92
C TYR E 79 -33.69 -43.23 11.16
N LEU E 80 -33.22 -44.42 10.79
CA LEU E 80 -32.12 -44.58 9.84
C LEU E 80 -32.57 -45.55 8.76
N GLN E 81 -32.72 -45.06 7.54
CA GLN E 81 -33.01 -45.90 6.40
C GLN E 81 -31.69 -46.35 5.80
N MET E 82 -31.52 -47.66 5.65
CA MET E 82 -30.29 -48.24 5.11
C MET E 82 -30.63 -49.00 3.84
N ASN E 83 -30.03 -48.60 2.74
CA ASN E 83 -30.21 -49.24 1.45
C ASN E 83 -28.87 -49.71 0.92
N SER E 84 -28.92 -50.65 -0.02
CA SER E 84 -27.73 -51.18 -0.69
C SER E 84 -26.74 -51.74 0.34
N LEU E 85 -27.25 -52.51 1.29
CA LEU E 85 -26.47 -52.98 2.41
C LEU E 85 -25.40 -53.97 1.95
N ARG E 86 -24.36 -54.11 2.78
CA ARG E 86 -23.21 -54.94 2.44
C ARG E 86 -22.62 -55.51 3.72
N ALA E 87 -21.71 -56.47 3.53
CA ALA E 87 -21.09 -57.16 4.67
C ALA E 87 -20.40 -56.18 5.60
N GLU E 88 -19.79 -55.13 5.06
CA GLU E 88 -19.10 -54.16 5.90
C GLU E 88 -20.06 -53.43 6.83
N ASP E 89 -21.34 -53.33 6.45
CA ASP E 89 -22.31 -52.64 7.28
C ASP E 89 -22.80 -53.48 8.45
N THR E 90 -22.43 -54.76 8.51
CA THR E 90 -22.73 -55.61 9.66
C THR E 90 -22.18 -54.98 10.93
N ALA E 91 -23.06 -54.53 11.81
CA ALA E 91 -22.61 -53.80 12.99
C ALA E 91 -23.76 -53.73 14.00
N VAL E 92 -23.44 -53.23 15.18
CA VAL E 92 -24.43 -52.81 16.17
C VAL E 92 -24.58 -51.31 16.11
N TYR E 93 -25.81 -50.84 15.90
CA TYR E 93 -26.07 -49.43 15.64
C TYR E 93 -26.68 -48.78 16.87
N TYR E 94 -26.22 -47.57 17.18
CA TYR E 94 -26.67 -46.83 18.35
C TYR E 94 -27.18 -45.46 17.92
N CYS E 95 -28.36 -45.07 18.41
CA CYS E 95 -28.83 -43.71 18.28
C CYS E 95 -28.39 -42.90 19.51
N ALA E 96 -28.33 -41.58 19.33
CA ALA E 96 -27.90 -40.71 20.42
C ALA E 96 -28.36 -39.29 20.17
N ARG E 97 -28.59 -38.56 21.25
CA ARG E 97 -28.74 -37.12 21.17
C ARG E 97 -27.37 -36.47 20.98
N GLY E 98 -27.36 -35.29 20.39
CA GLY E 98 -26.12 -34.59 20.13
C GLY E 98 -25.45 -35.04 18.84
N GLU E 99 -24.33 -34.39 18.54
CA GLU E 99 -23.56 -34.66 17.33
C GLU E 99 -22.13 -35.04 17.64
N GLY E 100 -21.85 -35.43 18.88
CA GLY E 100 -20.48 -35.69 19.29
C GLY E 100 -19.69 -34.47 19.71
N GLY E 101 -20.35 -33.33 19.91
CA GLY E 101 -19.67 -32.10 20.23
C GLY E 101 -19.20 -32.06 21.67
N SER E 102 -18.78 -30.87 22.09
CA SER E 102 -18.23 -30.65 23.42
C SER E 102 -18.86 -29.45 24.11
N ILE E 103 -20.12 -29.17 23.80
CA ILE E 103 -20.91 -28.16 24.48
C ILE E 103 -22.25 -28.79 24.81
N VAL E 104 -22.76 -28.58 26.03
CA VAL E 104 -24.03 -29.17 26.41
C VAL E 104 -25.11 -28.71 25.43
N GLY E 105 -25.90 -29.67 24.95
CA GLY E 105 -26.80 -29.41 23.84
C GLY E 105 -26.36 -30.15 22.60
N VAL E 106 -25.06 -30.09 22.29
CA VAL E 106 -24.49 -30.86 21.19
C VAL E 106 -23.64 -32.03 21.66
N THR E 107 -23.40 -32.17 22.97
CA THR E 107 -22.75 -33.36 23.50
C THR E 107 -23.67 -34.57 23.39
N SER E 108 -23.07 -35.75 23.24
CA SER E 108 -23.82 -36.98 23.05
C SER E 108 -23.95 -37.67 24.41
N ASP E 109 -24.94 -37.23 25.19
CA ASP E 109 -25.11 -37.67 26.56
C ASP E 109 -25.99 -38.92 26.70
N TYR E 110 -27.06 -39.04 25.92
CA TYR E 110 -27.95 -40.19 26.01
C TYR E 110 -27.89 -41.02 24.74
N TRP E 111 -27.97 -42.33 24.90
CA TRP E 111 -27.80 -43.28 23.82
C TRP E 111 -28.88 -44.35 23.90
N GLY E 112 -29.13 -45.00 22.77
CA GLY E 112 -29.99 -46.16 22.76
C GLY E 112 -29.25 -47.42 23.14
N GLN E 113 -30.00 -48.50 23.33
CA GLN E 113 -29.38 -49.75 23.78
C GLN E 113 -28.62 -50.45 22.66
N GLY E 114 -28.87 -50.10 21.41
CA GLY E 114 -28.20 -50.73 20.30
C GLY E 114 -29.05 -51.82 19.67
N THR E 115 -28.88 -52.00 18.36
CA THR E 115 -29.53 -53.09 17.64
C THR E 115 -28.52 -53.69 16.67
N LEU E 116 -28.52 -55.02 16.59
CA LEU E 116 -27.62 -55.71 15.66
C LEU E 116 -28.20 -55.66 14.25
N VAL E 117 -27.33 -55.40 13.28
CA VAL E 117 -27.67 -55.48 11.87
C VAL E 117 -26.69 -56.44 11.21
N THR E 118 -27.21 -57.50 10.61
CA THR E 118 -26.39 -58.55 10.04
C THR E 118 -26.68 -58.63 8.54
N VAL E 119 -25.66 -58.36 7.73
CA VAL E 119 -25.80 -58.38 6.28
C VAL E 119 -25.08 -59.64 5.79
N SER E 120 -25.86 -60.65 5.41
CA SER E 120 -25.28 -61.93 5.06
C SER E 120 -26.19 -62.65 4.07
N SER E 121 -25.57 -63.47 3.21
CA SER E 121 -26.32 -64.33 2.31
C SER E 121 -26.86 -65.57 3.02
N ALA E 122 -26.42 -65.84 4.24
CA ALA E 122 -26.81 -67.05 4.94
C ALA E 122 -28.25 -66.94 5.43
N SER E 123 -28.92 -68.09 5.49
CA SER E 123 -30.33 -68.15 5.84
C SER E 123 -30.51 -68.26 7.35
N THR E 124 -31.73 -67.97 7.79
CA THR E 124 -32.08 -68.15 9.19
C THR E 124 -32.22 -69.63 9.52
N LYS E 125 -31.71 -70.02 10.69
CA LYS E 125 -31.83 -71.40 11.15
C LYS E 125 -31.94 -71.41 12.67
N GLY E 126 -32.91 -72.17 13.18
CA GLY E 126 -33.11 -72.30 14.60
C GLY E 126 -32.15 -73.29 15.23
N PRO E 127 -31.90 -73.14 16.53
CA PRO E 127 -30.91 -73.99 17.19
C PRO E 127 -31.50 -75.30 17.71
N SER E 128 -30.62 -76.29 17.82
CA SER E 128 -30.89 -77.46 18.64
C SER E 128 -30.37 -77.20 20.05
N VAL E 129 -31.08 -77.74 21.04
CA VAL E 129 -30.72 -77.58 22.43
C VAL E 129 -30.47 -78.96 23.02
N PHE E 130 -29.24 -79.21 23.48
CA PHE E 130 -28.90 -80.48 24.07
C PHE E 130 -28.48 -80.30 25.52
N PRO E 131 -28.78 -81.27 26.38
CA PRO E 131 -28.44 -81.13 27.80
C PRO E 131 -27.02 -81.58 28.12
N LEU E 132 -26.37 -80.81 28.99
CA LEU E 132 -25.06 -81.16 29.53
C LEU E 132 -25.28 -81.67 30.95
N ALA E 133 -25.32 -82.98 31.10
CA ALA E 133 -25.81 -83.60 32.34
C ALA E 133 -24.70 -83.73 33.37
N PRO E 134 -25.01 -83.56 34.65
CA PRO E 134 -24.01 -83.80 35.69
C PRO E 134 -23.65 -85.27 35.79
N SER E 135 -22.49 -85.53 36.38
CA SER E 135 -22.02 -86.88 36.71
C SER E 135 -21.75 -86.95 38.21
N SER E 136 -21.14 -88.05 38.63
CA SER E 136 -20.66 -88.21 40.01
C SER E 136 -19.74 -89.41 40.13
N THR E 139 -18.34 -84.08 40.00
CA THR E 139 -18.66 -83.92 41.41
C THR E 139 -17.38 -83.64 42.21
N SER E 140 -17.00 -82.37 42.26
CA SER E 140 -15.75 -81.94 42.88
C SER E 140 -16.01 -80.80 43.84
N GLY E 141 -15.40 -80.89 45.02
CA GLY E 141 -15.49 -79.80 45.98
C GLY E 141 -16.89 -79.51 46.47
N GLY E 142 -17.75 -80.53 46.52
CA GLY E 142 -19.08 -80.34 47.05
C GLY E 142 -20.10 -79.91 46.01
N THR E 143 -19.65 -79.24 44.96
CA THR E 143 -20.55 -78.72 43.93
C THR E 143 -20.44 -79.57 42.66
N ALA E 144 -21.42 -79.37 41.77
CA ALA E 144 -21.48 -80.08 40.50
C ALA E 144 -22.01 -79.12 39.44
N ALA E 145 -21.64 -79.37 38.19
CA ALA E 145 -21.94 -78.47 37.09
C ALA E 145 -22.81 -79.15 36.05
N LEU E 146 -23.67 -78.35 35.42
CA LEU E 146 -24.56 -78.81 34.37
C LEU E 146 -24.84 -77.64 33.43
N GLY E 147 -25.46 -77.94 32.29
CA GLY E 147 -25.84 -76.87 31.39
C GLY E 147 -26.51 -77.36 30.13
N CYS E 148 -26.59 -76.44 29.17
CA CYS E 148 -27.28 -76.65 27.90
C CYS E 148 -26.37 -76.23 26.76
N LEU E 149 -26.26 -77.09 25.75
CA LEU E 149 -25.57 -76.76 24.52
C LEU E 149 -26.61 -76.30 23.50
N VAL E 150 -26.42 -75.10 22.95
CA VAL E 150 -27.33 -74.50 21.98
C VAL E 150 -26.57 -74.45 20.65
N LYS E 151 -26.84 -75.41 19.77
CA LYS E 151 -26.00 -75.69 18.63
C LYS E 151 -26.66 -75.30 17.31
N ASP E 152 -25.83 -74.80 16.38
CA ASP E 152 -26.15 -74.62 14.97
C ASP E 152 -27.34 -73.69 14.72
N TYR E 153 -27.13 -72.38 14.83
CA TYR E 153 -28.18 -71.40 14.61
C TYR E 153 -27.60 -70.16 13.92
N PHE E 154 -28.50 -69.36 13.35
CA PHE E 154 -28.14 -68.14 12.62
C PHE E 154 -29.40 -67.31 12.38
N PRO E 155 -29.33 -65.98 12.50
CA PRO E 155 -28.17 -65.24 13.02
C PRO E 155 -28.25 -65.10 14.53
N GLU E 156 -27.38 -64.26 15.10
CA GLU E 156 -27.48 -63.92 16.50
C GLU E 156 -28.70 -63.02 16.73
N PRO E 157 -29.16 -62.88 17.99
CA PRO E 157 -28.68 -63.50 19.22
C PRO E 157 -29.56 -64.64 19.71
N VAL E 158 -29.08 -65.30 20.77
CA VAL E 158 -29.87 -66.23 21.56
C VAL E 158 -29.86 -65.70 22.98
N THR E 159 -30.96 -65.92 23.71
CA THR E 159 -31.02 -65.62 25.13
C THR E 159 -31.35 -66.89 25.90
N VAL E 160 -30.59 -67.15 26.96
CA VAL E 160 -30.79 -68.31 27.82
C VAL E 160 -31.08 -67.82 29.22
N SER E 161 -32.09 -68.42 29.85
CA SER E 161 -32.36 -68.27 31.26
C SER E 161 -32.54 -69.66 31.86
N TRP E 162 -32.53 -69.73 33.19
CA TRP E 162 -32.63 -70.99 33.89
C TRP E 162 -33.81 -70.96 34.86
N ASN E 163 -34.69 -71.96 34.74
CA ASN E 163 -35.91 -72.05 35.53
C ASN E 163 -36.72 -70.76 35.45
N SER E 164 -36.89 -70.26 34.22
CA SER E 164 -37.70 -69.08 33.91
C SER E 164 -37.19 -67.83 34.62
N GLY E 165 -35.89 -67.79 34.92
CA GLY E 165 -35.26 -66.67 35.57
C GLY E 165 -35.04 -66.84 37.06
N ALA E 166 -35.49 -67.96 37.64
CA ALA E 166 -35.33 -68.17 39.08
C ALA E 166 -33.87 -68.29 39.46
N LEU E 167 -33.11 -69.12 38.74
CA LEU E 167 -31.72 -69.38 39.04
C LEU E 167 -30.83 -68.42 38.27
N THR E 168 -30.00 -67.66 38.98
CA THR E 168 -29.09 -66.72 38.33
C THR E 168 -27.68 -66.80 38.90
N SER E 169 -27.56 -67.01 40.20
CA SER E 169 -26.24 -67.05 40.82
C SER E 169 -25.53 -68.36 40.46
N GLY E 170 -24.30 -68.23 39.93
CA GLY E 170 -23.55 -69.38 39.48
C GLY E 170 -23.73 -69.70 38.01
N VAL E 171 -24.40 -68.84 37.25
CA VAL E 171 -24.73 -69.09 35.85
C VAL E 171 -23.72 -68.38 34.96
N HIS E 172 -23.20 -69.11 33.97
CA HIS E 172 -22.28 -68.55 32.99
C HIS E 172 -22.78 -68.91 31.60
N THR E 173 -23.24 -67.91 30.85
CA THR E 173 -23.62 -68.08 29.45
C THR E 173 -22.48 -67.54 28.59
N PHE E 174 -21.89 -68.41 27.79
CA PHE E 174 -20.69 -68.04 27.05
C PHE E 174 -21.04 -67.30 25.77
N PRO E 175 -20.19 -66.38 25.33
CA PRO E 175 -20.38 -65.75 24.02
C PRO E 175 -20.38 -66.81 22.92
N ALA E 176 -21.26 -66.60 21.93
CA ALA E 176 -21.39 -67.56 20.85
C ALA E 176 -20.16 -67.53 19.95
N VAL E 177 -19.85 -68.68 19.36
CA VAL E 177 -18.68 -68.84 18.49
C VAL E 177 -19.15 -69.25 17.11
N LEU E 178 -18.56 -68.63 16.09
CA LEU E 178 -18.92 -68.93 14.71
C LEU E 178 -18.14 -70.14 14.22
N GLN E 179 -18.85 -71.19 13.86
CA GLN E 179 -18.23 -72.39 13.34
C GLN E 179 -17.96 -72.25 11.84
N SER E 180 -17.12 -73.14 11.31
CA SER E 180 -16.80 -73.10 9.89
C SER E 180 -18.00 -73.42 9.01
N SER E 181 -19.08 -73.97 9.58
CA SER E 181 -20.31 -74.17 8.85
C SER E 181 -21.04 -72.87 8.56
N GLY E 182 -20.62 -71.76 9.19
CA GLY E 182 -21.36 -70.52 9.13
C GLY E 182 -22.42 -70.37 10.19
N LEU E 183 -22.68 -71.41 10.97
CA LEU E 183 -23.68 -71.35 12.04
C LEU E 183 -23.02 -71.05 13.37
N TYR E 184 -23.80 -70.43 14.26
CA TYR E 184 -23.32 -70.08 15.59
C TYR E 184 -23.68 -71.17 16.60
N SER E 185 -22.92 -71.19 17.71
CA SER E 185 -23.16 -72.17 18.77
C SER E 185 -22.66 -71.58 20.09
N LEU E 186 -23.37 -71.91 21.18
CA LEU E 186 -22.96 -71.47 22.51
C LEU E 186 -23.41 -72.50 23.54
N SER E 187 -22.95 -72.30 24.77
CA SER E 187 -23.37 -73.11 25.90
C SER E 187 -23.69 -72.20 27.08
N SER E 188 -24.59 -72.68 27.93
CA SER E 188 -24.87 -72.04 29.21
C SER E 188 -24.71 -73.08 30.30
N VAL E 189 -23.95 -72.75 31.34
CA VAL E 189 -23.60 -73.68 32.40
C VAL E 189 -23.89 -73.04 33.75
N VAL E 190 -24.04 -73.89 34.77
CA VAL E 190 -24.36 -73.43 36.13
C VAL E 190 -23.88 -74.47 37.13
N THR E 191 -23.33 -73.98 38.24
CA THR E 191 -22.92 -74.81 39.37
C THR E 191 -24.07 -74.93 40.36
N VAL E 192 -24.24 -76.14 40.90
CA VAL E 192 -25.33 -76.44 41.84
C VAL E 192 -24.81 -77.43 42.87
N PRO E 193 -25.48 -77.50 44.02
CA PRO E 193 -25.02 -78.44 45.06
C PRO E 193 -25.15 -79.88 44.59
N SER E 194 -24.06 -80.63 44.75
CA SER E 194 -24.04 -82.01 44.29
C SER E 194 -25.06 -82.86 45.04
N SER E 195 -25.28 -82.56 46.32
CA SER E 195 -26.22 -83.37 47.11
C SER E 195 -27.64 -83.24 46.61
N SER E 196 -27.98 -82.12 45.97
CA SER E 196 -29.35 -81.84 45.54
C SER E 196 -29.49 -82.04 44.04
N LEU E 197 -29.23 -83.26 43.57
CA LEU E 197 -29.34 -83.57 42.15
C LEU E 197 -30.62 -84.33 41.82
N GLY E 198 -30.97 -85.35 42.61
CA GLY E 198 -32.25 -86.01 42.50
C GLY E 198 -33.38 -85.29 43.20
N THR E 199 -33.15 -84.07 43.67
CA THR E 199 -34.11 -83.25 44.39
C THR E 199 -34.51 -82.01 43.61
N GLN E 200 -33.54 -81.29 43.07
CA GLN E 200 -33.79 -80.04 42.36
C GLN E 200 -33.93 -80.30 40.86
N THR E 201 -34.83 -79.58 40.22
CA THR E 201 -35.06 -79.69 38.79
C THR E 201 -34.56 -78.43 38.09
N TYR E 202 -33.81 -78.61 37.01
CA TYR E 202 -33.18 -77.52 36.30
C TYR E 202 -33.67 -77.51 34.86
N ILE E 203 -34.27 -76.39 34.45
CA ILE E 203 -34.78 -76.18 33.10
C ILE E 203 -34.07 -74.99 32.50
N CYS E 204 -33.41 -75.20 31.36
CA CYS E 204 -32.83 -74.09 30.62
C CYS E 204 -33.83 -73.62 29.56
N ASN E 205 -34.10 -72.32 29.53
CA ASN E 205 -35.06 -71.74 28.60
C ASN E 205 -34.30 -71.01 27.50
N VAL E 206 -34.26 -71.59 26.31
CA VAL E 206 -33.54 -71.04 25.17
C VAL E 206 -34.53 -70.28 24.29
N ASN E 207 -34.12 -69.11 23.82
CA ASN E 207 -34.97 -68.29 22.97
C ASN E 207 -34.15 -67.76 21.80
N HIS E 208 -34.61 -68.04 20.58
CA HIS E 208 -33.99 -67.55 19.35
C HIS E 208 -35.07 -66.81 18.56
N LYS E 209 -35.17 -65.51 18.79
CA LYS E 209 -36.22 -64.70 18.15
C LYS E 209 -36.20 -64.77 16.63
N PRO E 210 -35.06 -64.65 15.93
CA PRO E 210 -35.10 -64.68 14.46
C PRO E 210 -35.83 -65.87 13.85
N SER E 211 -35.79 -67.04 14.47
CA SER E 211 -36.48 -68.22 13.97
C SER E 211 -37.75 -68.52 14.76
N ASN E 212 -38.13 -67.67 15.71
CA ASN E 212 -39.29 -67.87 16.57
C ASN E 212 -39.20 -69.16 17.36
N THR E 213 -37.99 -69.54 17.77
CA THR E 213 -37.76 -70.75 18.54
C THR E 213 -37.84 -70.44 20.03
N LYS E 214 -38.70 -71.16 20.74
CA LYS E 214 -38.71 -71.19 22.19
C LYS E 214 -38.60 -72.64 22.63
N VAL E 215 -37.51 -72.98 23.32
CA VAL E 215 -37.24 -74.35 23.73
C VAL E 215 -36.92 -74.38 25.21
N ASP E 216 -37.48 -75.35 25.92
CA ASP E 216 -37.18 -75.59 27.33
C ASP E 216 -36.68 -77.02 27.46
N LYS E 217 -35.43 -77.19 27.91
CA LYS E 217 -34.82 -78.50 28.06
C LYS E 217 -34.56 -78.80 29.54
N LYS E 218 -35.05 -79.95 30.00
CA LYS E 218 -34.81 -80.43 31.35
C LYS E 218 -33.50 -81.21 31.39
N VAL E 219 -32.61 -80.84 32.29
CA VAL E 219 -31.26 -81.39 32.35
C VAL E 219 -31.20 -82.36 33.53
N GLU E 220 -31.22 -83.67 33.25
CA GLU E 220 -31.30 -84.71 34.25
C GLU E 220 -29.97 -85.45 34.40
N PRO E 221 -29.61 -85.85 35.64
CA PRO E 221 -28.43 -86.70 35.83
C PRO E 221 -28.66 -88.08 35.23
N LYS E 222 -27.73 -88.51 34.38
CA LYS E 222 -27.82 -89.81 33.73
C LYS E 222 -26.64 -90.70 34.11
N GLU F 1 7.18 52.42 -1.44
CA GLU F 1 5.99 52.15 -2.25
C GLU F 1 6.20 52.66 -3.67
N VAL F 2 7.29 53.39 -3.88
CA VAL F 2 7.70 53.76 -5.23
C VAL F 2 8.42 52.56 -5.84
N GLN F 3 7.91 52.07 -6.97
CA GLN F 3 8.51 50.89 -7.59
C GLN F 3 8.22 50.87 -9.08
N LEU F 4 9.04 50.09 -9.78
CA LEU F 4 8.88 49.84 -11.21
C LEU F 4 8.76 48.33 -11.39
N VAL F 5 7.60 47.87 -11.84
CA VAL F 5 7.31 46.44 -11.96
C VAL F 5 7.29 46.09 -13.44
N GLN F 6 8.25 45.28 -13.87
CA GLN F 6 8.46 44.95 -15.27
C GLN F 6 7.62 43.74 -15.68
N SER F 7 7.45 43.58 -16.99
CA SER F 7 6.60 42.51 -17.49
C SER F 7 6.97 42.21 -18.94
N GLY F 8 6.80 40.95 -19.33
CA GLY F 8 6.69 40.61 -20.74
C GLY F 8 7.96 40.29 -21.49
N GLY F 9 8.92 39.62 -20.84
CA GLY F 9 10.12 39.18 -21.54
C GLY F 9 9.88 37.96 -22.40
N GLY F 10 10.83 37.04 -22.47
CA GLY F 10 10.56 35.71 -22.98
C GLY F 10 11.43 35.31 -24.15
N LEU F 11 11.05 34.18 -24.75
CA LEU F 11 11.78 33.53 -25.83
C LEU F 11 11.23 33.95 -27.18
N VAL F 12 12.12 34.06 -28.16
CA VAL F 12 11.74 34.61 -29.47
C VAL F 12 12.80 34.23 -30.49
N LYS F 13 12.36 33.86 -31.69
CA LYS F 13 13.26 33.46 -32.75
C LYS F 13 13.93 34.68 -33.38
N PRO F 14 15.13 34.52 -33.95
CA PRO F 14 15.77 35.64 -34.64
C PRO F 14 14.86 36.19 -35.73
N GLY F 15 14.84 37.52 -35.84
CA GLY F 15 13.95 38.21 -36.73
C GLY F 15 12.62 38.62 -36.13
N GLY F 16 12.22 38.00 -35.02
CA GLY F 16 10.94 38.29 -34.42
C GLY F 16 10.96 39.49 -33.51
N SER F 17 9.80 39.78 -32.93
CA SER F 17 9.59 40.98 -32.14
C SER F 17 9.04 40.61 -30.77
N LEU F 18 9.19 41.55 -29.83
CA LEU F 18 8.76 41.44 -28.44
C LEU F 18 8.56 42.83 -27.87
N ARG F 19 7.63 42.96 -26.94
CA ARG F 19 7.39 44.21 -26.24
C ARG F 19 7.59 44.03 -24.75
N LEU F 20 8.42 44.89 -24.16
CA LEU F 20 8.63 44.94 -22.72
C LEU F 20 7.76 46.01 -22.10
N SER F 21 7.35 45.77 -20.86
CA SER F 21 6.50 46.69 -20.11
C SER F 21 7.17 47.04 -18.79
N CYS F 22 6.78 48.19 -18.24
CA CYS F 22 7.32 48.67 -16.96
C CYS F 22 6.25 49.56 -16.33
N ALA F 23 5.36 48.93 -15.56
CA ALA F 23 4.34 49.67 -14.82
C ALA F 23 4.95 50.33 -13.59
N ALA F 24 4.63 51.59 -13.37
CA ALA F 24 5.27 52.40 -12.35
C ALA F 24 4.27 52.82 -11.28
N SER F 25 4.77 52.98 -10.05
CA SER F 25 3.98 53.48 -8.93
C SER F 25 4.79 54.51 -8.17
N GLY F 26 4.16 55.62 -7.81
CA GLY F 26 4.84 56.69 -7.12
C GLY F 26 5.57 57.68 -8.02
N ILE F 27 5.58 57.43 -9.32
CA ILE F 27 6.21 58.30 -10.31
C ILE F 27 5.29 58.37 -11.52
N THR F 28 5.14 59.56 -12.09
CA THR F 28 4.40 59.69 -13.34
C THR F 28 5.39 59.48 -14.49
N VAL F 29 5.20 58.38 -15.23
CA VAL F 29 6.13 58.04 -16.30
C VAL F 29 6.18 59.16 -17.33
N SER F 30 5.01 59.67 -17.72
CA SER F 30 4.93 60.70 -18.74
C SER F 30 5.57 62.03 -18.32
N SER F 31 5.84 62.21 -17.02
CA SER F 31 6.44 63.43 -16.53
C SER F 31 7.95 63.34 -16.32
N ASN F 32 8.56 62.21 -16.67
CA ASN F 32 9.94 61.93 -16.31
C ASN F 32 10.79 61.55 -17.52
N TYR F 33 12.09 61.82 -17.39
CA TYR F 33 13.07 61.06 -18.13
C TYR F 33 12.95 59.59 -17.75
N MET F 34 12.94 58.71 -18.73
CA MET F 34 12.84 57.28 -18.48
C MET F 34 13.85 56.55 -19.37
N SER F 35 14.30 55.37 -18.91
CA SER F 35 15.39 54.69 -19.57
C SER F 35 15.12 53.18 -19.66
N TRP F 36 15.78 52.55 -20.62
CA TRP F 36 15.91 51.09 -20.68
C TRP F 36 17.39 50.74 -20.79
N VAL F 37 17.84 49.83 -19.93
CA VAL F 37 19.23 49.39 -19.88
C VAL F 37 19.24 47.87 -19.91
N ARG F 38 20.29 47.28 -20.49
CA ARG F 38 20.35 45.84 -20.61
C ARG F 38 21.73 45.33 -20.20
N GLN F 39 21.81 44.01 -20.06
CA GLN F 39 23.03 43.32 -19.66
C GLN F 39 23.04 41.95 -20.31
N ALA F 40 23.94 41.73 -21.26
CA ALA F 40 24.07 40.42 -21.88
C ALA F 40 24.77 39.47 -20.90
N PRO F 41 24.58 38.14 -21.06
CA PRO F 41 25.13 37.19 -20.10
C PRO F 41 26.63 37.36 -19.86
N GLY F 42 27.00 37.64 -18.61
CA GLY F 42 28.39 37.82 -18.25
C GLY F 42 29.05 39.00 -18.94
N LYS F 43 28.38 40.15 -18.97
CA LYS F 43 28.94 41.31 -19.65
C LYS F 43 28.50 42.56 -18.90
N GLY F 44 28.99 43.72 -19.37
CA GLY F 44 28.71 44.98 -18.70
C GLY F 44 27.33 45.51 -19.02
N LEU F 45 26.98 46.59 -18.33
CA LEU F 45 25.71 47.26 -18.57
C LEU F 45 25.79 48.09 -19.85
N GLU F 46 24.68 48.14 -20.58
CA GLU F 46 24.60 48.92 -21.81
C GLU F 46 23.31 49.72 -21.80
N TRP F 47 23.43 51.03 -21.93
CA TRP F 47 22.22 51.85 -22.05
C TRP F 47 21.62 51.67 -23.44
N VAL F 48 20.33 51.36 -23.49
CA VAL F 48 19.65 51.01 -24.73
C VAL F 48 18.85 52.19 -25.27
N SER F 49 18.05 52.83 -24.44
CA SER F 49 17.15 53.88 -24.90
C SER F 49 16.85 54.85 -23.77
N VAL F 50 16.48 56.06 -24.15
CA VAL F 50 16.07 57.12 -23.23
C VAL F 50 14.92 57.88 -23.86
N ILE F 51 13.96 58.31 -23.04
CA ILE F 51 12.85 59.13 -23.51
C ILE F 51 12.71 60.34 -22.60
N TYR F 52 12.46 61.50 -23.20
CA TYR F 52 12.23 62.73 -22.47
C TYR F 52 10.74 62.88 -22.16
N SER F 53 10.44 63.67 -21.12
CA SER F 53 9.03 63.90 -20.80
C SER F 53 8.31 64.58 -21.95
N GLY F 54 9.01 65.42 -22.72
CA GLY F 54 8.41 66.05 -23.88
C GLY F 54 8.22 65.12 -25.06
N GLY F 55 8.84 63.95 -25.03
CA GLY F 55 8.65 62.94 -26.05
C GLY F 55 9.89 62.56 -26.84
N SER F 56 11.00 63.29 -26.70
CA SER F 56 12.19 63.03 -27.49
C SER F 56 12.85 61.72 -27.09
N THR F 57 13.42 61.03 -28.07
CA THR F 57 13.94 59.67 -27.86
C THR F 57 15.37 59.56 -28.37
N TYR F 58 16.11 58.64 -27.74
CA TYR F 58 17.52 58.39 -28.05
C TYR F 58 17.78 56.90 -27.90
N TYR F 59 18.70 56.38 -28.71
CA TYR F 59 18.93 54.95 -28.80
C TYR F 59 20.42 54.67 -28.95
N ALA F 60 20.85 53.53 -28.44
CA ALA F 60 22.20 53.07 -28.70
C ALA F 60 22.33 52.66 -30.17
N ASP F 61 23.53 52.87 -30.72
CA ASP F 61 23.76 52.54 -32.13
C ASP F 61 23.40 51.10 -32.45
N SER F 62 23.58 50.19 -31.49
CA SER F 62 23.33 48.79 -31.77
C SER F 62 21.86 48.47 -31.93
N VAL F 63 20.96 49.34 -31.46
CA VAL F 63 19.53 49.08 -31.54
C VAL F 63 18.78 50.15 -32.32
N LYS F 64 19.46 51.20 -32.78
CA LYS F 64 18.78 52.25 -33.53
C LYS F 64 18.13 51.69 -34.78
N GLY F 65 16.87 52.05 -35.00
CA GLY F 65 16.09 51.57 -36.11
C GLY F 65 15.27 50.32 -35.82
N ARG F 66 15.71 49.49 -34.87
CA ARG F 66 15.02 48.27 -34.52
C ARG F 66 14.14 48.40 -33.27
N PHE F 67 14.51 49.28 -32.34
CA PHE F 67 13.81 49.40 -31.06
C PHE F 67 13.02 50.71 -31.02
N THR F 68 11.92 50.70 -30.25
CA THR F 68 11.12 51.90 -30.03
C THR F 68 10.73 51.97 -28.55
N ILE F 69 11.07 53.07 -27.90
CA ILE F 69 10.61 53.35 -26.54
C ILE F 69 9.36 54.20 -26.61
N SER F 70 8.40 53.93 -25.73
CA SER F 70 7.14 54.66 -25.71
C SER F 70 6.52 54.51 -24.32
N ARG F 71 5.35 55.11 -24.15
CA ARG F 71 4.72 55.15 -22.84
C ARG F 71 3.21 55.39 -23.00
N ASP F 72 2.45 54.95 -21.99
CA ASP F 72 1.00 55.08 -21.95
C ASP F 72 0.64 55.76 -20.64
N ASN F 73 0.12 56.99 -20.72
CA ASN F 73 -0.13 57.77 -19.51
C ASN F 73 -1.28 57.21 -18.69
N SER F 74 -2.30 56.65 -19.34
CA SER F 74 -3.45 56.14 -18.60
C SER F 74 -3.13 54.90 -17.80
N LYS F 75 -2.13 54.12 -18.22
CA LYS F 75 -1.68 52.95 -17.48
C LYS F 75 -0.37 53.22 -16.74
N ASN F 76 0.14 54.45 -16.79
CA ASN F 76 1.40 54.84 -16.15
C ASN F 76 2.48 53.80 -16.39
N THR F 77 2.67 53.45 -17.66
CA THR F 77 3.59 52.38 -18.04
C THR F 77 4.55 52.85 -19.10
N LEU F 78 5.80 52.41 -18.99
CA LEU F 78 6.81 52.58 -20.02
C LEU F 78 6.92 51.29 -20.83
N TYR F 79 7.23 51.42 -22.12
CA TYR F 79 7.30 50.27 -23.01
C TYR F 79 8.61 50.30 -23.78
N LEU F 80 9.07 49.12 -24.19
CA LEU F 80 10.15 49.00 -25.18
C LEU F 80 9.73 47.97 -26.22
N GLN F 81 9.48 48.44 -27.45
CA GLN F 81 9.14 47.58 -28.57
C GLN F 81 10.41 47.17 -29.30
N MET F 82 10.66 45.87 -29.37
CA MET F 82 11.89 45.32 -29.94
C MET F 82 11.51 44.56 -31.19
N ASN F 83 12.12 44.92 -32.33
CA ASN F 83 11.88 44.25 -33.59
C ASN F 83 13.19 43.78 -34.19
N SER F 84 13.08 42.83 -35.13
CA SER F 84 14.23 42.26 -35.84
C SER F 84 15.31 41.81 -34.87
N LEU F 85 14.90 41.07 -33.84
CA LEU F 85 15.82 40.69 -32.78
C LEU F 85 16.89 39.75 -33.30
N ARG F 86 18.06 39.80 -32.64
CA ARG F 86 19.20 38.97 -33.00
CA ARG F 86 19.20 38.97 -33.00
C ARG F 86 19.74 38.32 -31.75
N ALA F 87 20.67 37.37 -31.94
CA ALA F 87 21.30 36.70 -30.81
C ALA F 87 21.97 37.70 -29.87
N GLU F 88 22.56 38.75 -30.43
CA GLU F 88 23.25 39.75 -29.62
C GLU F 88 22.30 40.49 -28.68
N ASP F 89 21.01 40.49 -28.96
CA ASP F 89 20.06 41.19 -28.10
C ASP F 89 19.64 40.36 -26.91
N THR F 90 20.07 39.10 -26.83
CA THR F 90 19.79 38.28 -25.66
C THR F 90 20.44 38.89 -24.43
N ALA F 91 19.60 39.30 -23.47
CA ALA F 91 20.08 40.02 -22.30
C ALA F 91 18.94 40.14 -21.30
N VAL F 92 19.30 40.61 -20.11
CA VAL F 92 18.33 41.02 -19.09
C VAL F 92 18.12 42.52 -19.24
N TYR F 93 16.87 42.93 -19.39
CA TYR F 93 16.55 44.33 -19.64
C TYR F 93 15.96 44.96 -18.39
N TYR F 94 16.36 46.19 -18.11
CA TYR F 94 15.89 46.93 -16.95
C TYR F 94 15.31 48.28 -17.37
N CYS F 95 14.18 48.64 -16.78
CA CYS F 95 13.65 49.99 -16.90
C CYS F 95 14.11 50.82 -15.70
N ALA F 96 14.22 52.13 -15.89
CA ALA F 96 14.67 52.99 -14.82
C ALA F 96 14.16 54.40 -15.02
N ARG F 97 14.02 55.12 -13.91
CA ARG F 97 13.79 56.56 -13.99
C ARG F 97 15.09 57.26 -14.33
N GLY F 98 14.97 58.44 -14.92
CA GLY F 98 16.13 59.23 -15.28
C GLY F 98 16.80 58.70 -16.54
N GLU F 99 17.92 59.34 -16.87
CA GLU F 99 18.70 58.99 -18.06
C GLU F 99 20.14 58.65 -17.71
N GLY F 100 20.47 58.53 -16.43
CA GLY F 100 21.82 58.25 -15.99
C GLY F 100 22.66 59.47 -15.64
N GLY F 101 22.05 60.63 -15.48
CA GLY F 101 22.79 61.85 -15.23
C GLY F 101 23.26 61.97 -13.79
N SER F 102 23.71 63.18 -13.46
CA SER F 102 24.33 63.48 -12.18
C SER F 102 23.59 64.59 -11.44
N ILE F 103 22.37 64.91 -11.85
CA ILE F 103 21.50 65.88 -11.19
C ILE F 103 20.22 65.15 -10.78
N VAL F 104 19.70 65.47 -9.59
CA VAL F 104 18.52 64.77 -9.10
C VAL F 104 17.34 65.06 -10.02
N GLY F 105 16.52 64.03 -10.27
CA GLY F 105 15.51 64.08 -11.29
C GLY F 105 15.97 63.60 -12.66
N VAL F 106 17.27 63.68 -12.91
CA VAL F 106 17.88 63.05 -14.06
C VAL F 106 18.68 61.81 -13.68
N THR F 107 19.16 61.73 -12.44
CA THR F 107 19.79 60.52 -11.91
C THR F 107 18.84 59.33 -12.02
N SER F 108 19.41 58.15 -12.20
CA SER F 108 18.64 56.91 -12.33
C SER F 108 18.59 56.24 -10.96
N ASP F 109 17.61 56.64 -10.15
CA ASP F 109 17.49 56.22 -8.76
C ASP F 109 16.63 54.97 -8.60
N TYR F 110 15.60 54.81 -9.41
CA TYR F 110 14.71 53.66 -9.31
C TYR F 110 14.82 52.79 -10.55
N TRP F 111 14.75 51.48 -10.34
CA TRP F 111 14.95 50.48 -11.38
C TRP F 111 13.92 49.38 -11.22
N GLY F 112 13.54 48.79 -12.36
CA GLY F 112 12.71 47.60 -12.35
C GLY F 112 13.52 46.36 -12.06
N GLN F 113 12.80 45.26 -11.79
CA GLN F 113 13.48 44.03 -11.38
C GLN F 113 14.22 43.35 -12.53
N GLY F 114 13.95 43.74 -13.77
CA GLY F 114 14.58 43.09 -14.91
C GLY F 114 13.74 41.96 -15.46
N THR F 115 13.91 41.70 -16.76
CA THR F 115 13.30 40.56 -17.41
C THR F 115 14.27 39.97 -18.42
N LEU F 116 14.31 38.65 -18.50
CA LEU F 116 15.18 37.98 -19.46
C LEU F 116 14.54 38.00 -20.84
N VAL F 117 15.33 38.40 -21.83
CA VAL F 117 14.98 38.25 -23.24
C VAL F 117 15.95 37.26 -23.84
N THR F 118 15.42 36.23 -24.51
CA THR F 118 16.24 35.18 -25.08
C THR F 118 15.92 35.06 -26.56
N VAL F 119 16.90 35.34 -27.40
CA VAL F 119 16.74 35.27 -28.85
C VAL F 119 17.47 34.01 -29.31
N SER F 120 16.72 33.03 -29.82
CA SER F 120 17.28 31.72 -30.05
C SER F 120 16.37 30.92 -30.98
N SER F 121 16.98 30.01 -31.74
CA SER F 121 16.23 29.08 -32.58
C SER F 121 15.74 27.86 -31.82
N ALA F 122 16.21 27.67 -30.59
CA ALA F 122 15.85 26.48 -29.81
C ALA F 122 14.41 26.56 -29.35
N SER F 123 13.77 25.40 -29.30
CA SER F 123 12.36 25.30 -28.92
C SER F 123 12.21 25.24 -27.40
N THR F 124 11.02 25.62 -26.93
CA THR F 124 10.72 25.56 -25.52
C THR F 124 10.58 24.11 -25.07
N LYS F 125 11.11 23.80 -23.89
CA LYS F 125 10.95 22.46 -23.32
C LYS F 125 10.83 22.57 -21.80
N GLY F 126 9.86 21.87 -21.24
CA GLY F 126 9.65 21.84 -19.82
C GLY F 126 10.55 20.83 -19.13
N PRO F 127 10.87 21.08 -17.87
CA PRO F 127 11.81 20.20 -17.16
C PRO F 127 11.14 18.95 -16.61
N SER F 128 11.99 17.97 -16.30
CA SER F 128 11.65 16.87 -15.42
C SER F 128 12.22 17.17 -14.03
N VAL F 129 11.51 16.73 -13.01
CA VAL F 129 11.90 16.99 -11.62
C VAL F 129 12.04 15.66 -10.90
N PHE F 130 13.27 15.36 -10.45
CA PHE F 130 13.60 14.12 -9.78
C PHE F 130 14.08 14.39 -8.36
N PRO F 131 13.74 13.52 -7.40
CA PRO F 131 14.10 13.79 -6.00
C PRO F 131 15.53 13.37 -5.68
N LEU F 132 16.21 14.20 -4.90
CA LEU F 132 17.52 13.86 -4.34
C LEU F 132 17.30 13.47 -2.89
N ALA F 133 17.25 12.14 -2.63
CA ALA F 133 16.75 11.60 -1.36
C ALA F 133 17.85 11.61 -0.30
N PRO F 134 17.49 11.89 0.96
CA PRO F 134 18.45 11.77 2.04
C PRO F 134 18.88 10.34 2.20
N SER F 135 20.12 10.16 2.70
CA SER F 135 20.69 8.83 2.91
C SER F 135 20.37 8.38 4.35
N SER F 136 21.04 7.32 4.78
CA SER F 136 20.79 6.68 6.09
C SER F 136 20.98 7.64 7.25
N GLY F 142 24.60 15.72 12.90
CA GLY F 142 23.24 15.97 13.33
C GLY F 142 22.27 16.31 12.22
N THR F 143 22.82 16.82 11.10
CA THR F 143 22.04 17.33 10.00
C THR F 143 22.02 16.36 8.81
N ALA F 144 21.02 16.52 7.94
CA ALA F 144 20.84 15.69 6.76
C ALA F 144 20.47 16.56 5.57
N ALA F 145 20.80 16.08 4.38
CA ALA F 145 20.66 16.86 3.15
C ALA F 145 19.73 16.17 2.16
N LEU F 146 18.96 16.99 1.42
CA LEU F 146 18.04 16.50 0.40
C LEU F 146 17.82 17.59 -0.63
N GLY F 147 17.17 17.24 -1.73
CA GLY F 147 16.90 18.23 -2.75
C GLY F 147 16.17 17.68 -3.95
N CYS F 148 16.08 18.52 -4.98
CA CYS F 148 15.39 18.23 -6.24
C CYS F 148 16.33 18.52 -7.40
N LEU F 149 16.34 17.62 -8.38
CA LEU F 149 17.09 17.79 -9.61
C LEU F 149 16.12 18.12 -10.73
N VAL F 150 16.16 19.35 -11.23
CA VAL F 150 15.29 19.78 -12.32
C VAL F 150 16.11 19.78 -13.60
N LYS F 151 15.79 18.86 -14.50
CA LYS F 151 16.66 18.51 -15.63
C LYS F 151 16.01 18.85 -16.96
N ASP F 152 16.85 19.26 -17.92
CA ASP F 152 16.52 19.36 -19.34
C ASP F 152 15.34 20.28 -19.64
N TYR F 153 15.59 21.59 -19.61
CA TYR F 153 14.54 22.57 -19.88
C TYR F 153 15.15 23.75 -20.64
N PHE F 154 14.26 24.51 -21.29
CA PHE F 154 14.65 25.69 -22.06
C PHE F 154 13.42 26.55 -22.33
N PRO F 155 13.52 27.88 -22.25
CA PRO F 155 14.72 28.61 -21.81
C PRO F 155 14.70 28.85 -20.31
N GLU F 156 15.67 29.62 -19.83
CA GLU F 156 15.60 30.14 -18.48
C GLU F 156 14.45 31.15 -18.38
N PRO F 157 13.96 31.41 -17.16
CA PRO F 157 14.40 30.84 -15.88
C PRO F 157 13.45 29.82 -15.30
N VAL F 158 13.92 29.14 -14.25
CA VAL F 158 13.04 28.35 -13.39
C VAL F 158 13.10 28.97 -12.01
N THR F 159 12.05 28.71 -11.23
CA THR F 159 12.01 29.14 -9.84
C THR F 159 11.61 27.95 -8.98
N VAL F 160 12.36 27.72 -7.91
CA VAL F 160 12.09 26.64 -6.99
C VAL F 160 11.88 27.23 -5.59
N SER F 161 10.88 26.71 -4.90
CA SER F 161 10.65 27.01 -3.49
C SER F 161 10.41 25.68 -2.78
N TRP F 162 10.50 25.72 -1.45
CA TRP F 162 10.35 24.53 -0.62
C TRP F 162 9.18 24.70 0.33
N ASN F 163 8.22 23.78 0.24
CA ASN F 163 7.03 23.80 1.08
C ASN F 163 6.26 25.11 0.89
N SER F 164 6.03 25.46 -0.38
CA SER F 164 5.27 26.64 -0.77
C SER F 164 5.83 27.93 -0.18
N GLY F 165 7.11 27.94 0.17
CA GLY F 165 7.75 29.11 0.74
C GLY F 165 8.01 29.04 2.23
N ALA F 166 7.51 28.00 2.90
CA ALA F 166 7.68 27.90 4.35
C ALA F 166 9.16 27.79 4.72
N LEU F 167 9.90 26.90 4.07
CA LEU F 167 11.31 26.69 4.36
C LEU F 167 12.17 27.60 3.50
N THR F 168 13.07 28.34 4.13
CA THR F 168 13.99 29.22 3.40
C THR F 168 15.42 29.09 3.91
N SER F 169 15.59 28.95 5.22
CA SER F 169 16.94 28.90 5.80
C SER F 169 17.60 27.56 5.50
N GLY F 170 18.85 27.61 5.08
CA GLY F 170 19.57 26.41 4.70
C GLY F 170 19.37 25.97 3.27
N VAL F 171 18.68 26.77 2.46
CA VAL F 171 18.36 26.40 1.09
C VAL F 171 19.45 26.92 0.17
N HIS F 172 19.94 26.05 -0.71
CA HIS F 172 20.85 26.45 -1.79
C HIS F 172 20.24 26.03 -3.11
N THR F 173 19.89 27.01 -3.94
CA THR F 173 19.45 26.76 -5.30
C THR F 173 20.60 27.14 -6.23
N PHE F 174 21.12 26.16 -6.95
CA PHE F 174 22.33 26.40 -7.73
C PHE F 174 22.00 27.08 -9.05
N PRO F 175 22.91 27.92 -9.55
CA PRO F 175 22.76 28.44 -10.92
C PRO F 175 22.66 27.29 -11.92
N ALA F 176 21.78 27.47 -12.90
CA ALA F 176 21.62 26.46 -13.94
C ALA F 176 22.84 26.43 -14.84
N VAL F 177 23.15 25.23 -15.35
CA VAL F 177 24.27 25.04 -16.27
C VAL F 177 23.70 24.58 -17.61
N LEU F 178 24.37 24.98 -18.68
CA LEU F 178 23.94 24.64 -20.04
C LEU F 178 24.62 23.33 -20.45
N GLN F 179 23.81 22.32 -20.76
CA GLN F 179 24.37 21.06 -21.22
C GLN F 179 24.67 21.13 -22.71
N SER F 180 25.47 20.17 -23.19
CA SER F 180 25.81 20.12 -24.61
C SER F 180 24.58 19.86 -25.47
N SER F 181 23.50 19.36 -24.87
CA SER F 181 22.24 19.21 -25.60
C SER F 181 21.63 20.55 -25.99
N GLY F 182 22.05 21.64 -25.34
CA GLY F 182 21.38 22.91 -25.48
C GLY F 182 20.36 23.19 -24.41
N LEU F 183 20.07 22.22 -23.54
CA LEU F 183 19.10 22.35 -22.47
C LEU F 183 19.81 22.71 -21.17
N TYR F 184 19.06 23.37 -20.28
CA TYR F 184 19.57 23.75 -18.97
C TYR F 184 19.17 22.73 -17.93
N SER F 185 19.84 22.78 -16.78
CA SER F 185 19.54 21.89 -15.66
C SER F 185 20.15 22.46 -14.39
N LEU F 186 19.42 22.33 -13.27
CA LEU F 186 19.92 22.80 -11.99
C LEU F 186 19.39 21.88 -10.89
N SER F 187 19.89 22.13 -9.69
CA SER F 187 19.47 21.41 -8.49
C SER F 187 19.23 22.40 -7.37
N SER F 188 18.29 22.06 -6.48
CA SER F 188 18.02 22.83 -5.28
C SER F 188 18.11 21.88 -4.09
N VAL F 189 18.89 22.25 -3.08
CA VAL F 189 19.14 21.41 -1.93
C VAL F 189 18.92 22.22 -0.66
N VAL F 190 18.73 21.50 0.44
CA VAL F 190 18.55 22.12 1.75
C VAL F 190 19.01 21.14 2.83
N THR F 191 19.72 21.68 3.82
CA THR F 191 20.08 20.93 5.02
C THR F 191 18.96 21.07 6.05
N VAL F 192 18.86 20.07 6.92
CA VAL F 192 17.71 19.97 7.81
C VAL F 192 18.03 19.00 8.93
N PRO F 193 17.50 19.17 10.15
CA PRO F 193 17.78 18.23 11.23
C PRO F 193 17.39 16.81 10.89
N SER F 194 18.35 15.89 11.05
CA SER F 194 18.14 14.49 10.71
C SER F 194 17.02 13.88 11.53
N SER F 195 16.88 14.31 12.79
CA SER F 195 15.84 13.78 13.66
C SER F 195 14.45 14.03 13.10
N SER F 196 14.28 15.10 12.33
CA SER F 196 12.97 15.48 11.80
C SER F 196 12.77 14.98 10.38
N LEU F 197 13.05 13.69 10.15
CA LEU F 197 12.76 13.03 8.89
C LEU F 197 11.89 11.82 9.16
N GLY F 198 10.91 11.59 8.28
CA GLY F 198 9.82 10.69 8.56
C GLY F 198 8.70 11.33 9.35
N THR F 199 8.93 12.50 9.94
CA THR F 199 7.90 13.31 10.57
C THR F 199 7.59 14.58 9.80
N GLN F 200 8.59 15.26 9.27
CA GLN F 200 8.38 16.46 8.47
C GLN F 200 8.38 16.11 6.98
N THR F 201 7.45 16.71 6.25
CA THR F 201 7.30 16.47 4.81
C THR F 201 7.93 17.61 4.03
N TYR F 202 8.74 17.27 3.03
CA TYR F 202 9.44 18.27 2.23
C TYR F 202 8.99 18.17 0.78
N ILE F 203 8.46 19.28 0.27
CA ILE F 203 7.91 19.36 -1.08
C ILE F 203 8.61 20.53 -1.77
N CYS F 204 9.31 20.22 -2.87
CA CYS F 204 9.91 21.26 -3.69
C CYS F 204 8.94 21.68 -4.78
N ASN F 205 8.75 23.00 -4.94
CA ASN F 205 7.81 23.56 -5.92
C ASN F 205 8.63 24.15 -7.07
N VAL F 206 8.65 23.42 -8.19
CA VAL F 206 9.39 23.84 -9.39
C VAL F 206 8.42 24.55 -10.32
N ASN F 207 8.83 25.71 -10.84
CA ASN F 207 7.96 26.52 -11.69
C ASN F 207 8.73 26.99 -12.92
N HIS F 208 8.31 26.55 -14.10
CA HIS F 208 8.90 26.96 -15.37
C HIS F 208 7.80 27.61 -16.20
N LYS F 209 7.67 28.93 -16.08
CA LYS F 209 6.65 29.69 -16.79
C LYS F 209 6.67 29.49 -18.30
N PRO F 210 7.82 29.57 -19.00
CA PRO F 210 7.78 29.43 -20.47
C PRO F 210 7.06 28.20 -20.99
N SER F 211 7.10 27.08 -20.28
CA SER F 211 6.39 25.88 -20.71
C SER F 211 5.12 25.65 -19.90
N ASN F 212 4.74 26.60 -19.04
CA ASN F 212 3.56 26.48 -18.18
C ASN F 212 3.65 25.25 -17.28
N THR F 213 4.87 24.96 -16.80
CA THR F 213 5.09 23.83 -15.92
C THR F 213 5.01 24.25 -14.47
N LYS F 214 4.15 23.54 -13.71
CA LYS F 214 4.11 23.63 -12.26
C LYS F 214 4.18 22.20 -11.74
N VAL F 215 5.25 21.88 -11.01
CA VAL F 215 5.45 20.54 -10.48
C VAL F 215 5.79 20.63 -9.01
N ASP F 216 5.24 19.71 -8.22
CA ASP F 216 5.51 19.60 -6.80
C ASP F 216 5.98 18.18 -6.53
N LYS F 217 7.24 18.03 -6.10
CA LYS F 217 7.83 16.73 -5.85
C LYS F 217 8.09 16.56 -4.36
N LYS F 218 7.54 15.49 -3.80
CA LYS F 218 7.68 15.18 -2.38
C LYS F 218 8.86 14.23 -2.24
N VAL F 219 9.76 14.52 -1.29
CA VAL F 219 11.02 13.78 -1.16
C VAL F 219 11.00 13.00 0.15
N GLU F 220 10.81 11.66 0.05
CA GLU F 220 11.01 10.73 1.16
C GLU F 220 12.27 9.91 0.90
N PRO F 221 12.99 9.54 1.97
CA PRO F 221 14.19 8.71 1.82
C PRO F 221 13.88 7.33 1.28
N GLU G 1 -4.52 11.55 -36.25
CA GLU G 1 -3.94 12.88 -36.17
C GLU G 1 -3.84 13.52 -37.56
N VAL G 2 -2.97 12.96 -38.39
CA VAL G 2 -2.67 13.52 -39.70
C VAL G 2 -2.37 12.36 -40.66
N GLN G 3 -3.06 12.32 -41.80
CA GLN G 3 -2.89 11.24 -42.76
C GLN G 3 -2.88 11.77 -44.19
N LEU G 4 -2.26 10.98 -45.06
CA LEU G 4 -2.34 11.15 -46.51
C LEU G 4 -2.87 9.86 -47.10
N VAL G 5 -4.07 9.91 -47.68
CA VAL G 5 -4.73 8.75 -48.26
C VAL G 5 -4.61 8.85 -49.78
N GLN G 6 -3.95 7.87 -50.39
CA GLN G 6 -3.75 7.87 -51.83
C GLN G 6 -4.83 7.07 -52.55
N SER G 7 -4.84 7.21 -53.88
CA SER G 7 -5.84 6.56 -54.72
C SER G 7 -5.41 6.70 -56.17
N GLY G 8 -5.89 5.77 -57.00
CA GLY G 8 -5.87 5.92 -58.45
C GLY G 8 -4.68 5.39 -59.22
N GLY G 9 -4.14 4.23 -58.82
CA GLY G 9 -3.04 3.65 -59.56
C GLY G 9 -3.50 2.73 -60.67
N GLY G 10 -2.80 1.61 -60.88
CA GLY G 10 -3.29 0.53 -61.72
C GLY G 10 -2.43 0.28 -62.95
N LEU G 11 -2.99 -0.49 -63.87
CA LEU G 11 -2.33 -0.92 -65.09
C LEU G 11 -2.73 -0.02 -66.26
N VAL G 12 -1.73 0.36 -67.06
CA VAL G 12 -1.93 1.25 -68.20
C VAL G 12 -0.89 0.91 -69.27
N LYS G 13 -1.28 1.10 -70.55
CA LYS G 13 -0.45 0.76 -71.71
C LYS G 13 0.57 1.87 -71.98
N PRO G 14 1.71 1.51 -72.57
CA PRO G 14 2.66 2.55 -73.00
C PRO G 14 1.99 3.58 -73.92
N GLY G 15 2.33 4.85 -73.67
CA GLY G 15 1.70 5.96 -74.35
C GLY G 15 0.49 6.53 -73.62
N GLY G 16 -0.13 5.78 -72.73
CA GLY G 16 -1.34 6.19 -72.07
C GLY G 16 -1.10 7.14 -70.92
N SER G 17 -2.18 7.44 -70.20
CA SER G 17 -2.17 8.44 -69.15
C SER G 17 -2.94 7.93 -67.94
N LEU G 18 -2.64 8.54 -66.79
CA LEU G 18 -3.20 8.13 -65.50
C LEU G 18 -3.03 9.29 -64.52
N ARG G 19 -3.97 9.40 -63.59
CA ARG G 19 -3.92 10.45 -62.57
C ARG G 19 -3.92 9.82 -61.19
N LEU G 20 -2.95 10.21 -60.36
CA LEU G 20 -2.88 9.78 -58.98
C LEU G 20 -3.48 10.85 -58.06
N SER G 21 -4.03 10.39 -56.95
CA SER G 21 -4.70 11.27 -56.02
C SER G 21 -4.13 11.04 -54.62
N CYS G 22 -4.16 12.10 -53.81
CA CYS G 22 -3.61 12.05 -52.46
C CYS G 22 -4.46 13.01 -51.61
N ALA G 23 -5.50 12.46 -50.98
CA ALA G 23 -6.37 13.25 -50.13
C ALA G 23 -5.76 13.34 -48.73
N ALA G 24 -5.67 14.57 -48.20
CA ALA G 24 -4.97 14.84 -46.96
C ALA G 24 -5.95 15.19 -45.84
N SER G 25 -5.55 14.87 -44.61
CA SER G 25 -6.33 15.19 -43.42
C SER G 25 -5.38 15.69 -42.33
N GLY G 26 -5.79 16.75 -41.64
CA GLY G 26 -4.93 17.41 -40.68
C GLY G 26 -3.87 18.31 -41.29
N ILE G 27 -3.73 18.29 -42.62
CA ILE G 27 -2.74 19.11 -43.32
C ILE G 27 -3.45 19.81 -44.46
N THR G 28 -3.14 21.10 -44.64
CA THR G 28 -3.62 21.85 -45.80
C THR G 28 -2.62 21.67 -46.94
N VAL G 29 -3.08 21.07 -48.05
CA VAL G 29 -2.18 20.81 -49.16
C VAL G 29 -1.71 22.13 -49.79
N SER G 30 -2.59 23.13 -49.83
CA SER G 30 -2.25 24.39 -50.48
C SER G 30 -1.25 25.20 -49.69
N SER G 31 -1.12 24.96 -48.40
CA SER G 31 -0.21 25.71 -47.56
C SER G 31 1.16 25.08 -47.44
N ASN G 32 1.41 23.97 -48.12
CA ASN G 32 2.59 23.16 -47.86
C ASN G 32 3.41 22.95 -49.12
N TYR G 33 4.70 22.77 -48.93
CA TYR G 33 5.50 22.04 -49.90
C TYR G 33 4.97 20.62 -49.98
N MET G 34 4.73 20.13 -51.20
CA MET G 34 4.27 18.77 -51.39
C MET G 34 5.14 18.09 -52.44
N SER G 35 5.16 16.76 -52.40
CA SER G 35 6.05 16.00 -53.26
C SER G 35 5.38 14.72 -53.73
N TRP G 36 5.84 14.24 -54.88
CA TRP G 36 5.59 12.88 -55.33
C TRP G 36 6.94 12.16 -55.43
N VAL G 37 6.98 10.92 -54.95
CA VAL G 37 8.16 10.08 -54.99
C VAL G 37 7.74 8.71 -55.51
N ARG G 38 8.67 8.00 -56.14
CA ARG G 38 8.36 6.67 -56.66
C ARG G 38 9.50 5.70 -56.36
N GLN G 39 9.18 4.41 -56.46
CA GLN G 39 10.13 3.33 -56.20
C GLN G 39 9.91 2.22 -57.22
N ALA G 40 10.96 1.93 -58.00
CA ALA G 40 10.99 1.07 -59.19
C ALA G 40 10.91 -0.40 -58.78
N PRO G 41 11.08 -1.42 -59.70
CA PRO G 41 10.88 -2.83 -59.30
C PRO G 41 11.51 -3.23 -57.97
N GLY G 42 12.82 -3.07 -57.85
CA GLY G 42 13.52 -3.32 -56.61
C GLY G 42 14.72 -2.42 -56.50
N LYS G 43 14.48 -1.15 -56.21
CA LYS G 43 15.51 -0.13 -56.33
C LYS G 43 15.26 0.96 -55.29
N GLY G 44 16.11 1.99 -55.33
CA GLY G 44 15.99 3.08 -54.39
C GLY G 44 14.96 4.11 -54.83
N LEU G 45 14.60 4.95 -53.87
CA LEU G 45 13.60 5.98 -54.11
C LEU G 45 14.08 6.98 -55.15
N GLU G 46 13.13 7.54 -55.89
CA GLU G 46 13.43 8.62 -56.84
C GLU G 46 12.41 9.73 -56.65
N TRP G 47 12.90 10.93 -56.37
CA TRP G 47 12.03 12.09 -56.32
C TRP G 47 11.58 12.45 -57.73
N VAL G 48 10.27 12.59 -57.92
CA VAL G 48 9.71 12.85 -59.25
C VAL G 48 9.19 14.29 -59.38
N SER G 49 8.51 14.82 -58.37
CA SER G 49 7.94 16.16 -58.50
C SER G 49 7.77 16.82 -57.14
N VAL G 50 7.82 18.15 -57.15
CA VAL G 50 7.65 19.01 -55.96
C VAL G 50 6.81 20.20 -56.36
N ILE G 51 5.91 20.63 -55.47
CA ILE G 51 5.14 21.86 -55.64
C ILE G 51 5.32 22.72 -54.40
N TYR G 52 5.40 24.03 -54.61
CA TYR G 52 5.50 25.00 -53.52
C TYR G 52 4.12 25.52 -53.16
N SER G 53 3.94 25.88 -51.89
CA SER G 53 2.82 26.73 -51.53
C SER G 53 2.99 28.07 -52.21
N GLY G 54 2.05 28.44 -53.07
CA GLY G 54 2.20 29.59 -53.94
C GLY G 54 2.38 29.22 -55.39
N GLY G 55 2.75 27.97 -55.68
CA GLY G 55 2.51 27.42 -57.00
C GLY G 55 3.71 26.93 -57.79
N SER G 56 4.95 27.30 -57.45
CA SER G 56 6.09 26.85 -58.23
C SER G 56 6.17 25.32 -58.23
N THR G 57 6.66 24.76 -59.32
CA THR G 57 6.70 23.31 -59.52
C THR G 57 8.06 22.89 -60.03
N TYR G 58 8.46 21.68 -59.65
CA TYR G 58 9.73 21.12 -60.09
C TYR G 58 9.55 19.65 -60.41
N TYR G 59 10.35 19.18 -61.37
CA TYR G 59 10.23 17.83 -61.89
C TYR G 59 11.62 17.24 -62.11
N ALA G 60 11.75 15.93 -61.92
CA ALA G 60 12.96 15.26 -62.34
C ALA G 60 13.07 15.28 -63.87
N ASP G 61 14.31 15.18 -64.36
CA ASP G 61 14.53 15.24 -65.80
C ASP G 61 13.81 14.11 -66.52
N SER G 62 13.76 12.92 -65.91
CA SER G 62 13.19 11.75 -66.56
C SER G 62 11.72 11.95 -66.92
N VAL G 63 11.03 12.88 -66.24
CA VAL G 63 9.59 13.04 -66.34
C VAL G 63 9.16 14.45 -66.70
N LYS G 64 10.11 15.38 -66.91
CA LYS G 64 9.78 16.73 -67.33
C LYS G 64 9.06 16.73 -68.68
N GLY G 65 7.92 17.42 -68.74
CA GLY G 65 7.13 17.47 -69.96
C GLY G 65 5.95 16.52 -69.93
N ARG G 66 6.18 15.34 -69.38
CA ARG G 66 5.14 14.32 -69.35
C ARG G 66 4.28 14.36 -68.10
N PHE G 67 4.84 14.78 -66.96
CA PHE G 67 4.10 14.79 -65.71
C PHE G 67 3.75 16.20 -65.27
N THR G 68 2.67 16.31 -64.49
CA THR G 68 2.17 17.58 -63.98
C THR G 68 1.66 17.38 -62.56
N ILE G 69 2.16 18.20 -61.63
CA ILE G 69 1.71 18.18 -60.24
C ILE G 69 0.72 19.33 -60.05
N SER G 70 -0.33 19.08 -59.27
CA SER G 70 -1.37 20.06 -59.03
C SER G 70 -2.10 19.71 -57.75
N ARG G 71 -3.06 20.56 -57.37
CA ARG G 71 -3.77 20.38 -56.12
C ARG G 71 -5.09 21.14 -56.18
N ASP G 72 -6.09 20.62 -55.46
CA ASP G 72 -7.41 21.21 -55.38
C ASP G 72 -7.73 21.51 -53.92
N ASN G 73 -7.96 22.80 -53.62
CA ASN G 73 -8.12 23.26 -52.25
C ASN G 73 -9.45 22.88 -51.64
N SER G 74 -10.52 22.85 -52.46
CA SER G 74 -11.84 22.50 -51.95
C SER G 74 -11.95 21.03 -51.57
N LYS G 75 -11.12 20.17 -52.15
CA LYS G 75 -11.06 18.76 -51.78
C LYS G 75 -9.82 18.44 -50.95
N ASN G 76 -8.94 19.42 -50.73
CA ASN G 76 -7.69 19.24 -50.00
C ASN G 76 -6.93 18.01 -50.52
N THR G 77 -6.71 17.99 -51.83
CA THR G 77 -6.13 16.85 -52.50
C THR G 77 -4.99 17.28 -53.41
N LEU G 78 -3.92 16.49 -53.40
CA LEU G 78 -2.80 16.68 -54.30
C LEU G 78 -2.90 15.67 -55.44
N TYR G 79 -2.56 16.10 -56.64
CA TYR G 79 -2.70 15.26 -57.83
C TYR G 79 -1.37 15.18 -58.56
N LEU G 80 -1.15 14.04 -59.22
CA LEU G 80 -0.05 13.90 -60.17
C LEU G 80 -0.65 13.38 -61.47
N GLN G 81 -0.60 14.20 -62.51
CA GLN G 81 -1.03 13.79 -63.84
C GLN G 81 0.15 13.21 -64.58
N MET G 82 -0.01 11.99 -65.10
CA MET G 82 1.05 11.31 -65.83
C MET G 82 0.58 11.00 -67.24
N ASN G 83 1.29 11.54 -68.22
CA ASN G 83 1.01 11.29 -69.63
C ASN G 83 2.22 10.67 -70.30
N SER G 84 1.98 10.03 -71.45
CA SER G 84 3.04 9.44 -72.27
C SER G 84 3.86 8.43 -71.47
N LEU G 85 3.15 7.57 -70.75
CA LEU G 85 3.80 6.64 -69.83
C LEU G 85 4.67 5.63 -70.57
N ARG G 86 5.71 5.16 -69.88
CA ARG G 86 6.66 4.18 -70.41
C ARG G 86 6.88 3.08 -69.39
N ALA G 87 7.58 2.03 -69.81
CA ALA G 87 7.90 0.93 -68.90
C ALA G 87 8.78 1.40 -67.74
N GLU G 88 9.63 2.40 -67.98
CA GLU G 88 10.49 2.91 -66.92
C GLU G 88 9.68 3.52 -65.78
N ASP G 89 8.50 4.06 -66.08
CA ASP G 89 7.64 4.67 -65.08
C ASP G 89 6.90 3.66 -64.22
N THR G 90 7.09 2.36 -64.46
CA THR G 90 6.50 1.34 -63.60
C THR G 90 7.14 1.42 -62.22
N ALA G 91 6.34 1.73 -61.21
CA ALA G 91 6.84 1.93 -59.86
C ALA G 91 5.67 1.99 -58.89
N VAL G 92 5.99 2.03 -57.61
CA VAL G 92 5.04 2.39 -56.57
C VAL G 92 5.21 3.87 -56.28
N TYR G 93 4.13 4.62 -56.32
CA TYR G 93 4.19 6.07 -56.17
C TYR G 93 3.67 6.50 -54.81
N TYR G 94 4.39 7.43 -54.17
CA TYR G 94 4.06 7.95 -52.85
C TYR G 94 3.93 9.47 -52.91
N CYS G 95 2.92 10.00 -52.23
CA CYS G 95 2.82 11.43 -51.95
C CYS G 95 3.34 11.69 -50.54
N ALA G 96 3.88 12.89 -50.33
CA ALA G 96 4.45 13.24 -49.03
C ALA G 96 4.41 14.75 -48.83
N ARG G 97 4.36 15.16 -47.57
CA ARG G 97 4.61 16.55 -47.24
C ARG G 97 6.09 16.84 -47.40
N GLY G 98 6.40 18.11 -47.57
CA GLY G 98 7.78 18.53 -47.69
C GLY G 98 8.31 18.40 -49.11
N GLU G 99 9.61 18.67 -49.23
CA GLU G 99 10.33 18.50 -50.48
C GLU G 99 11.62 17.70 -50.29
N GLY G 100 11.68 16.85 -49.27
CA GLY G 100 12.88 16.08 -49.01
C GLY G 100 14.01 16.85 -48.36
N GLY G 101 13.69 17.96 -47.68
CA GLY G 101 14.69 18.83 -47.09
C GLY G 101 15.10 18.39 -45.69
N SER G 102 15.87 19.26 -45.05
CA SER G 102 16.44 19.01 -43.73
C SER G 102 16.00 20.05 -42.70
N ILE G 103 14.87 20.72 -42.95
CA ILE G 103 14.28 21.68 -42.02
C ILE G 103 12.80 21.34 -41.90
N VAL G 104 12.24 21.50 -40.69
CA VAL G 104 10.99 20.83 -40.34
C VAL G 104 9.91 21.07 -41.37
N GLY G 105 9.63 22.34 -41.66
CA GLY G 105 8.58 22.64 -42.62
C GLY G 105 8.80 22.06 -44.00
N VAL G 106 10.05 21.74 -44.35
CA VAL G 106 10.36 21.16 -45.66
C VAL G 106 10.88 19.74 -45.57
N THR G 107 10.99 19.16 -44.37
CA THR G 107 11.28 17.73 -44.28
C THR G 107 10.04 16.93 -44.65
N SER G 108 10.28 15.74 -45.21
CA SER G 108 9.19 14.86 -45.62
C SER G 108 8.90 13.91 -44.46
N ASP G 109 7.96 14.31 -43.61
CA ASP G 109 7.62 13.58 -42.38
C ASP G 109 6.37 12.74 -42.50
N TYR G 110 5.41 13.13 -43.33
CA TYR G 110 4.19 12.36 -43.55
C TYR G 110 4.16 11.85 -44.98
N TRP G 111 3.82 10.57 -45.14
CA TRP G 111 3.70 9.93 -46.44
C TRP G 111 2.34 9.29 -46.56
N GLY G 112 1.93 9.02 -47.81
CA GLY G 112 0.80 8.16 -48.06
C GLY G 112 1.21 6.70 -48.08
N GLN G 113 0.20 5.84 -48.29
CA GLN G 113 0.45 4.39 -48.26
C GLN G 113 1.07 3.88 -49.55
N GLY G 114 0.95 4.62 -50.65
CA GLY G 114 1.52 4.21 -51.91
C GLY G 114 0.49 3.54 -52.81
N THR G 115 0.74 3.62 -54.12
CA THR G 115 -0.08 2.94 -55.11
C THR G 115 0.82 2.39 -56.20
N LEU G 116 0.55 1.15 -56.61
CA LEU G 116 1.31 0.54 -57.70
C LEU G 116 0.82 1.04 -59.05
N VAL G 117 1.75 1.41 -59.91
CA VAL G 117 1.45 1.78 -61.30
C VAL G 117 2.24 0.86 -62.21
N THR G 118 1.54 0.20 -63.13
CA THR G 118 2.14 -0.79 -64.02
C THR G 118 1.91 -0.36 -65.47
N VAL G 119 3.00 -0.10 -66.17
CA VAL G 119 2.95 0.33 -67.58
C VAL G 119 3.36 -0.87 -68.42
N SER G 120 2.39 -1.52 -69.05
CA SER G 120 2.66 -2.73 -69.81
C SER G 120 1.64 -2.88 -70.93
N SER G 121 2.08 -3.48 -72.04
CA SER G 121 1.18 -3.83 -73.13
C SER G 121 0.32 -5.04 -72.80
N ALA G 122 0.71 -5.84 -71.82
CA ALA G 122 0.01 -7.08 -71.53
C ALA G 122 -1.41 -6.81 -71.04
N SER G 123 -2.26 -7.82 -71.18
CA SER G 123 -3.65 -7.73 -70.75
C SER G 123 -3.81 -8.29 -69.35
N THR G 124 -4.92 -7.94 -68.72
CA THR G 124 -5.26 -8.48 -67.42
C THR G 124 -5.67 -9.95 -67.56
N LYS G 125 -5.19 -10.78 -66.64
CA LYS G 125 -5.50 -12.20 -66.65
C LYS G 125 -5.62 -12.68 -65.21
N GLY G 126 -6.70 -13.39 -64.91
CA GLY G 126 -6.92 -13.94 -63.60
C GLY G 126 -6.21 -15.26 -63.43
N PRO G 127 -5.99 -15.68 -62.19
CA PRO G 127 -5.14 -16.83 -61.94
C PRO G 127 -5.90 -18.15 -61.87
N SER G 128 -5.16 -19.22 -62.14
CA SER G 128 -5.60 -20.57 -61.81
C SER G 128 -5.08 -20.94 -60.43
N VAL G 129 -5.86 -21.72 -59.69
CA VAL G 129 -5.55 -22.07 -58.31
C VAL G 129 -5.55 -23.59 -58.18
N PHE G 130 -4.38 -24.18 -57.97
CA PHE G 130 -4.23 -25.63 -57.88
C PHE G 130 -3.82 -26.05 -56.47
N PRO G 131 -4.27 -27.23 -56.02
CA PRO G 131 -3.94 -27.66 -54.66
C PRO G 131 -2.54 -28.23 -54.55
N LEU G 132 -1.86 -27.86 -53.48
CA LEU G 132 -0.62 -28.52 -53.04
C LEU G 132 -1.02 -29.44 -51.90
N ALA G 133 -1.32 -30.69 -52.24
CA ALA G 133 -1.96 -31.61 -51.31
C ALA G 133 -0.95 -32.25 -50.37
N PRO G 134 -1.33 -32.52 -49.12
CA PRO G 134 -0.44 -33.25 -48.21
C PRO G 134 -0.26 -34.69 -48.65
N SER G 135 0.93 -35.22 -48.38
CA SER G 135 1.18 -36.64 -48.55
C SER G 135 1.03 -37.37 -47.23
N SER G 136 1.99 -38.24 -46.92
CA SER G 136 1.93 -39.00 -45.68
C SER G 136 1.98 -38.04 -44.49
N GLY G 141 1.85 -39.10 -36.75
CA GLY G 141 2.51 -38.13 -35.89
C GLY G 141 3.33 -37.11 -36.66
N GLY G 142 3.67 -36.00 -36.00
CA GLY G 142 4.42 -34.94 -36.63
C GLY G 142 3.52 -33.89 -37.27
N THR G 143 4.16 -33.01 -38.02
CA THR G 143 3.47 -31.97 -38.78
C THR G 143 3.44 -32.32 -40.26
N ALA G 144 2.50 -31.69 -40.97
CA ALA G 144 2.37 -31.87 -42.42
C ALA G 144 2.11 -30.52 -43.06
N ALA G 145 2.43 -30.43 -44.36
CA ALA G 145 2.40 -29.18 -45.10
C ALA G 145 1.43 -29.27 -46.28
N LEU G 146 0.73 -28.16 -46.53
CA LEU G 146 -0.20 -28.06 -47.66
C LEU G 146 -0.21 -26.62 -48.14
N GLY G 147 -0.85 -26.39 -49.28
CA GLY G 147 -0.92 -25.05 -49.79
C GLY G 147 -1.63 -24.96 -51.12
N CYS G 148 -1.57 -23.77 -51.71
CA CYS G 148 -2.22 -23.43 -52.97
C CYS G 148 -1.20 -22.83 -53.92
N LEU G 149 -1.17 -23.31 -55.16
CA LEU G 149 -0.36 -22.71 -56.21
C LEU G 149 -1.25 -21.78 -57.03
N VAL G 150 -0.88 -20.50 -57.08
CA VAL G 150 -1.66 -19.46 -57.73
C VAL G 150 -0.89 -19.05 -58.97
N LYS G 151 -1.24 -19.62 -60.13
CA LYS G 151 -0.42 -19.56 -61.31
C LYS G 151 -1.04 -18.66 -62.39
N ASP G 152 -0.15 -18.00 -63.16
CA ASP G 152 -0.49 -17.31 -64.39
C ASP G 152 -1.57 -16.24 -64.21
N TYR G 153 -1.17 -15.07 -63.69
CA TYR G 153 -2.06 -13.94 -63.55
C TYR G 153 -1.29 -12.66 -63.88
N PHE G 154 -2.03 -11.58 -64.12
CA PHE G 154 -1.44 -10.28 -64.44
C PHE G 154 -2.50 -9.21 -64.31
N PRO G 155 -2.17 -8.03 -63.77
CA PRO G 155 -0.89 -7.69 -63.15
C PRO G 155 -0.93 -8.01 -61.66
N GLU G 156 0.06 -7.55 -60.91
CA GLU G 156 0.00 -7.67 -59.46
C GLU G 156 -1.04 -6.68 -58.91
N PRO G 157 -1.53 -6.91 -57.69
CA PRO G 157 -1.23 -7.99 -56.75
C PRO G 157 -2.34 -9.02 -56.58
N VAL G 158 -2.02 -10.05 -55.80
CA VAL G 158 -2.95 -11.06 -55.34
C VAL G 158 -2.88 -11.10 -53.82
N THR G 159 -4.00 -11.42 -53.18
CA THR G 159 -4.00 -11.65 -51.74
C THR G 159 -4.56 -13.05 -51.47
N VAL G 160 -3.90 -13.75 -50.55
CA VAL G 160 -4.28 -15.10 -50.18
C VAL G 160 -4.49 -15.14 -48.68
N SER G 161 -5.62 -15.68 -48.26
CA SER G 161 -5.90 -15.99 -46.86
C SER G 161 -6.30 -17.44 -46.78
N TRP G 162 -6.49 -17.94 -45.56
CA TRP G 162 -6.85 -19.34 -45.35
C TRP G 162 -8.04 -19.41 -44.41
N ASN G 163 -9.07 -20.14 -44.84
CA ASN G 163 -10.31 -20.33 -44.07
C ASN G 163 -10.92 -18.99 -43.69
N SER G 164 -11.06 -18.11 -44.69
CA SER G 164 -11.68 -16.80 -44.56
C SER G 164 -10.97 -15.92 -43.53
N GLY G 165 -9.71 -16.22 -43.22
CA GLY G 165 -8.94 -15.47 -42.24
C GLY G 165 -8.76 -16.20 -40.92
N ALA G 166 -9.48 -17.29 -40.69
CA ALA G 166 -9.38 -17.99 -39.42
C ALA G 166 -7.96 -18.45 -39.16
N LEU G 167 -7.35 -19.12 -40.13
CA LEU G 167 -6.02 -19.67 -39.95
C LEU G 167 -4.96 -18.64 -40.36
N THR G 168 -3.99 -18.43 -39.48
CA THR G 168 -2.91 -17.49 -39.76
C THR G 168 -1.55 -17.95 -39.25
N SER G 169 -1.49 -18.70 -38.16
CA SER G 169 -0.22 -19.15 -37.61
C SER G 169 0.32 -20.32 -38.43
N GLY G 170 1.57 -20.20 -38.87
CA GLY G 170 2.18 -21.20 -39.72
C GLY G 170 2.03 -20.94 -41.21
N VAL G 171 1.52 -19.78 -41.60
CA VAL G 171 1.22 -19.48 -42.99
C VAL G 171 2.38 -18.72 -43.61
N HIS G 172 2.85 -19.18 -44.77
CA HIS G 172 3.87 -18.49 -45.55
C HIS G 172 3.32 -18.29 -46.96
N THR G 173 3.01 -17.05 -47.30
CA THR G 173 2.66 -16.67 -48.65
C THR G 173 3.91 -16.10 -49.30
N PHE G 174 4.32 -16.70 -50.41
CA PHE G 174 5.60 -16.27 -50.95
C PHE G 174 5.45 -15.09 -51.89
N PRO G 175 6.48 -14.26 -51.99
CA PRO G 175 6.49 -13.20 -53.00
C PRO G 175 6.33 -13.81 -54.38
N ALA G 176 5.58 -13.11 -55.24
CA ALA G 176 5.34 -13.61 -56.58
C ALA G 176 6.62 -13.52 -57.41
N VAL G 177 6.70 -14.37 -58.43
CA VAL G 177 7.81 -14.39 -59.37
C VAL G 177 7.25 -14.20 -60.77
N LEU G 178 7.97 -13.44 -61.59
CA LEU G 178 7.59 -13.20 -62.97
C LEU G 178 8.14 -14.33 -63.84
N GLN G 179 7.25 -15.00 -64.57
CA GLN G 179 7.63 -16.05 -65.48
C GLN G 179 7.95 -15.44 -66.85
N SER G 180 8.73 -16.19 -67.65
CA SER G 180 9.15 -15.68 -68.96
C SER G 180 7.98 -15.48 -69.90
N SER G 181 6.82 -16.06 -69.56
CA SER G 181 5.59 -15.81 -70.29
C SER G 181 5.08 -14.39 -70.12
N GLY G 182 5.59 -13.66 -69.11
CA GLY G 182 5.09 -12.35 -68.76
C GLY G 182 4.11 -12.35 -67.61
N LEU G 183 3.57 -13.52 -67.25
CA LEU G 183 2.60 -13.62 -66.18
C LEU G 183 3.29 -13.95 -64.84
N TYR G 184 2.60 -13.62 -63.76
CA TYR G 184 3.10 -13.83 -62.41
C TYR G 184 2.53 -15.12 -61.83
N SER G 185 3.19 -15.60 -60.77
CA SER G 185 2.76 -16.81 -60.09
C SER G 185 3.35 -16.82 -58.69
N LEU G 186 2.61 -17.40 -57.74
CA LEU G 186 3.06 -17.51 -56.36
C LEU G 186 2.45 -18.75 -55.71
N SER G 187 2.96 -19.08 -54.53
CA SER G 187 2.43 -20.17 -53.72
C SER G 187 2.22 -19.68 -52.28
N SER G 188 1.18 -20.20 -51.65
CA SER G 188 0.93 -20.01 -50.23
C SER G 188 0.83 -21.37 -49.58
N VAL G 189 1.62 -21.58 -48.52
CA VAL G 189 1.67 -22.87 -47.83
C VAL G 189 1.41 -22.64 -46.35
N VAL G 190 1.11 -23.72 -45.64
CA VAL G 190 0.86 -23.66 -44.21
C VAL G 190 1.12 -25.02 -43.58
N THR G 191 1.81 -25.01 -42.44
CA THR G 191 2.05 -26.23 -41.66
C THR G 191 0.93 -26.45 -40.66
N VAL G 192 0.61 -27.71 -40.43
CA VAL G 192 -0.58 -28.13 -39.69
C VAL G 192 -0.29 -29.48 -39.02
N PRO G 193 -0.84 -29.76 -37.84
CA PRO G 193 -0.72 -31.11 -37.27
C PRO G 193 -1.22 -32.19 -38.23
N SER G 194 -0.37 -33.19 -38.47
CA SER G 194 -0.70 -34.27 -39.40
C SER G 194 -1.96 -35.01 -38.97
N SER G 195 -2.15 -35.19 -37.66
CA SER G 195 -3.28 -35.97 -37.19
C SER G 195 -4.61 -35.29 -37.55
N SER G 196 -4.58 -33.99 -37.78
CA SER G 196 -5.80 -33.22 -38.04
C SER G 196 -5.95 -32.86 -39.51
N LEU G 197 -5.78 -33.85 -40.39
CA LEU G 197 -5.97 -33.66 -41.82
C LEU G 197 -7.37 -34.07 -42.26
N GLY G 198 -7.76 -35.31 -41.95
CA GLY G 198 -9.13 -35.72 -42.06
C GLY G 198 -9.86 -35.49 -40.74
N THR G 199 -10.31 -34.25 -40.54
CA THR G 199 -11.19 -33.77 -39.45
C THR G 199 -11.19 -32.25 -39.47
N GLN G 200 -10.25 -31.66 -40.20
CA GLN G 200 -10.19 -30.22 -40.43
C GLN G 200 -10.17 -29.95 -41.93
N THR G 201 -10.91 -28.93 -42.34
CA THR G 201 -10.99 -28.53 -43.74
C THR G 201 -10.17 -27.26 -43.94
N TYR G 202 -9.39 -27.23 -45.01
CA TYR G 202 -8.50 -26.11 -45.31
C TYR G 202 -8.85 -25.54 -46.67
N ILE G 203 -9.34 -24.31 -46.68
CA ILE G 203 -9.77 -23.61 -47.89
C ILE G 203 -8.90 -22.37 -48.03
N CYS G 204 -8.18 -22.26 -49.13
CA CYS G 204 -7.42 -21.06 -49.42
C CYS G 204 -8.29 -20.11 -50.24
N ASN G 205 -8.34 -18.85 -49.82
CA ASN G 205 -9.15 -17.83 -50.48
C ASN G 205 -8.21 -16.93 -51.28
N VAL G 206 -8.25 -17.06 -52.59
CA VAL G 206 -7.41 -16.26 -53.49
C VAL G 206 -8.25 -15.11 -54.02
N ASN G 207 -7.63 -13.93 -54.11
CA ASN G 207 -8.33 -12.72 -54.54
C ASN G 207 -7.41 -11.89 -55.43
N HIS G 208 -7.81 -11.73 -56.69
CA HIS G 208 -7.08 -10.91 -57.67
C HIS G 208 -8.01 -9.80 -58.10
N LYS G 209 -7.84 -8.61 -57.49
CA LYS G 209 -8.73 -7.50 -57.77
C LYS G 209 -8.74 -7.04 -59.23
N PRO G 210 -7.60 -6.93 -59.93
CA PRO G 210 -7.66 -6.41 -61.31
C PRO G 210 -8.58 -7.20 -62.25
N SER G 211 -8.69 -8.51 -62.07
CA SER G 211 -9.57 -9.32 -62.90
C SER G 211 -10.87 -9.69 -62.20
N ASN G 212 -11.13 -9.12 -61.02
CA ASN G 212 -12.34 -9.38 -60.26
C ASN G 212 -12.49 -10.85 -59.90
N THR G 213 -11.37 -11.52 -59.65
CA THR G 213 -11.36 -12.95 -59.38
C THR G 213 -11.40 -13.20 -57.88
N LYS G 214 -12.40 -13.97 -57.44
CA LYS G 214 -12.45 -14.50 -56.09
C LYS G 214 -12.60 -16.01 -56.22
N VAL G 215 -11.62 -16.75 -55.67
CA VAL G 215 -11.59 -18.20 -55.79
C VAL G 215 -11.35 -18.80 -54.41
N ASP G 216 -12.04 -19.89 -54.11
CA ASP G 216 -11.87 -20.64 -52.87
C ASP G 216 -11.64 -22.10 -53.23
N LYS G 217 -10.43 -22.59 -52.99
CA LYS G 217 -10.06 -23.96 -53.35
C LYS G 217 -9.87 -24.77 -52.08
N LYS G 218 -10.63 -25.86 -51.95
CA LYS G 218 -10.43 -26.81 -50.87
C LYS G 218 -9.28 -27.75 -51.20
N VAL G 219 -8.37 -27.93 -50.25
CA VAL G 219 -7.17 -28.72 -50.45
C VAL G 219 -7.34 -30.04 -49.69
N GLU G 220 -7.54 -31.13 -50.44
CA GLU G 220 -7.82 -32.43 -49.85
C GLU G 220 -6.65 -33.37 -49.99
N PRO G 221 -6.37 -34.20 -48.97
CA PRO G 221 -5.29 -35.19 -49.08
C PRO G 221 -5.59 -36.23 -50.15
N LYS G 222 -4.57 -36.51 -50.97
CA LYS G 222 -4.57 -37.55 -52.02
C LYS G 222 -5.93 -38.09 -52.45
N GLU H 1 -23.40 6.92 53.01
CA GLU H 1 -24.59 6.20 53.42
C GLU H 1 -24.23 4.97 54.25
N VAL H 2 -24.48 3.79 53.68
CA VAL H 2 -24.09 2.54 54.31
C VAL H 2 -22.60 2.32 54.06
N GLN H 3 -21.84 2.09 55.11
CA GLN H 3 -20.39 1.94 54.98
C GLN H 3 -19.86 1.01 56.04
N LEU H 4 -18.68 0.45 55.76
CA LEU H 4 -17.91 -0.35 56.71
C LEU H 4 -16.55 0.32 56.85
N VAL H 5 -16.27 0.87 58.03
CA VAL H 5 -15.01 1.55 58.30
C VAL H 5 -14.14 0.63 59.13
N GLN H 6 -12.97 0.28 58.58
CA GLN H 6 -12.06 -0.66 59.21
C GLN H 6 -11.02 0.05 60.07
N SER H 7 -10.36 -0.71 60.93
CA SER H 7 -9.34 -0.16 61.80
C SER H 7 -8.42 -1.26 62.31
N GLY H 8 -7.20 -0.86 62.65
CA GLY H 8 -6.33 -1.67 63.48
C GLY H 8 -5.44 -2.70 62.82
N GLY H 9 -4.80 -2.33 61.71
CA GLY H 9 -3.80 -3.19 61.07
C GLY H 9 -2.42 -3.00 61.65
N GLY H 10 -1.40 -3.25 60.83
CA GLY H 10 -0.06 -2.84 61.19
C GLY H 10 0.96 -3.96 61.05
N LEU H 11 2.14 -3.69 61.62
CA LEU H 11 3.28 -4.59 61.62
C LEU H 11 3.30 -5.42 62.90
N VAL H 12 3.74 -6.68 62.79
CA VAL H 12 3.77 -7.59 63.92
C VAL H 12 4.76 -8.70 63.61
N LYS H 13 5.40 -9.23 64.65
CA LYS H 13 6.42 -10.26 64.52
C LYS H 13 5.76 -11.64 64.43
N PRO H 14 6.42 -12.59 63.76
CA PRO H 14 5.90 -13.96 63.73
C PRO H 14 5.64 -14.49 65.13
N GLY H 15 4.47 -15.09 65.32
CA GLY H 15 4.03 -15.57 66.61
C GLY H 15 3.21 -14.58 67.41
N GLY H 16 3.14 -13.31 66.99
CA GLY H 16 2.38 -12.30 67.70
C GLY H 16 0.92 -12.28 67.30
N SER H 17 0.19 -11.33 67.89
CA SER H 17 -1.25 -11.24 67.72
C SER H 17 -1.66 -9.81 67.36
N LEU H 18 -2.90 -9.68 66.87
CA LEU H 18 -3.43 -8.45 66.33
C LEU H 18 -4.94 -8.59 66.17
N ARG H 19 -5.68 -7.50 66.42
CA ARG H 19 -7.13 -7.49 66.31
C ARG H 19 -7.58 -6.45 65.30
N LEU H 20 -8.33 -6.87 64.29
CA LEU H 20 -8.92 -5.97 63.33
C LEU H 20 -10.33 -5.57 63.77
N SER H 21 -10.71 -4.35 63.41
CA SER H 21 -12.01 -3.80 63.76
C SER H 21 -12.73 -3.33 62.51
N CYS H 22 -14.04 -3.55 62.47
CA CYS H 22 -14.89 -3.10 61.37
C CYS H 22 -16.17 -2.52 61.98
N ALA H 23 -16.21 -1.20 62.11
CA ALA H 23 -17.41 -0.52 62.58
C ALA H 23 -18.34 -0.27 61.40
N ALA H 24 -19.62 -0.58 61.58
CA ALA H 24 -20.60 -0.54 60.51
C ALA H 24 -21.62 0.57 60.74
N SER H 25 -22.08 1.15 59.62
CA SER H 25 -23.09 2.20 59.64
C SER H 25 -24.12 1.90 58.57
N GLY H 26 -25.40 1.95 58.93
CA GLY H 26 -26.47 1.57 58.04
C GLY H 26 -26.74 0.09 57.97
N ILE H 27 -26.03 -0.72 58.75
CA ILE H 27 -26.12 -2.17 58.71
C ILE H 27 -25.93 -2.69 60.12
N THR H 28 -26.79 -3.60 60.55
CA THR H 28 -26.68 -4.20 61.88
C THR H 28 -25.81 -5.45 61.80
N VAL H 29 -24.58 -5.34 62.29
CA VAL H 29 -23.63 -6.44 62.20
C VAL H 29 -24.21 -7.70 62.82
N SER H 30 -24.90 -7.55 63.95
CA SER H 30 -25.46 -8.70 64.64
C SER H 30 -26.59 -9.38 63.86
N SER H 31 -27.19 -8.68 62.90
CA SER H 31 -28.33 -9.20 62.16
C SER H 31 -27.95 -9.81 60.81
N ASN H 32 -26.67 -9.82 60.45
CA ASN H 32 -26.26 -10.17 59.10
C ASN H 32 -25.22 -11.29 59.12
N TYR H 33 -25.14 -11.99 57.99
CA TYR H 33 -23.93 -12.73 57.69
C TYR H 33 -22.78 -11.73 57.51
N MET H 34 -21.64 -12.01 58.14
CA MET H 34 -20.48 -11.13 58.04
C MET H 34 -19.24 -11.95 57.79
N SER H 35 -18.18 -11.28 57.31
CA SER H 35 -17.07 -12.02 56.74
C SER H 35 -15.77 -11.25 56.82
N TRP H 36 -14.67 -12.00 56.80
CA TRP H 36 -13.34 -11.45 56.67
C TRP H 36 -12.66 -12.13 55.49
N VAL H 37 -12.21 -11.31 54.53
CA VAL H 37 -11.48 -11.78 53.34
C VAL H 37 -10.13 -11.09 53.34
N ARG H 38 -9.12 -11.74 52.76
CA ARG H 38 -7.79 -11.17 52.69
C ARG H 38 -7.20 -11.33 51.29
N GLN H 39 -6.14 -10.58 51.04
CA GLN H 39 -5.48 -10.53 49.73
C GLN H 39 -3.98 -10.36 49.96
N ALA H 40 -3.22 -11.42 49.76
CA ALA H 40 -1.76 -11.33 49.84
C ALA H 40 -1.24 -10.51 48.67
N PRO H 41 -0.04 -9.89 48.81
CA PRO H 41 0.43 -8.94 47.79
C PRO H 41 0.42 -9.48 46.37
N GLY H 42 -0.34 -8.82 45.50
CA GLY H 42 -0.38 -9.18 44.09
C GLY H 42 -1.00 -10.53 43.79
N LYS H 43 -1.97 -10.98 44.60
CA LYS H 43 -2.58 -12.29 44.47
C LYS H 43 -4.09 -12.16 44.50
N GLY H 44 -4.78 -13.30 44.45
CA GLY H 44 -6.22 -13.33 44.47
C GLY H 44 -6.79 -13.27 45.88
N LEU H 45 -8.12 -13.14 45.94
CA LEU H 45 -8.80 -13.03 47.22
C LEU H 45 -8.92 -14.39 47.89
N GLU H 46 -8.80 -14.41 49.21
CA GLU H 46 -8.96 -15.63 50.00
C GLU H 46 -9.95 -15.37 51.12
N TRP H 47 -11.00 -16.17 51.17
CA TRP H 47 -11.96 -16.03 52.24
C TRP H 47 -11.41 -16.62 53.52
N VAL H 48 -11.45 -15.85 54.60
CA VAL H 48 -10.84 -16.22 55.87
C VAL H 48 -11.86 -16.75 56.86
N SER H 49 -12.96 -16.01 57.05
CA SER H 49 -13.88 -16.33 58.13
C SER H 49 -15.25 -15.74 57.83
N VAL H 50 -16.28 -16.44 58.31
CA VAL H 50 -17.68 -16.02 58.21
C VAL H 50 -18.36 -16.21 59.56
N ILE H 51 -19.31 -15.33 59.85
CA ILE H 51 -20.13 -15.45 61.05
C ILE H 51 -21.60 -15.27 60.68
N TYR H 52 -22.44 -16.14 61.23
CA TYR H 52 -23.89 -16.05 61.06
C TYR H 52 -24.48 -15.11 62.10
N SER H 53 -25.68 -14.61 61.79
CA SER H 53 -26.36 -13.73 62.74
C SER H 53 -26.73 -14.47 64.02
N GLY H 54 -26.93 -15.78 63.94
CA GLY H 54 -27.17 -16.59 65.12
C GLY H 54 -25.92 -16.95 65.91
N GLY H 55 -24.74 -16.69 65.36
CA GLY H 55 -23.49 -16.85 66.09
C GLY H 55 -22.53 -17.88 65.54
N SER H 56 -22.96 -18.79 64.66
CA SER H 56 -22.06 -19.82 64.15
C SER H 56 -20.93 -19.18 63.34
N THR H 57 -19.76 -19.80 63.40
CA THR H 57 -18.56 -19.28 62.77
C THR H 57 -17.94 -20.36 61.90
N TYR H 58 -17.22 -19.92 60.86
CA TYR H 58 -16.49 -20.82 59.98
C TYR H 58 -15.17 -20.17 59.61
N TYR H 59 -14.19 -21.00 59.25
CA TYR H 59 -12.84 -20.53 59.03
C TYR H 59 -12.21 -21.32 57.88
N ALA H 60 -11.34 -20.65 57.14
CA ALA H 60 -10.48 -21.35 56.20
C ALA H 60 -9.49 -22.22 56.96
N ASP H 61 -9.11 -23.35 56.36
CA ASP H 61 -8.23 -24.29 57.03
C ASP H 61 -6.90 -23.65 57.43
N SER H 62 -6.44 -22.66 56.65
CA SER H 62 -5.13 -22.08 56.89
C SER H 62 -5.08 -21.31 58.20
N VAL H 63 -6.22 -20.82 58.67
CA VAL H 63 -6.29 -20.00 59.88
C VAL H 63 -7.10 -20.66 60.99
N LYS H 64 -7.64 -21.86 60.77
CA LYS H 64 -8.45 -22.50 61.79
C LYS H 64 -7.64 -22.76 63.05
N GLY H 65 -8.20 -22.40 64.21
CA GLY H 65 -7.53 -22.48 65.47
C GLY H 65 -6.78 -21.22 65.86
N ARG H 66 -6.26 -20.48 64.88
CA ARG H 66 -5.48 -19.29 65.17
C ARG H 66 -6.30 -18.01 65.14
N PHE H 67 -7.33 -17.94 64.29
CA PHE H 67 -8.16 -16.74 64.16
C PHE H 67 -9.48 -16.92 64.90
N THR H 68 -10.08 -15.79 65.25
CA THR H 68 -11.38 -15.78 65.92
C THR H 68 -12.18 -14.57 65.46
N ILE H 69 -13.33 -14.82 64.83
CA ILE H 69 -14.25 -13.76 64.42
C ILE H 69 -15.25 -13.56 65.54
N SER H 70 -15.65 -12.31 65.77
CA SER H 70 -16.63 -11.98 66.79
C SER H 70 -17.19 -10.60 66.49
N ARG H 71 -18.12 -10.15 67.33
CA ARG H 71 -18.78 -8.87 67.11
C ARG H 71 -19.27 -8.33 68.44
N ASP H 72 -19.53 -7.02 68.46
CA ASP H 72 -20.11 -6.35 69.62
C ASP H 72 -21.29 -5.53 69.16
N ASN H 73 -22.49 -5.90 69.62
CA ASN H 73 -23.71 -5.25 69.15
C ASN H 73 -23.80 -3.80 69.62
N SER H 74 -23.27 -3.50 70.81
CA SER H 74 -23.43 -2.16 71.37
C SER H 74 -22.60 -1.13 70.61
N LYS H 75 -21.48 -1.53 70.01
CA LYS H 75 -20.70 -0.65 69.16
C LYS H 75 -20.95 -0.91 67.67
N ASN H 76 -21.80 -1.88 67.35
CA ASN H 76 -22.08 -2.27 65.96
C ASN H 76 -20.78 -2.47 65.19
N THR H 77 -19.97 -3.40 65.68
CA THR H 77 -18.64 -3.61 65.15
C THR H 77 -18.34 -5.09 65.03
N LEU H 78 -17.62 -5.45 63.97
CA LEU H 78 -17.15 -6.81 63.73
C LEU H 78 -15.66 -6.86 64.02
N TYR H 79 -15.20 -7.98 64.58
CA TYR H 79 -13.81 -8.12 64.99
C TYR H 79 -13.21 -9.38 64.38
N LEU H 80 -11.90 -9.33 64.14
CA LEU H 80 -11.12 -10.52 63.79
C LEU H 80 -9.88 -10.55 64.67
N GLN H 81 -9.82 -11.52 65.58
CA GLN H 81 -8.68 -11.71 66.47
C GLN H 81 -7.71 -12.69 65.81
N MET H 82 -6.49 -12.23 65.55
CA MET H 82 -5.48 -13.03 64.85
C MET H 82 -4.35 -13.35 65.82
N ASN H 83 -4.12 -14.65 66.05
CA ASN H 83 -3.06 -15.10 66.93
C ASN H 83 -2.12 -16.04 66.18
N SER H 84 -0.91 -16.19 66.73
CA SER H 84 0.12 -17.05 66.15
C SER H 84 0.38 -16.68 64.69
N LEU H 85 0.52 -15.38 64.43
CA LEU H 85 0.66 -14.89 63.07
C LEU H 85 1.92 -15.43 62.42
N ARG H 86 1.90 -15.47 61.09
CA ARG H 86 2.99 -16.05 60.32
C ARG H 86 3.15 -15.23 59.05
N ALA H 87 4.25 -15.47 58.33
CA ALA H 87 4.52 -14.71 57.12
C ALA H 87 3.46 -14.95 56.05
N GLU H 88 2.82 -16.13 56.06
CA GLU H 88 1.76 -16.42 55.10
C GLU H 88 0.53 -15.55 55.33
N ASP H 89 0.36 -15.00 56.54
CA ASP H 89 -0.80 -14.18 56.85
C ASP H 89 -0.64 -12.72 56.43
N THR H 90 0.54 -12.33 55.94
CA THR H 90 0.72 -10.98 55.42
C THR H 90 -0.20 -10.74 54.24
N ALA H 91 -1.08 -9.76 54.38
CA ALA H 91 -2.10 -9.50 53.36
C ALA H 91 -2.86 -8.23 53.74
N VAL H 92 -3.73 -7.81 52.82
CA VAL H 92 -4.70 -6.75 53.07
C VAL H 92 -6.03 -7.40 53.44
N TYR H 93 -6.59 -7.01 54.58
CA TYR H 93 -7.76 -7.66 55.13
C TYR H 93 -8.99 -6.77 54.99
N TYR H 94 -10.05 -7.35 54.45
CA TYR H 94 -11.31 -6.65 54.22
C TYR H 94 -12.42 -7.28 55.05
N CYS H 95 -13.23 -6.44 55.69
CA CYS H 95 -14.52 -6.90 56.21
C CYS H 95 -15.58 -6.69 55.14
N ALA H 96 -16.63 -7.50 55.20
CA ALA H 96 -17.72 -7.37 54.24
C ALA H 96 -18.97 -8.03 54.80
N ARG H 97 -20.11 -7.40 54.60
CA ARG H 97 -21.37 -8.09 54.81
C ARG H 97 -21.50 -9.24 53.82
N GLY H 98 -22.23 -10.28 54.23
CA GLY H 98 -22.50 -11.41 53.38
C GLY H 98 -21.45 -12.51 53.52
N GLU H 99 -21.73 -13.62 52.84
CA GLU H 99 -20.96 -14.85 52.96
C GLU H 99 -20.24 -15.18 51.65
N GLY H 100 -20.24 -14.26 50.69
CA GLY H 100 -19.76 -14.60 49.37
C GLY H 100 -20.74 -15.47 48.62
N GLY H 101 -22.03 -15.34 48.94
CA GLY H 101 -23.06 -16.12 48.30
C GLY H 101 -23.56 -15.47 47.03
N SER H 102 -24.63 -16.06 46.49
CA SER H 102 -25.20 -15.60 45.23
C SER H 102 -26.68 -15.24 45.37
N ILE H 103 -27.13 -14.95 46.58
CA ILE H 103 -28.50 -14.52 46.85
C ILE H 103 -28.44 -13.20 47.60
N VAL H 104 -29.34 -12.27 47.26
CA VAL H 104 -29.37 -10.98 47.93
C VAL H 104 -29.48 -11.20 49.44
N GLY H 105 -28.58 -10.58 50.20
CA GLY H 105 -28.53 -10.78 51.63
C GLY H 105 -27.28 -11.54 52.06
N VAL H 106 -26.86 -12.50 51.24
CA VAL H 106 -25.59 -13.20 51.41
C VAL H 106 -24.60 -12.85 50.30
N THR H 107 -24.91 -11.83 49.49
CA THR H 107 -24.17 -11.59 48.25
C THR H 107 -22.73 -11.16 48.51
N SER H 108 -22.53 -10.32 49.54
CA SER H 108 -21.30 -9.56 49.81
C SER H 108 -21.25 -8.32 48.92
N ASP H 109 -22.14 -7.37 49.18
CA ASP H 109 -22.26 -6.15 48.39
C ASP H 109 -21.47 -4.99 48.98
N TYR H 110 -21.33 -4.92 50.30
CA TYR H 110 -20.63 -3.85 50.97
C TYR H 110 -19.31 -4.35 51.56
N TRP H 111 -18.26 -3.57 51.36
CA TRP H 111 -16.92 -3.92 51.82
C TRP H 111 -16.32 -2.75 52.59
N GLY H 112 -15.37 -3.08 53.47
CA GLY H 112 -14.54 -2.06 54.08
C GLY H 112 -13.39 -1.66 53.20
N GLN H 113 -12.69 -0.60 53.61
CA GLN H 113 -11.61 -0.05 52.79
C GLN H 113 -10.37 -0.93 52.77
N GLY H 114 -10.27 -1.90 53.66
CA GLY H 114 -9.08 -2.73 53.73
C GLY H 114 -8.01 -2.16 54.64
N THR H 115 -7.25 -3.06 55.26
CA THR H 115 -6.11 -2.68 56.08
C THR H 115 -4.96 -3.64 55.82
N LEU H 116 -3.75 -3.10 55.75
CA LEU H 116 -2.56 -3.92 55.55
C LEU H 116 -2.14 -4.55 56.87
N VAL H 117 -1.87 -5.85 56.85
CA VAL H 117 -1.29 -6.57 57.97
C VAL H 117 0.05 -7.13 57.52
N THR H 118 1.11 -6.78 58.24
CA THR H 118 2.47 -7.19 57.90
C THR H 118 3.02 -8.05 59.02
N VAL H 119 3.36 -9.29 58.70
CA VAL H 119 3.99 -10.21 59.65
C VAL H 119 5.45 -10.36 59.23
N SER H 120 6.36 -9.74 59.98
CA SER H 120 7.76 -9.78 59.63
C SER H 120 8.61 -9.61 60.89
N SER H 121 9.84 -10.11 60.81
CA SER H 121 10.84 -9.85 61.85
C SER H 121 11.51 -8.49 61.68
N ALA H 122 11.29 -7.83 60.55
CA ALA H 122 11.97 -6.57 60.25
C ALA H 122 11.44 -5.44 61.14
N SER H 123 12.33 -4.50 61.43
CA SER H 123 11.96 -3.35 62.25
C SER H 123 11.33 -2.26 61.38
N THR H 124 10.64 -1.34 62.04
CA THR H 124 10.03 -0.21 61.37
C THR H 124 11.07 0.90 61.16
N LYS H 125 11.00 1.55 60.00
CA LYS H 125 11.88 2.68 59.72
C LYS H 125 11.09 3.77 59.00
N GLY H 126 11.20 4.99 59.49
CA GLY H 126 10.53 6.12 58.90
C GLY H 126 11.22 6.58 57.63
N PRO H 127 10.52 7.38 56.83
CA PRO H 127 11.09 7.84 55.57
C PRO H 127 11.75 9.21 55.66
N SER H 128 12.76 9.39 54.80
CA SER H 128 13.34 10.70 54.56
C SER H 128 12.61 11.34 53.39
N VAL H 129 12.34 12.64 53.49
CA VAL H 129 11.59 13.37 52.48
C VAL H 129 12.47 14.47 51.93
N PHE H 130 12.75 14.42 50.62
CA PHE H 130 13.60 15.36 49.91
C PHE H 130 12.81 16.09 48.81
N PRO H 131 13.13 17.35 48.54
CA PRO H 131 12.37 18.10 47.53
C PRO H 131 12.88 17.93 46.10
N LEU H 132 11.97 17.70 45.16
CA LEU H 132 12.29 17.64 43.73
C LEU H 132 11.95 19.00 43.14
N ALA H 133 12.97 19.83 42.94
CA ALA H 133 12.75 21.24 42.63
C ALA H 133 12.48 21.47 41.15
N PRO H 134 11.65 22.46 40.81
CA PRO H 134 11.42 22.79 39.40
C PRO H 134 12.68 23.32 38.74
N SER H 135 12.75 23.14 37.41
CA SER H 135 13.96 23.39 36.64
C SER H 135 14.29 24.86 36.47
N SER H 136 13.48 25.58 35.69
CA SER H 136 13.74 26.98 35.35
C SER H 136 15.11 27.16 34.68
N GLY H 142 5.34 25.88 29.00
CA GLY H 142 4.25 26.54 29.70
C GLY H 142 4.05 26.02 31.11
N THR H 143 4.17 24.70 31.28
CA THR H 143 4.00 24.05 32.56
C THR H 143 5.34 23.58 33.12
N ALA H 144 5.37 23.37 34.43
CA ALA H 144 6.57 22.95 35.13
C ALA H 144 6.23 21.92 36.20
N ALA H 145 7.18 21.04 36.49
CA ALA H 145 6.96 19.91 37.39
C ALA H 145 7.81 20.04 38.64
N LEU H 146 7.25 19.54 39.75
CA LEU H 146 7.92 19.53 41.03
C LEU H 146 7.37 18.37 41.84
N GLY H 147 8.08 17.99 42.89
CA GLY H 147 7.60 16.87 43.68
C GLY H 147 8.43 16.62 44.92
N CYS H 148 8.22 15.43 45.50
CA CYS H 148 8.82 15.03 46.76
C CYS H 148 9.30 13.59 46.66
N LEU H 149 10.55 13.34 47.03
CA LEU H 149 11.07 11.99 47.08
C LEU H 149 10.95 11.49 48.52
N VAL H 150 10.22 10.39 48.69
CA VAL H 150 10.01 9.76 50.00
C VAL H 150 10.81 8.47 50.00
N LYS H 151 11.94 8.47 50.70
CA LYS H 151 12.98 7.45 50.55
C LYS H 151 13.16 6.62 51.82
N ASP H 152 13.21 5.29 51.64
CA ASP H 152 13.76 4.35 52.61
C ASP H 152 12.89 4.26 53.88
N TYR H 153 11.77 3.55 53.72
CA TYR H 153 10.85 3.33 54.84
C TYR H 153 10.34 1.90 54.82
N PHE H 154 9.74 1.50 55.95
CA PHE H 154 9.16 0.18 56.15
C PHE H 154 8.34 0.16 57.44
N PRO H 155 7.15 -0.48 57.44
CA PRO H 155 6.51 -1.10 56.28
C PRO H 155 5.64 -0.12 55.50
N GLU H 156 4.90 -0.63 54.52
CA GLU H 156 3.91 0.19 53.83
C GLU H 156 2.80 0.57 54.81
N PRO H 157 1.94 1.55 54.48
CA PRO H 157 1.62 2.26 53.23
C PRO H 157 2.31 3.62 52.93
N VAL H 158 2.29 4.57 53.86
CA VAL H 158 2.56 6.00 53.61
C VAL H 158 1.46 6.62 52.77
N THR H 159 1.07 7.84 53.14
CA THR H 159 0.10 8.63 52.39
C THR H 159 0.72 9.99 52.09
N VAL H 160 0.46 10.53 50.90
CA VAL H 160 1.00 11.82 50.48
C VAL H 160 -0.14 12.69 49.96
N SER H 161 -0.22 13.91 50.48
CA SER H 161 -1.09 14.94 49.93
C SER H 161 -0.25 16.20 49.68
N TRP H 162 -0.88 17.19 49.07
CA TRP H 162 -0.22 18.44 48.76
C TRP H 162 -1.06 19.61 49.29
N ASN H 163 -0.40 20.52 50.00
CA ASN H 163 -1.05 21.69 50.58
C ASN H 163 -2.27 21.31 51.41
N SER H 164 -2.06 20.32 52.29
CA SER H 164 -3.07 19.82 53.23
C SER H 164 -4.35 19.37 52.53
N GLY H 165 -4.21 18.93 51.29
CA GLY H 165 -5.35 18.49 50.49
C GLY H 165 -5.88 19.53 49.55
N ALA H 166 -5.36 20.76 49.59
CA ALA H 166 -5.86 21.81 48.71
C ALA H 166 -5.58 21.47 47.24
N LEU H 167 -4.35 21.04 46.95
CA LEU H 167 -3.92 20.76 45.59
C LEU H 167 -4.17 19.29 45.26
N THR H 168 -4.86 19.04 44.15
CA THR H 168 -5.19 17.66 43.76
C THR H 168 -5.08 17.44 42.26
N SER H 169 -5.53 18.39 41.45
CA SER H 169 -5.49 18.21 40.00
C SER H 169 -4.06 18.40 39.50
N GLY H 170 -3.59 17.46 38.68
CA GLY H 170 -2.22 17.45 38.22
C GLY H 170 -1.26 16.66 39.07
N VAL H 171 -1.75 15.93 40.07
CA VAL H 171 -0.91 15.26 41.06
C VAL H 171 -0.80 13.78 40.71
N HIS H 172 0.43 13.26 40.72
CA HIS H 172 0.70 11.85 40.46
C HIS H 172 1.56 11.30 41.59
N THR H 173 0.97 10.47 42.45
CA THR H 173 1.70 9.76 43.47
C THR H 173 1.97 8.35 42.96
N PHE H 174 3.23 8.04 42.76
CA PHE H 174 3.57 6.77 42.12
C PHE H 174 3.51 5.62 43.12
N PRO H 175 3.21 4.42 42.66
CA PRO H 175 3.29 3.25 43.54
C PRO H 175 4.69 3.09 44.10
N ALA H 176 4.77 2.64 45.35
CA ALA H 176 6.06 2.44 45.99
C ALA H 176 6.81 1.28 45.35
N VAL H 177 8.13 1.38 45.35
CA VAL H 177 9.01 0.33 44.85
C VAL H 177 9.86 -0.19 46.00
N LEU H 178 10.03 -1.51 46.05
CA LEU H 178 10.91 -2.16 47.03
C LEU H 178 12.35 -2.15 46.54
N GLN H 179 13.26 -1.64 47.36
CA GLN H 179 14.67 -1.72 47.06
C GLN H 179 15.25 -3.02 47.59
N SER H 180 16.44 -3.36 47.09
CA SER H 180 17.13 -4.54 47.56
C SER H 180 17.47 -4.47 49.03
N SER H 181 17.53 -3.26 49.60
CA SER H 181 17.72 -3.11 51.04
C SER H 181 16.55 -3.68 51.83
N GLY H 182 15.39 -3.85 51.19
CA GLY H 182 14.17 -4.21 51.87
C GLY H 182 13.29 -3.03 52.22
N LEU H 183 13.78 -1.81 52.03
CA LEU H 183 13.01 -0.61 52.30
C LEU H 183 12.25 -0.17 51.07
N TYR H 184 11.13 0.50 51.29
CA TYR H 184 10.28 1.04 50.24
C TYR H 184 10.65 2.49 49.94
N SER H 185 10.19 2.96 48.77
CA SER H 185 10.38 4.35 48.38
C SER H 185 9.39 4.71 47.29
N LEU H 186 8.99 5.98 47.28
CA LEU H 186 8.07 6.47 46.26
C LEU H 186 8.33 7.95 46.04
N SER H 187 7.77 8.45 44.94
CA SER H 187 7.80 9.86 44.59
C SER H 187 6.38 10.34 44.31
N SER H 188 6.12 11.60 44.65
CA SER H 188 4.86 12.26 44.35
C SER H 188 5.19 13.56 43.63
N VAL H 189 4.65 13.73 42.41
CA VAL H 189 4.95 14.89 41.60
C VAL H 189 3.66 15.62 41.27
N VAL H 190 3.79 16.85 40.82
CA VAL H 190 2.63 17.63 40.40
C VAL H 190 3.07 18.65 39.36
N THR H 191 2.28 18.77 38.30
CA THR H 191 2.47 19.79 37.28
C THR H 191 1.70 21.05 37.66
N VAL H 192 2.25 22.20 37.25
CA VAL H 192 1.82 23.51 37.75
C VAL H 192 2.22 24.57 36.73
N PRO H 193 1.46 25.67 36.56
CA PRO H 193 1.87 26.72 35.63
C PRO H 193 3.25 27.30 35.96
N SER H 194 4.06 27.49 34.91
CA SER H 194 5.39 28.07 35.10
C SER H 194 5.30 29.46 35.70
N SER H 195 4.25 30.22 35.35
CA SER H 195 4.17 31.61 35.78
C SER H 195 4.06 31.74 37.30
N SER H 196 3.58 30.71 37.97
CA SER H 196 3.30 30.77 39.41
C SER H 196 4.38 30.07 40.23
N LEU H 197 5.66 30.36 39.95
CA LEU H 197 6.75 29.79 40.74
C LEU H 197 7.17 30.69 41.88
N GLY H 198 7.42 31.97 41.58
CA GLY H 198 7.79 32.94 42.60
C GLY H 198 6.63 33.51 43.37
N THR H 199 5.44 32.92 43.25
CA THR H 199 4.24 33.40 43.93
C THR H 199 3.60 32.34 44.83
N GLN H 200 3.61 31.07 44.43
CA GLN H 200 2.81 30.04 45.07
C GLN H 200 3.67 29.11 45.93
N THR H 201 3.12 28.67 47.05
CA THR H 201 3.83 27.83 48.01
C THR H 201 3.30 26.39 47.94
N TYR H 202 4.17 25.45 47.61
CA TYR H 202 3.81 24.03 47.49
C TYR H 202 4.45 23.24 48.63
N ILE H 203 3.61 22.62 49.45
CA ILE H 203 4.06 21.83 50.59
C ILE H 203 3.47 20.44 50.43
N CYS H 204 4.34 19.44 50.33
CA CYS H 204 3.88 18.05 50.30
C CYS H 204 3.86 17.47 51.71
N ASN H 205 2.72 16.87 52.06
CA ASN H 205 2.43 16.33 53.39
C ASN H 205 2.67 14.83 53.38
N VAL H 206 3.76 14.40 54.00
CA VAL H 206 4.06 12.97 54.06
C VAL H 206 3.63 12.42 55.41
N ASN H 207 2.99 11.26 55.40
CA ASN H 207 2.53 10.62 56.63
C ASN H 207 2.83 9.13 56.56
N HIS H 208 3.66 8.65 57.49
CA HIS H 208 3.98 7.24 57.65
C HIS H 208 3.56 6.81 59.05
N LYS H 209 2.34 6.26 59.16
CA LYS H 209 1.77 5.96 60.47
C LYS H 209 2.61 4.98 61.31
N PRO H 210 3.13 3.87 60.76
CA PRO H 210 3.85 2.92 61.63
C PRO H 210 5.05 3.51 62.38
N SER H 211 5.68 4.56 61.86
CA SER H 211 6.77 5.24 62.55
C SER H 211 6.33 6.51 63.28
N ASN H 212 5.04 6.83 63.24
CA ASN H 212 4.52 8.10 63.76
C ASN H 212 5.18 9.29 63.10
N THR H 213 5.47 9.18 61.81
CA THR H 213 6.15 10.22 61.06
C THR H 213 5.12 11.09 60.35
N LYS H 214 5.11 12.38 60.70
CA LYS H 214 4.40 13.40 59.94
C LYS H 214 5.41 14.43 59.49
N VAL H 215 5.59 14.56 58.17
CA VAL H 215 6.57 15.50 57.64
C VAL H 215 5.90 16.42 56.62
N ASP H 216 6.49 17.60 56.49
CA ASP H 216 5.95 18.75 55.78
C ASP H 216 7.12 19.41 55.04
N LYS H 217 7.25 19.16 53.74
CA LYS H 217 8.39 19.65 52.99
C LYS H 217 7.96 20.72 51.99
N LYS H 218 8.44 21.95 52.19
CA LYS H 218 8.22 23.03 51.24
C LYS H 218 9.19 22.88 50.08
N VAL H 219 8.66 22.91 48.86
CA VAL H 219 9.47 22.70 47.66
C VAL H 219 9.60 24.04 46.95
N GLU H 220 10.82 24.58 46.93
CA GLU H 220 11.13 25.90 46.36
C GLU H 220 11.97 25.75 45.10
N PRO H 221 11.75 26.59 44.10
CA PRO H 221 12.53 26.50 42.86
C PRO H 221 13.97 26.93 43.08
N LYS H 222 14.90 26.12 42.58
CA LYS H 222 16.35 26.37 42.55
C LYS H 222 16.88 27.45 43.50
N ASP I 3 -9.56 -34.07 7.99
CA ASP I 3 -9.80 -35.17 8.92
C ASP I 3 -8.53 -35.40 9.74
N ILE I 4 -8.66 -35.84 10.99
CA ILE I 4 -7.71 -35.47 12.03
C ILE I 4 -6.85 -36.62 12.51
N GLN I 5 -7.40 -37.84 12.63
CA GLN I 5 -6.69 -39.03 13.11
C GLN I 5 -6.20 -38.95 14.56
N MET I 6 -6.73 -39.85 15.41
CA MET I 6 -6.42 -39.93 16.84
C MET I 6 -5.71 -41.25 17.15
N THR I 7 -4.58 -41.17 17.86
CA THR I 7 -3.87 -42.35 18.32
C THR I 7 -3.89 -42.40 19.85
N GLN I 8 -4.54 -43.43 20.38
CA GLN I 8 -4.50 -43.68 21.81
C GLN I 8 -3.30 -44.54 22.15
N SER I 9 -3.00 -44.61 23.45
CA SER I 9 -1.95 -45.46 23.98
C SER I 9 -2.13 -45.59 25.48
N PRO I 10 -2.00 -46.80 26.05
CA PRO I 10 -1.74 -48.05 25.32
C PRO I 10 -3.02 -48.62 24.70
N SER I 11 -2.88 -49.73 23.98
CA SER I 11 -4.05 -50.41 23.43
C SER I 11 -4.70 -51.30 24.48
N SER I 12 -3.89 -51.93 25.34
CA SER I 12 -4.35 -52.80 26.41
C SER I 12 -3.65 -52.39 27.70
N LEU I 13 -4.23 -52.76 28.85
CA LEU I 13 -3.73 -52.25 30.13
C LEU I 13 -4.39 -52.92 31.33
N SER I 14 -3.59 -53.52 32.21
CA SER I 14 -4.08 -54.26 33.38
C SER I 14 -3.69 -53.55 34.68
N ALA I 15 -4.60 -53.52 35.64
CA ALA I 15 -4.37 -52.80 36.89
C ALA I 15 -5.31 -53.32 37.98
N SER I 16 -4.84 -53.24 39.23
CA SER I 16 -5.53 -53.79 40.38
C SER I 16 -6.58 -52.81 40.92
N VAL I 17 -7.55 -53.34 41.65
CA VAL I 17 -8.54 -52.50 42.32
C VAL I 17 -7.83 -51.51 43.23
N GLY I 18 -8.11 -50.23 43.02
CA GLY I 18 -7.48 -49.16 43.77
C GLY I 18 -6.33 -48.48 43.06
N ASP I 19 -5.83 -49.07 41.98
CA ASP I 19 -4.71 -48.49 41.25
C ASP I 19 -5.12 -47.18 40.58
N ARG I 20 -4.12 -46.31 40.38
CA ARG I 20 -4.25 -45.20 39.46
C ARG I 20 -4.07 -45.70 38.04
N VAL I 21 -4.82 -45.13 37.10
CA VAL I 21 -4.81 -45.57 35.71
C VAL I 21 -4.78 -44.35 34.80
N THR I 22 -3.95 -44.41 33.76
CA THR I 22 -3.77 -43.28 32.84
C THR I 22 -3.80 -43.77 31.40
N ILE I 23 -4.59 -43.09 30.57
CA ILE I 23 -4.73 -43.40 29.16
C ILE I 23 -4.49 -42.11 28.36
N THR I 24 -3.67 -42.20 27.33
CA THR I 24 -3.32 -41.04 26.52
C THR I 24 -3.93 -41.13 25.14
N CYS I 25 -4.29 -39.97 24.60
CA CYS I 25 -4.86 -39.83 23.27
C CYS I 25 -4.07 -38.73 22.56
N ARG I 26 -3.57 -39.01 21.36
CA ARG I 26 -2.68 -38.10 20.66
C ARG I 26 -3.31 -37.67 19.34
N ALA I 27 -3.37 -36.36 19.13
CA ALA I 27 -3.96 -35.78 17.92
C ALA I 27 -2.86 -35.47 16.91
N SER I 28 -3.15 -35.73 15.62
CA SER I 28 -2.15 -35.52 14.59
C SER I 28 -1.93 -34.05 14.29
N GLN I 29 -2.85 -33.18 14.69
CA GLN I 29 -2.61 -31.74 14.73
C GLN I 29 -3.36 -31.16 15.93
N SER I 30 -3.11 -29.89 16.21
CA SER I 30 -3.69 -29.25 17.38
C SER I 30 -5.20 -29.10 17.24
N ILE I 31 -5.93 -29.40 18.30
CA ILE I 31 -7.40 -29.39 18.27
C ILE I 31 -7.96 -28.65 19.49
N SER I 32 -7.15 -27.77 20.08
CA SER I 32 -7.54 -26.95 21.23
C SER I 32 -8.00 -27.89 22.35
N ARG I 33 -9.22 -27.75 22.88
CA ARG I 33 -9.77 -28.66 23.89
C ARG I 33 -11.03 -29.34 23.36
N TYR I 34 -11.08 -29.56 22.04
CA TYR I 34 -12.20 -30.20 21.37
C TYR I 34 -12.03 -31.72 21.44
N LEU I 35 -12.23 -32.25 22.65
CA LEU I 35 -12.01 -33.67 22.87
C LEU I 35 -13.00 -34.21 23.88
N ASN I 36 -13.39 -35.47 23.69
CA ASN I 36 -14.32 -36.17 24.56
C ASN I 36 -13.79 -37.57 24.85
N TRP I 37 -14.20 -38.12 25.99
CA TRP I 37 -13.86 -39.49 26.39
C TRP I 37 -15.13 -40.28 26.63
N TYR I 38 -15.15 -41.53 26.17
CA TYR I 38 -16.28 -42.42 26.41
C TYR I 38 -15.79 -43.74 26.98
N GLN I 39 -16.67 -44.38 27.75
CA GLN I 39 -16.45 -45.73 28.25
C GLN I 39 -17.47 -46.64 27.60
N GLN I 40 -17.04 -47.85 27.22
CA GLN I 40 -17.96 -48.79 26.58
C GLN I 40 -17.73 -50.20 27.09
N LYS I 41 -18.73 -50.77 27.75
CA LYS I 41 -18.73 -52.18 28.06
C LYS I 41 -19.04 -52.99 26.81
N PRO I 42 -18.58 -54.27 26.73
CA PRO I 42 -18.45 -55.00 25.45
C PRO I 42 -19.45 -54.69 24.34
N GLY I 43 -20.72 -55.08 24.50
CA GLY I 43 -21.68 -54.88 23.43
C GLY I 43 -22.77 -53.91 23.80
N LYS I 44 -22.44 -52.94 24.66
CA LYS I 44 -23.40 -52.03 25.24
C LYS I 44 -23.10 -50.61 24.78
N ALA I 45 -24.03 -49.70 25.08
CA ALA I 45 -23.94 -48.35 24.53
C ALA I 45 -22.80 -47.57 25.19
N PRO I 46 -22.13 -46.71 24.43
CA PRO I 46 -21.07 -45.88 25.03
C PRO I 46 -21.63 -44.94 26.09
N LYS I 47 -20.81 -44.65 27.09
CA LYS I 47 -21.12 -43.71 28.15
C LYS I 47 -20.16 -42.53 28.05
N LEU I 48 -20.71 -41.32 27.95
CA LEU I 48 -19.88 -40.12 27.93
C LEU I 48 -19.35 -39.84 29.33
N LEU I 49 -18.02 -39.75 29.45
CA LEU I 49 -17.36 -39.48 30.73
C LEU I 49 -16.92 -38.01 30.82
N ILE I 50 -16.08 -37.59 29.88
CA ILE I 50 -15.48 -36.27 29.87
C ILE I 50 -15.81 -35.60 28.55
N TYR I 51 -16.14 -34.31 28.61
CA TYR I 51 -16.32 -33.51 27.40
C TYR I 51 -15.54 -32.22 27.53
N ALA I 52 -15.21 -31.64 26.38
CA ALA I 52 -14.35 -30.46 26.32
C ALA I 52 -13.05 -30.71 27.10
N ALA I 53 -12.43 -31.85 26.81
CA ALA I 53 -11.11 -32.24 27.31
C ALA I 53 -11.07 -32.52 28.79
N SER I 54 -11.86 -31.80 29.60
CA SER I 54 -11.68 -31.88 31.04
C SER I 54 -12.93 -31.72 31.87
N SER I 55 -14.12 -31.56 31.28
CA SER I 55 -15.33 -31.35 32.06
C SER I 55 -15.98 -32.68 32.39
N LEU I 56 -16.32 -32.87 33.67
CA LEU I 56 -16.91 -34.12 34.12
C LEU I 56 -18.39 -34.13 33.78
N GLN I 57 -18.81 -35.09 32.96
CA GLN I 57 -20.21 -35.23 32.59
C GLN I 57 -21.05 -35.54 33.81
N SER I 58 -22.22 -34.91 33.89
CA SER I 58 -23.14 -35.11 35.01
C SER I 58 -23.48 -36.60 35.16
N GLY I 59 -23.45 -37.08 36.40
CA GLY I 59 -23.56 -38.49 36.67
C GLY I 59 -22.22 -39.13 36.99
N VAL I 60 -21.33 -39.13 36.01
CA VAL I 60 -20.06 -39.87 36.02
C VAL I 60 -19.33 -39.70 37.36
N PRO I 61 -18.87 -40.79 37.97
CA PRO I 61 -18.17 -40.69 39.25
C PRO I 61 -16.95 -39.77 39.19
N SER I 62 -16.63 -39.17 40.34
CA SER I 62 -15.59 -38.16 40.40
C SER I 62 -14.19 -38.73 40.15
N ARG I 63 -14.02 -40.04 40.25
CA ARG I 63 -12.70 -40.62 40.04
C ARG I 63 -12.23 -40.51 38.59
N PHE I 64 -13.13 -40.19 37.67
CA PHE I 64 -12.76 -39.93 36.29
C PHE I 64 -12.41 -38.45 36.14
N SER I 65 -11.30 -38.18 35.44
CA SER I 65 -10.90 -36.81 35.16
C SER I 65 -10.08 -36.80 33.88
N GLY I 66 -10.19 -35.69 33.15
CA GLY I 66 -9.45 -35.52 31.93
C GLY I 66 -8.66 -34.23 31.95
N SER I 67 -7.60 -34.21 31.13
CA SER I 67 -6.76 -33.03 30.99
C SER I 67 -6.00 -33.13 29.67
N GLY I 68 -5.47 -31.99 29.25
CA GLY I 68 -4.73 -31.89 28.00
C GLY I 68 -5.22 -30.74 27.15
N SER I 69 -4.44 -30.45 26.11
CA SER I 69 -4.81 -29.47 25.10
C SER I 69 -3.93 -29.68 23.88
N GLU I 70 -4.30 -29.01 22.79
CA GLU I 70 -3.59 -29.09 21.52
C GLU I 70 -3.52 -30.51 20.99
N THR I 71 -2.43 -31.24 21.31
CA THR I 71 -2.16 -32.53 20.69
C THR I 71 -2.05 -33.70 21.66
N GLU I 72 -2.07 -33.46 22.98
CA GLU I 72 -1.88 -34.53 23.97
C GLU I 72 -2.97 -34.45 25.03
N PHE I 73 -3.68 -35.56 25.24
CA PHE I 73 -4.78 -35.61 26.20
C PHE I 73 -4.66 -36.87 27.05
N THR I 74 -5.03 -36.75 28.33
CA THR I 74 -4.99 -37.88 29.25
C THR I 74 -6.33 -38.05 29.96
N LEU I 75 -6.76 -39.31 30.07
CA LEU I 75 -7.89 -39.69 30.90
C LEU I 75 -7.36 -40.44 32.12
N THR I 76 -7.83 -40.07 33.30
CA THR I 76 -7.27 -40.57 34.55
C THR I 76 -8.37 -41.14 35.43
N ILE I 77 -8.22 -42.40 35.81
CA ILE I 77 -9.02 -43.01 36.87
C ILE I 77 -8.16 -43.01 38.13
N SER I 78 -8.58 -42.24 39.13
CA SER I 78 -7.74 -42.05 40.31
C SER I 78 -7.62 -43.34 41.12
N SER I 79 -8.70 -44.13 41.22
CA SER I 79 -8.66 -45.36 41.99
C SER I 79 -9.61 -46.37 41.33
N LEU I 80 -9.03 -47.40 40.70
CA LEU I 80 -9.82 -48.33 39.90
C LEU I 80 -10.80 -49.11 40.76
N HIS I 81 -12.08 -49.14 40.32
CA HIS I 81 -13.14 -49.98 40.88
C HIS I 81 -13.25 -51.27 40.07
N PRO I 82 -13.71 -52.36 40.69
CA PRO I 82 -13.70 -53.66 39.99
C PRO I 82 -14.59 -53.72 38.76
N ASP I 83 -15.56 -52.80 38.62
CA ASP I 83 -16.45 -52.79 37.47
C ASP I 83 -15.93 -51.87 36.37
N ASP I 84 -14.82 -51.18 36.60
CA ASP I 84 -14.37 -50.22 35.59
C ASP I 84 -13.79 -50.87 34.33
N PHE I 85 -13.74 -52.19 34.24
CA PHE I 85 -13.20 -52.81 33.03
C PHE I 85 -14.11 -52.50 31.85
N ALA I 86 -13.51 -52.01 30.77
CA ALA I 86 -14.23 -51.61 29.57
C ALA I 86 -13.18 -51.25 28.52
N THR I 87 -13.65 -50.76 27.38
CA THR I 87 -12.76 -50.14 26.41
C THR I 87 -13.05 -48.65 26.40
N TYR I 88 -12.00 -47.85 26.55
CA TYR I 88 -12.13 -46.42 26.69
C TYR I 88 -11.74 -45.75 25.38
N TYR I 89 -12.63 -44.90 24.86
CA TYR I 89 -12.43 -44.23 23.59
C TYR I 89 -12.31 -42.73 23.81
N CYS I 90 -11.47 -42.09 22.99
CA CYS I 90 -11.43 -40.65 22.85
C CYS I 90 -12.04 -40.27 21.51
N GLN I 91 -12.47 -39.03 21.39
CA GLN I 91 -13.19 -38.58 20.20
C GLN I 91 -12.95 -37.09 20.03
N GLN I 92 -12.34 -36.71 18.91
CA GLN I 92 -12.14 -35.30 18.63
C GLN I 92 -13.42 -34.70 18.06
N SER I 93 -13.64 -33.42 18.36
CA SER I 93 -14.81 -32.68 17.89
C SER I 93 -14.37 -31.43 17.14
N TYR I 94 -13.31 -31.56 16.36
CA TYR I 94 -12.63 -30.44 15.71
C TYR I 94 -12.84 -30.41 14.20
N SER I 95 -12.88 -31.59 13.57
CA SER I 95 -12.95 -31.70 12.12
C SER I 95 -14.37 -31.50 11.62
N THR I 96 -14.56 -31.70 10.32
CA THR I 96 -15.90 -31.67 9.74
C THR I 96 -16.73 -32.83 10.26
N LEU I 97 -18.03 -32.62 10.35
CA LEU I 97 -18.93 -33.71 10.68
C LEU I 97 -18.91 -34.75 9.58
N PRO I 98 -19.08 -36.03 9.93
CA PRO I 98 -19.17 -36.58 11.30
C PRO I 98 -17.80 -36.79 11.94
N TYR I 99 -17.75 -36.62 13.26
CA TYR I 99 -16.49 -36.70 13.99
C TYR I 99 -15.96 -38.13 14.01
N THR I 100 -14.71 -38.26 14.45
CA THR I 100 -14.00 -39.54 14.44
C THR I 100 -13.49 -39.89 15.83
N PHE I 101 -13.18 -41.17 16.02
CA PHE I 101 -12.78 -41.72 17.30
C PHE I 101 -11.32 -42.15 17.27
N GLY I 102 -10.77 -42.35 18.48
CA GLY I 102 -9.57 -43.15 18.64
C GLY I 102 -9.88 -44.62 18.62
N GLN I 103 -8.83 -45.44 18.57
CA GLN I 103 -9.06 -46.87 18.33
C GLN I 103 -9.45 -47.62 19.59
N GLY I 104 -9.23 -47.06 20.77
CA GLY I 104 -9.75 -47.67 21.97
C GLY I 104 -8.67 -48.29 22.84
N THR I 105 -8.85 -48.19 24.16
CA THR I 105 -7.94 -48.77 25.14
C THR I 105 -8.73 -49.69 26.06
N LYS I 106 -8.41 -50.98 26.03
CA LYS I 106 -9.10 -51.98 26.82
C LYS I 106 -8.47 -52.12 28.20
N VAL I 107 -9.29 -52.05 29.25
CA VAL I 107 -8.83 -52.10 30.62
C VAL I 107 -9.31 -53.41 31.24
N GLU I 108 -8.38 -54.21 31.76
CA GLU I 108 -8.70 -55.39 32.54
C GLU I 108 -8.29 -55.20 33.99
N ILE I 109 -9.01 -55.87 34.89
CA ILE I 109 -8.72 -55.85 36.31
C ILE I 109 -7.71 -56.94 36.64
N LYS I 110 -6.67 -56.58 37.37
CA LYS I 110 -5.62 -57.50 37.79
C LYS I 110 -5.91 -57.98 39.21
N ARG I 111 -5.59 -59.24 39.49
CA ARG I 111 -5.83 -59.79 40.82
C ARG I 111 -4.94 -61.00 41.05
N THR I 112 -5.10 -61.60 42.22
CA THR I 112 -4.35 -62.81 42.59
C THR I 112 -4.83 -64.01 41.79
N ALA I 113 -3.90 -64.92 41.51
CA ALA I 113 -4.22 -66.09 40.69
C ALA I 113 -5.25 -66.97 41.38
N ALA I 114 -6.16 -67.51 40.59
CA ALA I 114 -7.22 -68.38 41.08
C ALA I 114 -7.34 -69.57 40.14
N ALA I 115 -7.17 -70.77 40.67
CA ALA I 115 -7.22 -71.96 39.84
C ALA I 115 -8.63 -72.22 39.34
N PRO I 116 -8.78 -72.81 38.15
CA PRO I 116 -10.12 -73.15 37.67
C PRO I 116 -10.59 -74.48 38.24
N SER I 117 -11.92 -74.59 38.38
CA SER I 117 -12.56 -75.88 38.59
C SER I 117 -12.93 -76.46 37.23
N VAL I 118 -12.54 -77.70 36.99
CA VAL I 118 -12.67 -78.32 35.68
C VAL I 118 -13.84 -79.29 35.71
N PHE I 119 -14.63 -79.30 34.63
CA PHE I 119 -15.70 -80.26 34.42
C PHE I 119 -15.65 -80.73 32.98
N ILE I 120 -16.19 -81.92 32.72
CA ILE I 120 -16.24 -82.46 31.36
C ILE I 120 -17.60 -83.11 31.15
N PHE I 121 -18.16 -82.93 29.95
CA PHE I 121 -19.51 -83.39 29.63
C PHE I 121 -19.51 -84.27 28.39
N PRO I 122 -20.01 -85.50 28.45
CA PRO I 122 -20.16 -86.31 27.23
C PRO I 122 -21.33 -85.83 26.41
N PRO I 123 -21.37 -86.15 25.12
CA PRO I 123 -22.49 -85.74 24.27
C PRO I 123 -23.79 -86.38 24.73
N SER I 124 -24.86 -85.60 24.69
CA SER I 124 -26.18 -86.12 25.03
C SER I 124 -26.59 -87.21 24.05
N ASP I 125 -27.41 -88.15 24.55
CA ASP I 125 -27.93 -89.20 23.69
C ASP I 125 -28.78 -88.62 22.56
N GLU I 126 -29.51 -87.54 22.83
CA GLU I 126 -30.35 -86.94 21.81
C GLU I 126 -29.54 -86.25 20.72
N GLN I 127 -28.37 -85.71 21.06
CA GLN I 127 -27.51 -85.15 20.02
C GLN I 127 -26.93 -86.24 19.12
N LEU I 128 -26.53 -87.37 19.73
CA LEU I 128 -25.95 -88.46 18.95
C LEU I 128 -26.95 -89.05 17.97
N LYS I 129 -28.23 -89.08 18.36
CA LYS I 129 -29.29 -89.51 17.45
C LYS I 129 -29.37 -88.60 16.22
N SER I 130 -29.08 -87.31 16.41
CA SER I 130 -29.13 -86.37 15.30
C SER I 130 -27.99 -86.59 14.31
N GLY I 131 -26.86 -87.13 14.77
CA GLY I 131 -25.78 -87.47 13.86
C GLY I 131 -24.44 -86.88 14.23
N THR I 132 -24.41 -86.00 15.22
CA THR I 132 -23.21 -85.27 15.61
C THR I 132 -22.92 -85.49 17.09
N ALA I 133 -21.68 -85.19 17.49
CA ALA I 133 -21.23 -85.43 18.85
C ALA I 133 -20.38 -84.26 19.32
N SER I 134 -20.74 -83.68 20.45
CA SER I 134 -20.02 -82.56 21.03
C SER I 134 -19.62 -82.87 22.46
N VAL I 135 -18.32 -82.76 22.76
CA VAL I 135 -17.79 -82.92 24.10
C VAL I 135 -17.39 -81.54 24.61
N VAL I 136 -17.87 -81.18 25.80
CA VAL I 136 -17.63 -79.86 26.37
C VAL I 136 -16.75 -80.01 27.61
N CYS I 137 -15.78 -79.10 27.76
CA CYS I 137 -14.92 -79.02 28.94
C CYS I 137 -15.03 -77.62 29.51
N LEU I 138 -15.35 -77.52 30.80
CA LEU I 138 -15.64 -76.25 31.46
C LEU I 138 -14.54 -75.91 32.45
N LEU I 139 -14.06 -74.67 32.40
CA LEU I 139 -13.09 -74.15 33.35
C LEU I 139 -13.74 -72.96 34.05
N ASN I 140 -14.03 -73.09 35.34
CA ASN I 140 -14.91 -72.17 36.04
C ASN I 140 -14.12 -71.26 36.98
N ASN I 141 -14.40 -69.95 36.89
CA ASN I 141 -13.94 -68.92 37.82
C ASN I 141 -12.44 -69.01 38.11
N PHE I 142 -11.64 -68.48 37.20
CA PHE I 142 -10.19 -68.54 37.32
C PHE I 142 -9.58 -67.21 36.89
N TYR I 143 -8.31 -67.02 37.25
CA TYR I 143 -7.53 -65.86 36.86
C TYR I 143 -6.07 -66.29 36.93
N PRO I 144 -5.22 -65.90 35.96
CA PRO I 144 -5.49 -65.03 34.81
C PRO I 144 -6.16 -65.75 33.64
N ARG I 145 -6.39 -65.00 32.55
CA ARG I 145 -7.15 -65.53 31.41
C ARG I 145 -6.42 -66.67 30.71
N GLU I 146 -5.09 -66.62 30.66
CA GLU I 146 -4.32 -67.61 29.90
C GLU I 146 -4.48 -69.01 30.51
N ALA I 147 -4.87 -69.96 29.67
CA ALA I 147 -5.03 -71.35 30.08
C ALA I 147 -4.86 -72.23 28.85
N LYS I 148 -4.10 -73.32 29.01
CA LYS I 148 -3.97 -74.31 27.95
C LYS I 148 -4.98 -75.43 28.19
N VAL I 149 -5.75 -75.76 27.16
CA VAL I 149 -6.75 -76.81 27.23
C VAL I 149 -6.50 -77.74 26.05
N GLN I 150 -6.10 -78.97 26.35
CA GLN I 150 -5.75 -79.94 25.32
C GLN I 150 -6.74 -81.08 25.36
N TRP I 151 -7.28 -81.43 24.20
CA TRP I 151 -8.13 -82.61 24.06
C TRP I 151 -7.27 -83.82 23.74
N LYS I 152 -7.53 -84.92 24.44
CA LYS I 152 -6.79 -86.16 24.24
C LYS I 152 -7.78 -87.30 24.07
N VAL I 153 -7.59 -88.07 23.01
CA VAL I 153 -8.51 -89.12 22.61
C VAL I 153 -7.72 -90.41 22.54
N ASP I 154 -7.95 -91.31 23.51
CA ASP I 154 -7.08 -92.47 23.72
C ASP I 154 -5.62 -92.05 23.80
N ASN I 155 -5.37 -90.93 24.47
CA ASN I 155 -4.05 -90.33 24.68
C ASN I 155 -3.40 -89.86 23.39
N ALA I 156 -4.20 -89.55 22.37
CA ALA I 156 -3.74 -88.88 21.16
C ALA I 156 -4.22 -87.44 21.20
N LEU I 157 -3.30 -86.49 21.09
CA LEU I 157 -3.66 -85.09 21.20
C LEU I 157 -4.45 -84.66 19.97
N GLN I 158 -5.53 -83.90 20.19
CA GLN I 158 -6.45 -83.48 19.15
C GLN I 158 -6.10 -82.09 18.64
N SER I 159 -6.56 -81.79 17.42
CA SER I 159 -6.21 -80.53 16.78
C SER I 159 -7.26 -80.17 15.74
N GLY I 160 -7.58 -78.87 15.68
CA GLY I 160 -8.41 -78.33 14.63
C GLY I 160 -9.88 -78.67 14.72
N ASN I 161 -10.33 -79.31 15.80
CA ASN I 161 -11.72 -79.75 15.95
CA ASN I 161 -11.75 -79.65 15.90
C ASN I 161 -12.33 -79.26 17.25
N SER I 162 -11.77 -78.22 17.87
CA SER I 162 -12.32 -77.68 19.11
C SER I 162 -12.28 -76.16 19.06
N GLN I 163 -13.09 -75.54 19.90
CA GLN I 163 -13.18 -74.09 19.95
C GLN I 163 -13.36 -73.63 21.38
N GLU I 164 -12.78 -72.47 21.70
CA GLU I 164 -12.82 -71.90 23.04
C GLU I 164 -13.65 -70.63 23.07
N SER I 165 -14.43 -70.46 24.13
CA SER I 165 -15.16 -69.24 24.40
C SER I 165 -14.93 -68.84 25.85
N VAL I 166 -14.80 -67.53 26.07
CA VAL I 166 -14.49 -66.99 27.40
C VAL I 166 -15.52 -65.93 27.75
N THR I 167 -15.93 -65.90 29.01
CA THR I 167 -16.85 -64.89 29.48
C THR I 167 -16.11 -63.57 29.73
N GLU I 168 -16.87 -62.53 30.02
CA GLU I 168 -16.27 -61.29 30.48
C GLU I 168 -15.89 -61.43 31.95
N GLN I 169 -15.03 -60.53 32.42
CA GLN I 169 -14.61 -60.58 33.82
C GLN I 169 -15.81 -60.41 34.74
N ASP I 170 -15.82 -61.19 35.82
CA ASP I 170 -16.89 -61.07 36.80
C ASP I 170 -16.86 -59.68 37.43
N SER I 171 -18.05 -59.11 37.65
CA SER I 171 -18.13 -57.74 38.13
C SER I 171 -17.59 -57.59 39.55
N LYS I 172 -17.68 -58.64 40.36
CA LYS I 172 -17.29 -58.56 41.77
C LYS I 172 -15.88 -59.05 42.06
N ASP I 173 -15.45 -60.18 41.48
CA ASP I 173 -14.17 -60.77 41.85
C ASP I 173 -13.21 -60.94 40.68
N SER I 174 -13.54 -60.41 39.50
CA SER I 174 -12.61 -60.28 38.37
C SER I 174 -12.15 -61.62 37.80
N THR I 175 -12.89 -62.70 37.99
CA THR I 175 -12.49 -63.98 37.44
C THR I 175 -13.12 -64.23 36.06
N TYR I 176 -12.59 -65.24 35.37
CA TYR I 176 -13.08 -65.64 34.06
C TYR I 176 -13.69 -67.03 34.12
N SER I 177 -14.45 -67.37 33.10
CA SER I 177 -14.88 -68.74 32.85
C SER I 177 -14.67 -69.06 31.38
N LEU I 178 -14.35 -70.33 31.09
CA LEU I 178 -13.99 -70.73 29.75
C LEU I 178 -14.63 -72.07 29.42
N SER I 179 -15.10 -72.22 28.20
CA SER I 179 -15.57 -73.50 27.67
C SER I 179 -14.72 -73.90 26.49
N SER I 180 -14.53 -75.21 26.33
CA SER I 180 -13.86 -75.77 25.16
C SER I 180 -14.71 -76.90 24.63
N THR I 181 -15.10 -76.82 23.36
CA THR I 181 -16.04 -77.75 22.76
C THR I 181 -15.38 -78.50 21.63
N LEU I 182 -15.31 -79.83 21.76
CA LEU I 182 -14.80 -80.72 20.72
C LEU I 182 -15.98 -81.30 19.95
N THR I 183 -16.02 -81.11 18.64
CA THR I 183 -17.12 -81.57 17.81
C THR I 183 -16.63 -82.60 16.80
N LEU I 184 -17.29 -83.75 16.77
CA LEU I 184 -16.95 -84.84 15.85
C LEU I 184 -18.22 -85.40 15.23
N SER I 185 -18.04 -86.14 14.16
CA SER I 185 -19.15 -86.92 13.63
C SER I 185 -19.44 -88.09 14.55
N LYS I 186 -20.68 -88.57 14.51
CA LYS I 186 -21.03 -89.75 15.31
C LYS I 186 -20.11 -90.91 14.98
N ALA I 187 -19.76 -91.08 13.69
CA ALA I 187 -18.89 -92.17 13.29
C ALA I 187 -17.50 -92.01 13.89
N ASP I 188 -16.97 -90.78 13.92
CA ASP I 188 -15.65 -90.56 14.52
C ASP I 188 -15.69 -90.77 16.03
N TYR I 189 -16.77 -90.31 16.68
CA TYR I 189 -16.91 -90.48 18.12
C TYR I 189 -16.90 -91.96 18.51
N GLU I 190 -17.61 -92.80 17.76
CA GLU I 190 -17.69 -94.23 18.05
C GLU I 190 -16.39 -94.96 17.76
N LYS I 191 -15.35 -94.29 17.26
CA LYS I 191 -14.10 -94.96 16.95
C LYS I 191 -13.14 -95.04 18.13
N HIS I 192 -13.35 -94.24 19.18
CA HIS I 192 -12.43 -94.17 20.31
C HIS I 192 -13.16 -94.34 21.62
N LYS I 193 -12.38 -94.50 22.69
CA LYS I 193 -12.91 -94.80 24.03
C LYS I 193 -12.65 -93.70 25.04
N LEU I 194 -11.38 -93.34 25.27
CA LEU I 194 -11.03 -92.44 26.37
C LEU I 194 -10.93 -91.00 25.86
N TYR I 195 -11.87 -90.16 26.30
CA TYR I 195 -11.88 -88.74 25.96
C TYR I 195 -11.46 -87.95 27.20
N ALA I 196 -10.41 -87.15 27.09
CA ALA I 196 -9.86 -86.44 28.24
C ALA I 196 -9.63 -84.98 27.92
N CYS I 197 -9.69 -84.14 28.95
CA CYS I 197 -9.48 -82.70 28.87
C CYS I 197 -8.37 -82.30 29.83
N GLU I 198 -7.21 -81.95 29.30
CA GLU I 198 -6.02 -81.66 30.09
C GLU I 198 -5.82 -80.15 30.14
N VAL I 199 -5.84 -79.60 31.36
CA VAL I 199 -5.83 -78.15 31.56
C VAL I 199 -4.55 -77.75 32.28
N THR I 200 -3.86 -76.75 31.74
CA THR I 200 -2.69 -76.14 32.35
C THR I 200 -2.98 -74.68 32.67
N HIS I 201 -2.54 -74.23 33.85
CA HIS I 201 -2.89 -72.90 34.33
C HIS I 201 -2.00 -72.53 35.50
N GLN I 202 -1.69 -71.24 35.61
CA GLN I 202 -0.75 -70.76 36.63
C GLN I 202 -1.21 -71.12 38.03
N GLY I 203 -2.52 -71.06 38.27
CA GLY I 203 -3.05 -71.40 39.57
C GLY I 203 -3.09 -72.87 39.90
N LEU I 204 -2.64 -73.73 38.99
CA LEU I 204 -2.61 -75.17 39.20
C LEU I 204 -1.16 -75.62 39.32
N SER I 205 -0.87 -76.38 40.39
CA SER I 205 0.50 -76.85 40.59
C SER I 205 0.90 -77.83 39.48
N SER I 206 -0.02 -78.68 39.06
CA SER I 206 0.21 -79.65 38.00
C SER I 206 -1.01 -79.62 37.09
N PRO I 207 -0.85 -80.03 35.84
CA PRO I 207 -2.01 -80.05 34.93
C PRO I 207 -3.11 -80.94 35.48
N VAL I 208 -4.36 -80.54 35.21
CA VAL I 208 -5.54 -81.25 35.70
C VAL I 208 -6.25 -81.90 34.51
N THR I 209 -6.53 -83.19 34.62
CA THR I 209 -7.24 -83.93 33.60
C THR I 209 -8.60 -84.34 34.13
N LYS I 210 -9.64 -84.14 33.33
CA LYS I 210 -10.95 -84.77 33.52
C LYS I 210 -11.26 -85.58 32.27
N SER I 211 -11.92 -86.72 32.46
CA SER I 211 -12.09 -87.64 31.34
C SER I 211 -13.27 -88.54 31.57
N PHE I 212 -13.57 -89.35 30.54
CA PHE I 212 -14.58 -90.38 30.62
C PHE I 212 -14.28 -91.44 29.57
N ASN I 213 -15.07 -92.51 29.59
CA ASN I 213 -15.02 -93.56 28.58
C ASN I 213 -16.38 -93.61 27.88
N ARG I 214 -16.37 -93.83 26.58
CA ARG I 214 -17.61 -93.73 25.82
C ARG I 214 -18.62 -94.75 26.30
N GLY I 215 -19.80 -94.27 26.71
CA GLY I 215 -20.86 -95.16 27.10
C GLY I 215 -20.87 -95.51 28.58
N GLU I 216 -19.68 -95.62 29.18
CA GLU I 216 -19.52 -96.14 30.53
C GLU I 216 -20.35 -95.43 31.60
N ASP J 3 33.18 60.49 -27.95
CA ASP J 3 32.76 59.44 -27.04
C ASP J 3 33.91 59.07 -26.09
N ILE J 4 33.56 58.79 -24.84
CA ILE J 4 34.52 58.71 -23.75
C ILE J 4 34.68 57.26 -23.33
N GLN J 5 35.92 56.89 -22.99
CA GLN J 5 36.25 55.52 -22.58
C GLN J 5 36.60 55.52 -21.09
N MET J 6 36.03 54.57 -20.34
CA MET J 6 36.21 54.49 -18.90
C MET J 6 36.84 53.16 -18.55
N THR J 7 38.05 53.21 -17.98
CA THR J 7 38.73 52.02 -17.50
C THR J 7 38.70 52.01 -15.97
N GLN J 8 38.18 50.93 -15.39
CA GLN J 8 38.22 50.73 -13.96
C GLN J 8 39.47 49.93 -13.58
N SER J 9 39.79 49.97 -12.29
CA SER J 9 40.93 49.25 -11.77
C SER J 9 40.80 49.12 -10.26
N PRO J 10 40.98 47.92 -9.69
CA PRO J 10 41.29 46.69 -10.42
C PRO J 10 40.03 46.11 -11.08
N SER J 11 40.16 44.97 -11.74
CA SER J 11 39.00 44.28 -12.28
C SER J 11 38.36 43.34 -11.26
N SER J 12 39.17 42.72 -10.41
CA SER J 12 38.69 41.90 -9.30
C SER J 12 39.40 42.36 -8.03
N LEU J 13 38.88 41.93 -6.89
CA LEU J 13 39.39 42.42 -5.62
C LEU J 13 38.80 41.60 -4.49
N SER J 14 39.63 41.27 -3.50
CA SER J 14 39.24 40.45 -2.36
C SER J 14 39.61 41.18 -1.07
N ALA J 15 38.69 41.18 -0.11
CA ALA J 15 38.91 41.90 1.14
C ALA J 15 38.06 41.30 2.24
N SER J 16 38.51 41.46 3.48
CA SER J 16 37.85 40.90 4.65
C SER J 16 36.86 41.91 5.24
N VAL J 17 35.92 41.38 6.02
CA VAL J 17 34.95 42.23 6.71
C VAL J 17 35.69 43.25 7.56
N GLY J 18 35.35 44.52 7.36
CA GLY J 18 35.98 45.61 8.09
C GLY J 18 37.08 46.32 7.34
N ASP J 19 37.55 45.77 6.24
CA ASP J 19 38.66 46.39 5.51
C ASP J 19 38.23 47.68 4.82
N ARG J 20 39.20 48.54 4.57
CA ARG J 20 39.03 49.66 3.67
C ARG J 20 39.21 49.18 2.24
N VAL J 21 38.37 49.66 1.34
CA VAL J 21 38.36 49.21 -0.05
C VAL J 21 38.30 50.43 -0.98
N THR J 22 39.09 50.37 -2.05
CA THR J 22 39.18 51.47 -3.00
C THR J 22 39.08 50.93 -4.43
N ILE J 23 38.23 51.56 -5.24
CA ILE J 23 38.07 51.22 -6.65
C ILE J 23 38.31 52.49 -7.46
N THR J 24 39.08 52.38 -8.54
CA THR J 24 39.48 53.52 -9.33
C THR J 24 38.89 53.42 -10.74
N CYS J 25 38.48 54.56 -11.28
CA CYS J 25 37.86 54.65 -12.59
C CYS J 25 38.55 55.79 -13.34
N ARG J 26 39.03 55.50 -14.55
CA ARG J 26 39.87 56.44 -15.29
C ARG J 26 39.19 56.82 -16.59
N ALA J 27 39.10 58.13 -16.86
CA ALA J 27 38.43 58.64 -18.04
C ALA J 27 39.44 59.05 -19.09
N SER J 28 39.13 58.74 -20.36
CA SER J 28 40.06 59.02 -21.45
C SER J 28 40.19 60.52 -21.74
N GLN J 29 39.28 61.33 -21.22
CA GLN J 29 39.43 62.78 -21.27
C GLN J 29 38.76 63.37 -20.04
N SER J 30 38.94 64.68 -19.85
CA SER J 30 38.43 65.35 -18.66
C SER J 30 36.91 65.43 -18.70
N ILE J 31 36.25 65.05 -17.61
CA ILE J 31 34.80 65.03 -17.56
C ILE J 31 34.27 65.71 -16.31
N SER J 32 35.06 66.62 -15.74
CA SER J 32 34.65 67.41 -14.56
C SER J 32 34.20 66.43 -13.48
N ARG J 33 33.01 66.59 -12.90
CA ARG J 33 32.47 65.65 -11.93
C ARG J 33 31.24 64.93 -12.46
N TYR J 34 31.17 64.72 -13.77
CA TYR J 34 30.05 64.04 -14.41
C TYR J 34 30.28 62.53 -14.33
N LEU J 35 30.12 61.99 -13.12
CA LEU J 35 30.38 60.58 -12.90
C LEU J 35 29.42 60.04 -11.84
N ASN J 36 29.06 58.77 -12.00
CA ASN J 36 28.20 58.07 -11.06
C ASN J 36 28.79 56.71 -10.75
N TRP J 37 28.37 56.13 -9.62
CA TRP J 37 28.79 54.80 -9.22
C TRP J 37 27.56 53.95 -8.92
N TYR J 38 27.56 52.72 -9.43
CA TYR J 38 26.47 51.77 -9.19
C TYR J 38 27.05 50.49 -8.59
N GLN J 39 26.18 49.77 -7.88
CA GLN J 39 26.50 48.45 -7.34
C GLN J 39 25.48 47.45 -7.86
N GLN J 40 25.95 46.31 -8.34
CA GLN J 40 25.08 45.29 -8.93
C GLN J 40 25.41 43.92 -8.37
N LYS J 41 24.46 43.34 -7.63
CA LYS J 41 24.50 41.93 -7.31
C LYS J 41 24.13 41.14 -8.56
N PRO J 42 24.60 39.89 -8.68
CA PRO J 42 24.54 39.22 -9.99
C PRO J 42 23.10 38.95 -10.42
N GLY J 43 22.78 39.42 -11.63
CA GLY J 43 21.44 39.21 -12.17
C GLY J 43 20.36 40.01 -11.50
N LYS J 44 20.70 41.11 -10.85
CA LYS J 44 19.73 41.97 -10.19
C LYS J 44 19.91 43.41 -10.68
N ALA J 45 18.93 44.24 -10.37
CA ALA J 45 18.96 45.62 -10.83
C ALA J 45 20.10 46.39 -10.20
N PRO J 46 20.77 47.26 -10.94
CA PRO J 46 21.80 48.11 -10.34
C PRO J 46 21.21 48.97 -9.23
N LYS J 47 22.10 49.42 -8.34
CA LYS J 47 21.74 50.33 -7.26
C LYS J 47 22.66 51.54 -7.34
N LEU J 48 22.07 52.72 -7.49
CA LEU J 48 22.84 53.95 -7.53
C LEU J 48 23.40 54.25 -6.15
N LEU J 49 24.73 54.41 -6.08
CA LEU J 49 25.43 54.69 -4.83
C LEU J 49 25.84 56.16 -4.75
N ILE J 50 26.65 56.62 -5.70
CA ILE J 50 27.20 57.96 -5.71
C ILE J 50 26.82 58.60 -7.03
N TYR J 51 26.50 59.89 -7.00
CA TYR J 51 26.27 60.67 -8.21
C TYR J 51 27.02 61.99 -8.10
N ALA J 52 27.23 62.61 -9.26
CA ALA J 52 28.05 63.82 -9.37
C ALA J 52 29.40 63.62 -8.68
N ALA J 53 30.03 62.48 -8.98
CA ALA J 53 31.37 62.13 -8.53
C ALA J 53 31.46 61.87 -7.02
N SER J 54 30.65 62.56 -6.23
CA SER J 54 30.89 62.49 -4.78
C SER J 54 29.64 62.61 -3.91
N SER J 55 28.44 62.69 -4.47
CA SER J 55 27.24 62.93 -3.66
C SER J 55 26.56 61.61 -3.31
N LEU J 56 26.33 61.39 -2.02
CA LEU J 56 25.78 60.12 -1.55
C LEU J 56 24.29 60.06 -1.83
N GLN J 57 23.86 59.07 -2.60
CA GLN J 57 22.45 58.88 -2.90
C GLN J 57 21.66 58.56 -1.64
N SER J 58 20.45 59.09 -1.56
CA SER J 58 19.58 58.81 -0.42
C SER J 58 19.33 57.31 -0.28
N GLY J 59 19.43 56.82 0.95
CA GLY J 59 19.24 55.42 1.27
C GLY J 59 20.54 54.64 1.39
N VAL J 60 21.56 55.03 0.64
CA VAL J 60 22.82 54.28 0.62
C VAL J 60 23.53 54.44 1.95
N PRO J 61 24.07 53.37 2.54
CA PRO J 61 24.80 53.50 3.81
C PRO J 61 25.96 54.49 3.70
N SER J 62 26.29 55.08 4.85
CA SER J 62 27.28 56.16 4.87
C SER J 62 28.67 55.69 4.49
N ARG J 63 28.95 54.40 4.61
CA ARG J 63 30.30 53.90 4.37
C ARG J 63 30.73 54.06 2.92
N PHE J 64 29.79 54.26 2.01
CA PHE J 64 30.14 54.54 0.61
C PHE J 64 30.43 56.02 0.43
N SER J 65 31.47 56.32 -0.34
CA SER J 65 31.82 57.70 -0.64
C SER J 65 32.64 57.72 -1.93
N GLY J 66 32.64 58.87 -2.58
CA GLY J 66 33.37 59.02 -3.82
C GLY J 66 34.11 60.34 -3.86
N SER J 67 35.11 60.40 -4.74
CA SER J 67 35.91 61.60 -4.91
C SER J 67 36.63 61.54 -6.24
N GLY J 68 37.14 62.68 -6.67
CA GLY J 68 37.85 62.79 -7.93
C GLY J 68 37.25 63.87 -8.81
N SER J 69 37.97 64.16 -9.89
CA SER J 69 37.52 65.10 -10.91
C SER J 69 38.30 64.84 -12.19
N GLU J 70 37.92 65.56 -13.24
CA GLU J 70 38.60 65.52 -14.54
C GLU J 70 38.73 64.11 -15.09
N THR J 71 39.79 63.39 -14.69
CA THR J 71 40.10 62.11 -15.29
C THR J 71 40.30 60.96 -14.30
N GLU J 72 40.32 61.22 -13.00
CA GLU J 72 40.61 60.20 -12.01
C GLU J 72 39.55 60.22 -10.92
N PHE J 73 38.87 59.08 -10.72
CA PHE J 73 37.78 58.97 -9.76
C PHE J 73 37.97 57.74 -8.89
N THR J 74 37.60 57.87 -7.62
CA THR J 74 37.70 56.79 -6.65
C THR J 74 36.35 56.59 -5.95
N LEU J 75 35.95 55.33 -5.81
CA LEU J 75 34.85 54.95 -4.95
C LEU J 75 35.41 54.21 -3.75
N THR J 76 34.95 54.57 -2.56
CA THR J 76 35.57 54.10 -1.32
C THR J 76 34.53 53.51 -0.38
N ILE J 77 34.77 52.29 0.06
CA ILE J 77 34.04 51.68 1.16
C ILE J 77 34.95 51.70 2.38
N SER J 78 34.55 52.45 3.41
CA SER J 78 35.43 52.69 4.55
C SER J 78 35.62 51.41 5.39
N SER J 79 34.57 50.62 5.56
CA SER J 79 34.66 49.38 6.31
C SER J 79 33.71 48.37 5.67
N LEU J 80 34.28 47.31 5.10
CA LEU J 80 33.50 46.36 4.30
C LEU J 80 32.57 45.54 5.19
N HIS J 81 31.30 45.39 4.72
CA HIS J 81 30.29 44.54 5.32
C HIS J 81 30.18 43.23 4.53
N PRO J 82 29.73 42.14 5.14
CA PRO J 82 29.72 40.85 4.44
C PRO J 82 28.83 40.82 3.20
N ASP J 83 27.79 41.65 3.13
CA ASP J 83 26.89 41.63 1.99
C ASP J 83 27.37 42.52 0.85
N ASP J 84 28.44 43.28 1.04
CA ASP J 84 28.89 44.23 0.04
C ASP J 84 29.48 43.57 -1.19
N PHE J 85 29.55 42.24 -1.25
CA PHE J 85 30.06 41.60 -2.45
C PHE J 85 29.09 41.84 -3.62
N ALA J 86 29.62 42.34 -4.71
CA ALA J 86 28.87 42.67 -5.91
C ALA J 86 29.88 43.10 -6.96
N THR J 87 29.39 43.57 -8.10
CA THR J 87 30.23 44.21 -9.10
C THR J 87 29.90 45.69 -9.13
N TYR J 88 30.92 46.53 -9.07
CA TYR J 88 30.75 47.98 -8.94
C TYR J 88 31.12 48.64 -10.26
N TYR J 89 30.19 49.45 -10.78
CA TYR J 89 30.36 50.11 -12.07
C TYR J 89 30.41 51.62 -11.88
N CYS J 90 31.28 52.27 -12.64
CA CYS J 90 31.21 53.71 -12.81
C CYS J 90 30.52 54.03 -14.14
N GLN J 91 30.14 55.30 -14.29
CA GLN J 91 29.37 55.72 -15.46
C GLN J 91 29.55 57.22 -15.65
N GLN J 92 30.16 57.61 -16.77
CA GLN J 92 30.26 59.02 -17.09
C GLN J 92 28.90 59.53 -17.59
N SER J 93 28.65 60.81 -17.32
CA SER J 93 27.44 61.49 -17.79
C SER J 93 27.82 62.76 -18.54
N TYR J 94 29.02 62.76 -19.12
CA TYR J 94 29.60 63.91 -19.80
C TYR J 94 29.36 63.89 -21.30
N SER J 95 29.06 62.72 -21.86
CA SER J 95 29.02 62.50 -23.29
C SER J 95 27.67 62.86 -23.88
N THR J 96 27.57 62.73 -25.20
CA THR J 96 26.27 62.69 -25.84
C THR J 96 25.49 61.49 -25.32
N LEU J 97 24.17 61.50 -25.57
CA LEU J 97 23.28 60.53 -24.94
C LEU J 97 23.61 59.10 -25.38
N PRO J 98 22.78 58.10 -25.07
CA PRO J 98 23.34 56.87 -24.50
C PRO J 98 24.69 57.05 -23.80
N TYR J 99 24.65 57.24 -22.48
CA TYR J 99 25.88 57.25 -21.68
C TYR J 99 26.47 55.83 -21.59
N THR J 100 27.73 55.78 -21.16
CA THR J 100 28.46 54.51 -21.11
C THR J 100 29.02 54.27 -19.71
N PHE J 101 29.41 53.03 -19.46
CA PHE J 101 29.95 52.58 -18.18
C PHE J 101 31.41 52.16 -18.33
N GLY J 102 32.04 51.92 -17.18
CA GLY J 102 33.26 51.16 -17.13
C GLY J 102 32.97 49.67 -17.18
N GLN J 103 34.04 48.88 -17.23
CA GLN J 103 33.88 47.43 -17.39
C GLN J 103 33.42 46.74 -16.12
N GLY J 104 33.64 47.34 -14.97
CA GLY J 104 33.17 46.76 -13.72
C GLY J 104 34.31 46.24 -12.87
N THR J 105 34.07 46.23 -11.56
CA THR J 105 35.02 45.71 -10.57
C THR J 105 34.28 44.77 -9.63
N LYS J 106 34.65 43.50 -9.64
CA LYS J 106 33.98 42.49 -8.82
C LYS J 106 34.66 42.38 -7.46
N VAL J 107 33.84 42.40 -6.40
CA VAL J 107 34.31 42.42 -5.03
C VAL J 107 33.89 41.12 -4.36
N GLU J 108 34.87 40.36 -3.86
CA GLU J 108 34.59 39.16 -3.08
C GLU J 108 35.07 39.34 -1.66
N ILE J 109 34.44 38.61 -0.74
CA ILE J 109 34.71 38.72 0.68
C ILE J 109 35.78 37.70 1.06
N LYS J 110 36.78 38.15 1.81
CA LYS J 110 37.88 37.30 2.27
C LYS J 110 37.61 36.87 3.70
N ARG J 111 37.88 35.61 4.00
CA ARG J 111 37.57 35.07 5.33
C ARG J 111 38.47 33.88 5.61
N THR J 112 38.24 33.26 6.78
CA THR J 112 39.02 32.10 7.20
C THR J 112 38.50 30.84 6.51
N ALA J 113 39.41 29.88 6.31
CA ALA J 113 39.08 28.67 5.58
C ALA J 113 38.09 27.81 6.36
N ALA J 114 37.21 27.14 5.62
CA ALA J 114 36.22 26.23 6.19
C ALA J 114 36.04 25.05 5.25
N ALA J 115 36.14 23.84 5.80
CA ALA J 115 36.05 22.63 5.00
C ALA J 115 34.59 22.34 4.61
N PRO J 116 34.39 21.68 3.47
CA PRO J 116 33.02 21.40 3.03
C PRO J 116 32.49 20.10 3.63
N SER J 117 31.20 20.13 3.95
CA SER J 117 30.46 18.91 4.20
C SER J 117 30.07 18.30 2.87
N VAL J 118 30.39 17.02 2.70
CA VAL J 118 30.23 16.34 1.41
C VAL J 118 29.07 15.36 1.51
N PHE J 119 28.19 15.41 0.51
CA PHE J 119 27.07 14.48 0.37
C PHE J 119 27.07 13.94 -1.05
N ILE J 120 26.45 12.78 -1.22
CA ILE J 120 26.37 12.13 -2.53
C ILE J 120 24.99 11.52 -2.70
N PHE J 121 24.44 11.63 -3.91
CA PHE J 121 23.07 11.20 -4.20
C PHE J 121 23.09 10.26 -5.40
N PRO J 122 22.55 9.05 -5.28
CA PRO J 122 22.37 8.20 -6.47
C PRO J 122 21.18 8.68 -7.28
N PRO J 123 21.04 8.23 -8.53
CA PRO J 123 19.92 8.68 -9.35
C PRO J 123 18.58 8.18 -8.83
N SER J 124 17.56 9.01 -8.98
CA SER J 124 16.21 8.60 -8.63
C SER J 124 15.75 7.46 -9.52
N ASP J 125 15.04 6.50 -8.91
CA ASP J 125 14.48 5.41 -9.69
C ASP J 125 13.54 5.92 -10.78
N GLU J 126 12.86 7.04 -10.52
CA GLU J 126 11.98 7.62 -11.54
C GLU J 126 12.79 8.13 -12.73
N GLN J 127 13.94 8.74 -12.48
CA GLN J 127 14.80 9.18 -13.57
C GLN J 127 15.29 7.99 -14.39
N LEU J 128 15.73 6.93 -13.71
CA LEU J 128 16.25 5.76 -14.41
C LEU J 128 15.21 5.15 -15.33
N LYS J 129 13.94 5.17 -14.92
CA LYS J 129 12.87 4.69 -15.79
C LYS J 129 12.81 5.50 -17.09
N SER J 130 13.11 6.80 -17.02
CA SER J 130 13.04 7.64 -18.22
C SER J 130 14.15 7.31 -19.21
N GLY J 131 15.26 6.75 -18.74
CA GLY J 131 16.35 6.34 -19.61
C GLY J 131 17.69 7.00 -19.34
N THR J 132 17.80 7.89 -18.35
CA THR J 132 19.04 8.60 -18.06
C THR J 132 19.35 8.47 -16.57
N ALA J 133 20.60 8.71 -16.21
CA ALA J 133 21.05 8.57 -14.83
C ALA J 133 21.96 9.72 -14.45
N SER J 134 21.62 10.40 -13.35
CA SER J 134 22.38 11.55 -12.87
C SER J 134 22.82 11.32 -11.44
N VAL J 135 24.11 11.52 -11.16
CA VAL J 135 24.66 11.38 -9.83
C VAL J 135 25.17 12.75 -9.38
N VAL J 136 24.69 13.20 -8.23
CA VAL J 136 24.98 14.54 -7.72
C VAL J 136 25.88 14.41 -6.49
N CYS J 137 26.87 15.30 -6.39
CA CYS J 137 27.76 15.39 -5.25
C CYS J 137 27.72 16.80 -4.72
N LEU J 138 27.50 16.95 -3.41
CA LEU J 138 27.24 18.25 -2.80
C LEU J 138 28.38 18.63 -1.85
N LEU J 139 28.96 19.80 -2.07
CA LEU J 139 29.97 20.38 -1.18
C LEU J 139 29.35 21.60 -0.52
N ASN J 140 29.06 21.50 0.77
CA ASN J 140 28.24 22.50 1.45
C ASN J 140 29.08 23.41 2.33
N ASN J 141 28.82 24.72 2.22
CA ASN J 141 29.37 25.78 3.06
C ASN J 141 30.87 25.62 3.31
N PHE J 142 31.67 26.05 2.34
CA PHE J 142 33.13 25.98 2.43
C PHE J 142 33.72 27.29 1.92
N TYR J 143 34.98 27.53 2.30
CA TYR J 143 35.75 28.64 1.78
C TYR J 143 37.21 28.20 1.84
N PRO J 144 38.04 28.52 0.83
CA PRO J 144 37.73 29.32 -0.36
C PRO J 144 37.01 28.57 -1.48
N ARG J 145 36.84 29.26 -2.61
CA ARG J 145 36.03 28.74 -3.71
C ARG J 145 36.68 27.54 -4.39
N GLU J 146 38.01 27.52 -4.48
CA GLU J 146 38.71 26.50 -5.25
C GLU J 146 38.55 25.13 -4.58
N ALA J 147 38.00 24.18 -5.33
CA ALA J 147 37.81 22.82 -4.82
C ALA J 147 37.90 21.85 -6.00
N LYS J 148 38.66 20.78 -5.82
CA LYS J 148 38.75 19.71 -6.81
C LYS J 148 37.72 18.64 -6.47
N VAL J 149 36.93 18.25 -7.48
CA VAL J 149 35.90 17.23 -7.31
C VAL J 149 36.09 16.20 -8.41
N GLN J 150 36.51 14.99 -8.04
CA GLN J 150 36.81 13.94 -8.99
C GLN J 150 35.79 12.83 -8.87
N TRP J 151 35.20 12.44 -9.99
CA TRP J 151 34.30 11.30 -10.04
C TRP J 151 35.08 10.03 -10.32
N LYS J 152 34.78 8.98 -9.56
CA LYS J 152 35.47 7.70 -9.71
C LYS J 152 34.43 6.59 -9.80
N VAL J 153 34.60 5.73 -10.81
CA VAL J 153 33.63 4.70 -11.17
C VAL J 153 34.39 3.39 -11.23
N ASP J 154 34.21 2.54 -10.22
CA ASP J 154 35.08 1.39 -9.99
C ASP J 154 36.55 1.82 -10.02
N ASN J 155 36.83 2.90 -9.30
CA ASN J 155 38.17 3.47 -9.15
C ASN J 155 38.79 3.89 -10.48
N ALA J 156 37.98 4.07 -11.51
CA ALA J 156 38.43 4.67 -12.76
C ALA J 156 38.01 6.14 -12.76
N LEU J 157 38.97 7.03 -13.04
CA LEU J 157 38.70 8.46 -13.02
C LEU J 157 37.81 8.84 -14.21
N GLN J 158 36.74 9.58 -13.92
CA GLN J 158 35.80 10.01 -14.95
C GLN J 158 36.19 11.39 -15.50
N SER J 159 35.76 11.65 -16.73
CA SER J 159 36.13 12.88 -17.41
C SER J 159 35.07 13.23 -18.43
N GLY J 160 34.87 14.54 -18.61
CA GLY J 160 34.06 15.06 -19.70
C GLY J 160 32.57 14.82 -19.60
N ASN J 161 32.09 14.24 -18.50
CA ASN J 161 30.66 13.98 -18.37
C ASN J 161 30.08 14.53 -17.08
N SER J 162 30.75 15.48 -16.43
CA SER J 162 30.24 16.10 -15.22
C SER J 162 30.33 17.62 -15.36
N GLN J 163 29.51 18.31 -14.58
CA GLN J 163 29.50 19.77 -14.57
C GLN J 163 29.29 20.30 -13.16
N GLU J 164 29.94 21.42 -12.85
CA GLU J 164 29.91 21.99 -11.52
C GLU J 164 29.18 23.34 -11.54
N SER J 165 28.42 23.61 -10.49
CA SER J 165 27.75 24.89 -10.29
C SER J 165 28.00 25.36 -8.87
N VAL J 166 28.14 26.68 -8.70
CA VAL J 166 28.54 27.28 -7.43
C VAL J 166 27.56 28.39 -7.08
N THR J 167 27.09 28.40 -5.83
CA THR J 167 26.20 29.46 -5.37
C THR J 167 26.99 30.75 -5.18
N GLU J 168 26.26 31.84 -4.94
CA GLU J 168 26.92 33.08 -4.56
C GLU J 168 27.30 33.03 -3.08
N GLN J 169 28.27 33.86 -2.70
CA GLN J 169 28.72 33.91 -1.32
C GLN J 169 27.54 34.10 -0.38
N ASP J 170 27.58 33.39 0.74
CA ASP J 170 26.52 33.53 1.74
C ASP J 170 26.53 34.95 2.28
N SER J 171 25.33 35.53 2.42
CA SER J 171 25.23 36.90 2.89
C SER J 171 25.77 37.05 4.31
N LYS J 172 25.64 36.01 5.14
CA LYS J 172 26.04 36.14 6.53
C LYS J 172 27.50 35.73 6.79
N ASP J 173 27.90 34.54 6.37
CA ASP J 173 29.20 34.00 6.75
C ASP J 173 30.20 33.89 5.60
N SER J 174 29.83 34.31 4.39
CA SER J 174 30.71 34.47 3.24
C SER J 174 31.15 33.14 2.63
N THR J 175 30.45 32.05 2.91
CA THR J 175 30.85 30.75 2.42
C THR J 175 30.25 30.46 1.04
N TYR J 176 30.67 29.34 0.45
CA TYR J 176 30.17 28.88 -0.84
C TYR J 176 29.57 27.49 -0.71
N SER J 177 28.73 27.14 -1.68
CA SER J 177 28.27 25.77 -1.86
C SER J 177 28.44 25.39 -3.32
N LEU J 178 28.62 24.10 -3.56
CA LEU J 178 28.96 23.60 -4.89
C LEU J 178 28.27 22.27 -5.14
N SER J 179 27.76 22.11 -6.35
CA SER J 179 27.22 20.83 -6.80
C SER J 179 28.05 20.34 -7.98
N SER J 180 28.16 19.02 -8.11
CA SER J 180 28.76 18.39 -9.28
C SER J 180 27.86 17.25 -9.72
N THR J 181 27.50 17.24 -10.99
CA THR J 181 26.48 16.32 -11.51
C THR J 181 27.08 15.48 -12.62
N LEU J 182 27.19 14.18 -12.38
CA LEU J 182 27.63 13.22 -13.39
C LEU J 182 26.40 12.64 -14.05
N THR J 183 26.34 12.71 -15.37
CA THR J 183 25.20 12.26 -16.15
C THR J 183 25.63 11.15 -17.10
N LEU J 184 24.93 10.03 -17.07
CA LEU J 184 25.24 8.90 -17.94
C LEU J 184 23.95 8.29 -18.46
N SER J 185 24.08 7.56 -19.57
CA SER J 185 22.96 6.77 -20.05
C SER J 185 22.64 5.68 -19.04
N LYS J 186 21.39 5.20 -19.08
CA LYS J 186 21.01 4.08 -18.23
C LYS J 186 21.91 2.88 -18.48
N ALA J 187 22.23 2.61 -19.74
CA ALA J 187 23.10 1.48 -20.08
C ALA J 187 24.47 1.65 -19.43
N ASP J 188 25.08 2.83 -19.56
CA ASP J 188 26.39 3.05 -18.96
C ASP J 188 26.34 2.90 -17.44
N TYR J 189 25.29 3.45 -16.81
CA TYR J 189 25.15 3.33 -15.37
C TYR J 189 25.09 1.88 -14.92
N GLU J 190 24.36 1.04 -15.67
CA GLU J 190 24.23 -0.37 -15.30
C GLU J 190 25.52 -1.15 -15.48
N LYS J 191 26.51 -0.57 -16.15
CA LYS J 191 27.74 -1.30 -16.44
C LYS J 191 28.70 -1.35 -15.27
N HIS J 192 28.58 -0.45 -14.30
CA HIS J 192 29.56 -0.37 -13.23
C HIS J 192 28.92 -0.40 -11.86
N LYS J 193 29.76 -0.74 -10.90
CA LYS J 193 29.48 -0.76 -9.47
C LYS J 193 30.26 0.40 -8.84
N LEU J 194 30.04 0.64 -7.54
CA LEU J 194 30.84 1.58 -6.76
C LEU J 194 31.05 2.94 -7.44
N TYR J 195 30.20 3.91 -7.12
CA TYR J 195 30.36 5.27 -7.61
C TYR J 195 30.83 6.15 -6.47
N ALA J 196 31.90 6.92 -6.69
CA ALA J 196 32.52 7.70 -5.61
C ALA J 196 32.78 9.14 -6.05
N CYS J 197 32.75 10.04 -5.06
CA CYS J 197 33.03 11.46 -5.25
C CYS J 197 34.17 11.86 -4.34
N GLU J 198 35.32 12.18 -4.93
CA GLU J 198 36.55 12.47 -4.19
C GLU J 198 36.82 13.96 -4.25
N VAL J 199 36.87 14.60 -3.08
CA VAL J 199 36.94 16.06 -2.98
C VAL J 199 38.26 16.46 -2.35
N THR J 200 38.91 17.45 -2.96
CA THR J 200 40.15 18.04 -2.45
C THR J 200 39.90 19.52 -2.13
N HIS J 201 40.40 19.99 -0.99
CA HIS J 201 40.17 21.37 -0.60
C HIS J 201 41.20 21.79 0.44
N GLN J 202 41.47 23.11 0.48
CA GLN J 202 42.43 23.67 1.42
C GLN J 202 42.07 23.37 2.87
N GLY J 203 40.78 23.50 3.21
CA GLY J 203 40.34 23.22 4.56
C GLY J 203 40.34 21.76 4.95
N LEU J 204 40.67 20.86 4.02
CA LEU J 204 40.75 19.43 4.28
C LEU J 204 42.22 19.02 4.32
N SER J 205 42.59 18.26 5.35
CA SER J 205 43.96 17.76 5.44
C SER J 205 44.23 16.72 4.36
N SER J 206 43.29 15.81 4.15
CA SER J 206 43.37 14.74 3.18
C SER J 206 42.10 14.71 2.34
N PRO J 207 42.18 14.21 1.11
CA PRO J 207 40.97 14.12 0.28
C PRO J 207 39.86 13.31 0.96
N VAL J 208 38.62 13.72 0.71
CA VAL J 208 37.44 13.11 1.32
C VAL J 208 36.61 12.47 0.22
N THR J 209 36.24 11.21 0.43
CA THR J 209 35.44 10.45 -0.52
C THR J 209 34.09 10.11 0.10
N LYS J 210 33.02 10.33 -0.65
CA LYS J 210 31.72 9.74 -0.38
C LYS J 210 31.38 8.83 -1.55
N SER J 211 30.65 7.75 -1.28
CA SER J 211 30.42 6.79 -2.34
C SER J 211 29.20 5.94 -2.01
N PHE J 212 28.79 5.16 -3.00
CA PHE J 212 27.67 4.25 -2.85
C PHE J 212 27.81 3.13 -3.88
N ASN J 213 27.02 2.08 -3.66
CA ASN J 213 27.04 0.87 -4.46
C ASN J 213 25.74 0.79 -5.24
N ARG J 214 25.81 0.39 -6.51
CA ARG J 214 24.66 0.53 -7.39
C ARG J 214 23.53 -0.40 -6.99
N GLY J 215 22.31 0.14 -6.94
CA GLY J 215 21.17 -0.60 -6.40
C GLY J 215 21.17 -0.51 -4.89
N GLU J 216 21.71 -1.54 -4.26
CA GLU J 216 22.08 -1.64 -2.84
C GLU J 216 21.28 -0.70 -1.90
N ASP K 3 26.03 15.32 -60.89
CA ASP K 3 25.71 14.26 -59.93
C ASP K 3 26.51 14.37 -58.64
N ILE K 4 25.84 14.02 -57.54
CA ILE K 4 26.47 13.77 -56.26
C ILE K 4 26.25 12.31 -55.95
N GLN K 5 27.31 11.60 -55.58
CA GLN K 5 27.24 10.16 -55.38
C GLN K 5 27.34 9.82 -53.90
N MET K 6 26.40 9.00 -53.44
CA MET K 6 26.28 8.60 -52.03
C MET K 6 26.59 7.12 -51.94
N THR K 7 27.73 6.77 -51.36
CA THR K 7 28.11 5.37 -51.18
C THR K 7 27.84 4.96 -49.74
N GLN K 8 26.94 3.99 -49.56
CA GLN K 8 26.70 3.44 -48.23
C GLN K 8 27.65 2.28 -47.97
N SER K 9 27.79 1.95 -46.69
CA SER K 9 28.67 0.87 -46.25
C SER K 9 28.31 0.46 -44.82
N PRO K 10 28.09 -0.83 -44.56
CA PRO K 10 28.09 -1.91 -45.54
C PRO K 10 26.84 -1.88 -46.42
N SER K 11 26.67 -2.87 -47.29
CA SER K 11 25.43 -3.00 -48.05
C SER K 11 24.45 -3.96 -47.41
N SER K 12 24.95 -4.97 -46.69
CA SER K 12 24.14 -5.84 -45.87
C SER K 12 24.78 -5.92 -44.49
N LEU K 13 23.99 -6.37 -43.52
CA LEU K 13 24.48 -6.36 -42.15
C LEU K 13 23.55 -7.22 -41.31
N SER K 14 24.14 -8.00 -40.40
CA SER K 14 23.40 -9.00 -39.64
C SER K 14 23.75 -8.83 -38.17
N ALA K 15 22.74 -8.89 -37.30
CA ALA K 15 23.01 -8.65 -35.88
C ALA K 15 21.81 -9.07 -35.05
N SER K 16 22.09 -9.34 -33.77
CA SER K 16 21.12 -9.86 -32.83
C SER K 16 20.34 -8.71 -32.16
N VAL K 17 19.25 -9.09 -31.51
CA VAL K 17 18.50 -8.12 -30.72
C VAL K 17 19.37 -7.64 -29.58
N GLY K 18 19.45 -6.31 -29.42
CA GLY K 18 20.30 -5.71 -28.41
C GLY K 18 21.64 -5.23 -28.91
N ASP K 19 22.06 -5.64 -30.12
CA ASP K 19 23.35 -5.23 -30.65
C ASP K 19 23.36 -3.75 -31.02
N ARG K 20 24.54 -3.15 -30.92
CA ARG K 20 24.81 -1.88 -31.55
C ARG K 20 24.99 -2.09 -33.05
N VAL K 21 24.56 -1.11 -33.85
CA VAL K 21 24.72 -1.11 -35.30
C VAL K 21 25.02 0.27 -35.83
N THR K 22 25.97 0.34 -36.75
CA THR K 22 26.40 1.57 -37.39
C THR K 22 26.40 1.39 -38.90
N ILE K 23 25.88 2.40 -39.61
CA ILE K 23 25.86 2.42 -41.06
C ILE K 23 26.48 3.72 -41.52
N THR K 24 27.30 3.64 -42.57
CA THR K 24 28.10 4.77 -43.04
C THR K 24 27.66 5.17 -44.44
N CYS K 25 27.53 6.48 -44.65
CA CYS K 25 27.17 7.05 -45.95
C CYS K 25 28.24 8.08 -46.32
N ARG K 26 28.82 7.91 -47.52
CA ARG K 26 29.97 8.71 -47.94
C ARG K 26 29.57 9.62 -49.10
N ALA K 27 30.04 10.87 -49.05
CA ALA K 27 29.67 11.90 -50.01
C ALA K 27 30.81 12.10 -51.00
N SER K 28 30.48 12.10 -52.30
CA SER K 28 31.50 12.38 -53.29
C SER K 28 32.01 13.82 -53.17
N GLN K 29 31.15 14.75 -52.75
CA GLN K 29 31.55 16.14 -52.53
C GLN K 29 31.01 16.62 -51.19
N SER K 30 31.53 17.77 -50.73
CA SER K 30 31.19 18.27 -49.41
C SER K 30 29.77 18.82 -49.40
N ILE K 31 28.99 18.42 -48.40
CA ILE K 31 27.56 18.77 -48.37
C ILE K 31 27.13 19.31 -47.01
N SER K 32 28.10 19.79 -46.21
CA SER K 32 27.83 20.34 -44.87
C SER K 32 27.06 19.30 -44.08
N ARG K 33 25.92 19.65 -43.49
CA ARG K 33 25.08 18.70 -42.77
CA ARG K 33 25.08 18.70 -42.77
C ARG K 33 23.75 18.49 -43.47
N TYR K 34 23.76 18.53 -44.80
CA TYR K 34 22.53 18.38 -45.59
C TYR K 34 22.32 16.92 -45.96
N LEU K 35 21.89 16.17 -44.95
CA LEU K 35 21.75 14.72 -45.08
C LEU K 35 20.57 14.24 -44.25
N ASN K 36 19.88 13.22 -44.75
CA ASN K 36 18.74 12.64 -44.05
C ASN K 36 18.84 11.11 -44.07
N TRP K 37 18.27 10.49 -43.05
CA TRP K 37 18.24 9.03 -42.93
C TRP K 37 16.80 8.56 -42.87
N TYR K 38 16.46 7.61 -43.75
CA TYR K 38 15.14 7.00 -43.75
C TYR K 38 15.22 5.50 -43.47
N GLN K 39 14.13 4.97 -42.93
CA GLN K 39 13.93 3.53 -42.77
C GLN K 39 12.74 3.10 -43.61
N GLN K 40 12.84 1.95 -44.25
CA GLN K 40 11.78 1.40 -45.07
C GLN K 40 11.65 -0.09 -44.78
N LYS K 41 10.43 -0.57 -44.58
CA LYS K 41 10.22 -1.94 -44.13
C LYS K 41 9.65 -2.84 -45.22
N PRO K 42 9.92 -2.56 -46.52
CA PRO K 42 9.12 -3.12 -47.62
C PRO K 42 7.68 -3.56 -47.37
N GLY K 43 6.80 -3.03 -48.21
CA GLY K 43 5.38 -3.05 -47.95
C GLY K 43 4.88 -1.78 -47.30
N LYS K 44 5.79 -0.89 -46.90
CA LYS K 44 5.44 0.34 -46.21
C LYS K 44 6.18 1.51 -46.83
N ALA K 45 5.69 2.71 -46.56
CA ALA K 45 6.32 3.93 -47.03
C ALA K 45 7.54 4.25 -46.18
N PRO K 46 8.47 5.06 -46.69
CA PRO K 46 9.66 5.41 -45.91
C PRO K 46 9.30 6.20 -44.67
N LYS K 47 10.10 6.02 -43.63
CA LYS K 47 9.96 6.75 -42.38
C LYS K 47 11.21 7.59 -42.17
N LEU K 48 11.01 8.89 -41.96
CA LEU K 48 12.13 9.80 -41.72
C LEU K 48 12.64 9.61 -40.29
N LEU K 49 13.93 9.30 -40.15
CA LEU K 49 14.54 9.08 -38.84
C LEU K 49 15.36 10.28 -38.37
N ILE K 50 16.37 10.66 -39.15
CA ILE K 50 17.26 11.75 -38.82
C ILE K 50 17.24 12.75 -39.97
N TYR K 51 17.25 14.03 -39.64
CA TYR K 51 17.38 15.08 -40.64
C TYR K 51 18.46 16.06 -40.21
N ALA K 52 18.99 16.78 -41.19
CA ALA K 52 20.12 17.68 -40.99
C ALA K 52 21.29 16.96 -40.30
N ALA K 53 21.54 15.73 -40.76
CA ALA K 53 22.66 14.89 -40.36
C ALA K 53 22.52 14.28 -38.96
N SER K 54 21.94 15.02 -38.01
CA SER K 54 22.00 14.58 -36.63
C SER K 54 20.77 14.91 -35.79
N SER K 55 19.72 15.49 -36.36
CA SER K 55 18.55 15.86 -35.58
C SER K 55 17.54 14.72 -35.59
N LEU K 56 17.05 14.36 -34.40
CA LEU K 56 16.14 13.23 -34.26
C LEU K 56 14.72 13.66 -34.58
N GLN K 57 14.14 13.10 -35.64
CA GLN K 57 12.77 13.42 -36.02
C GLN K 57 11.81 13.09 -34.89
N SER K 58 10.79 13.92 -34.73
CA SER K 58 9.78 13.69 -33.70
C SER K 58 9.08 12.36 -33.92
N GLY K 59 8.98 11.56 -32.86
CA GLY K 59 8.34 10.27 -32.92
C GLY K 59 9.31 9.10 -33.02
N VAL K 60 10.51 9.34 -33.51
CA VAL K 60 11.47 8.24 -33.70
C VAL K 60 12.16 7.97 -32.36
N PRO K 61 12.23 6.71 -31.93
CA PRO K 61 12.83 6.41 -30.62
C PRO K 61 14.25 6.96 -30.49
N SER K 62 14.67 7.13 -29.23
CA SER K 62 15.94 7.80 -28.95
C SER K 62 17.14 6.95 -29.30
N ARG K 63 16.97 5.63 -29.49
CA ARG K 63 18.09 4.77 -29.81
C ARG K 63 18.68 5.08 -31.18
N PHE K 64 17.97 5.83 -32.02
CA PHE K 64 18.47 6.25 -33.32
C PHE K 64 19.21 7.57 -33.17
N SER K 65 20.39 7.66 -33.77
CA SER K 65 21.16 8.90 -33.73
C SER K 65 22.05 8.96 -34.97
N GLY K 66 22.26 10.18 -35.45
CA GLY K 66 23.16 10.40 -36.56
C GLY K 66 24.29 11.36 -36.22
N SER K 67 25.30 11.41 -37.09
CA SER K 67 26.40 12.35 -36.93
C SER K 67 27.16 12.41 -38.25
N GLY K 68 28.04 13.39 -38.34
CA GLY K 68 28.89 13.58 -39.50
C GLY K 68 28.67 14.94 -40.15
N SER K 69 29.55 15.22 -41.10
CA SER K 69 29.51 16.48 -41.83
C SER K 69 30.39 16.37 -43.06
N GLU K 70 30.24 17.33 -43.97
CA GLU K 70 30.98 17.40 -45.23
C GLU K 70 30.86 16.13 -46.05
N THR K 71 31.65 15.09 -45.74
CA THR K 71 31.72 13.92 -46.60
C THR K 71 31.57 12.58 -45.90
N GLU K 72 31.40 12.54 -44.58
CA GLU K 72 31.31 11.28 -43.87
C GLU K 72 30.18 11.35 -42.84
N PHE K 73 29.21 10.45 -42.96
CA PHE K 73 28.04 10.45 -42.10
C PHE K 73 27.78 9.06 -41.55
N THR K 74 27.25 9.00 -40.33
CA THR K 74 27.03 7.74 -39.63
C THR K 74 25.63 7.73 -39.02
N LEU K 75 24.91 6.63 -39.22
CA LEU K 75 23.64 6.38 -38.55
C LEU K 75 23.81 5.23 -37.57
N THR K 76 23.35 5.43 -36.33
CA THR K 76 23.67 4.53 -35.23
C THR K 76 22.41 4.11 -34.49
N ILE K 77 22.13 2.81 -34.48
CA ILE K 77 21.11 2.22 -33.61
C ILE K 77 21.84 1.66 -32.40
N SER K 78 21.51 2.17 -31.21
CA SER K 78 22.21 1.76 -30.00
C SER K 78 21.92 0.30 -29.66
N SER K 79 20.66 -0.11 -29.71
CA SER K 79 20.27 -1.47 -29.33
C SER K 79 19.20 -1.94 -30.30
N LEU K 80 19.49 -3.01 -31.04
CA LEU K 80 18.54 -3.50 -32.03
C LEU K 80 17.26 -4.03 -31.40
N HIS K 81 16.18 -3.81 -32.10
CA HIS K 81 14.88 -4.28 -31.67
C HIS K 81 14.33 -5.29 -32.66
N PRO K 82 13.32 -6.06 -32.25
CA PRO K 82 12.66 -6.96 -33.21
C PRO K 82 12.13 -6.24 -34.43
N ASP K 83 11.55 -5.06 -34.25
CA ASP K 83 10.96 -4.28 -35.33
C ASP K 83 11.94 -3.31 -36.00
N ASP K 84 13.17 -3.77 -36.22
CA ASP K 84 14.17 -3.04 -37.00
C ASP K 84 14.56 -3.83 -38.25
N PHE K 85 13.57 -4.44 -38.90
CA PHE K 85 13.74 -5.42 -39.97
C PHE K 85 14.21 -4.82 -41.30
N ALA K 86 14.61 -3.58 -41.31
CA ALA K 86 14.41 -2.71 -42.46
C ALA K 86 15.65 -2.59 -43.35
N THR K 87 15.47 -1.84 -44.45
CA THR K 87 16.53 -1.30 -45.28
C THR K 87 16.62 0.22 -45.05
N TYR K 88 17.83 0.72 -44.87
CA TYR K 88 18.05 2.09 -44.41
C TYR K 88 18.71 2.91 -45.51
N TYR K 89 18.12 4.07 -45.80
CA TYR K 89 18.59 4.97 -46.85
C TYR K 89 19.13 6.26 -46.27
N CYS K 90 20.27 6.73 -46.79
CA CYS K 90 20.68 8.11 -46.61
C CYS K 90 20.26 8.90 -47.84
N GLN K 91 20.09 10.21 -47.65
CA GLN K 91 19.67 11.08 -48.74
C GLN K 91 20.29 12.45 -48.54
N GLN K 92 21.08 12.89 -49.52
CA GLN K 92 21.60 14.25 -49.49
C GLN K 92 20.52 15.22 -49.95
N SER K 93 20.54 16.42 -49.39
CA SER K 93 19.59 17.47 -49.71
C SER K 93 20.33 18.75 -50.13
N TYR K 94 21.49 18.57 -50.74
CA TYR K 94 22.42 19.63 -51.11
C TYR K 94 22.25 20.10 -52.54
N SER K 95 22.03 19.16 -53.47
CA SER K 95 21.89 19.47 -54.88
C SER K 95 20.56 20.16 -55.14
N THR K 96 20.30 20.45 -56.42
CA THR K 96 19.20 21.33 -56.81
C THR K 96 18.18 20.55 -57.66
N LEU K 97 17.27 19.82 -56.97
CA LEU K 97 15.95 19.32 -57.39
C LEU K 97 15.89 17.81 -57.61
N PRO K 98 16.85 17.17 -58.32
CA PRO K 98 16.83 15.69 -58.29
C PRO K 98 17.67 15.15 -57.12
N TYR K 99 17.09 15.21 -55.92
CA TYR K 99 17.74 14.65 -54.75
C TYR K 99 18.07 13.18 -55.01
N THR K 100 19.23 12.76 -54.53
CA THR K 100 19.67 11.39 -54.72
C THR K 100 19.77 10.68 -53.38
N PHE K 101 19.84 9.36 -53.44
CA PHE K 101 19.89 8.49 -52.29
C PHE K 101 21.16 7.65 -52.34
N GLY K 102 21.46 7.00 -51.23
CA GLY K 102 22.47 5.96 -51.24
C GLY K 102 21.86 4.61 -51.53
N GLN K 103 22.69 3.70 -52.04
CA GLN K 103 22.24 2.32 -52.18
C GLN K 103 22.01 1.75 -50.78
N GLY K 104 20.76 1.37 -50.51
CA GLY K 104 20.32 1.04 -49.18
C GLY K 104 21.17 0.06 -48.40
N THR K 105 20.98 0.02 -47.08
CA THR K 105 21.66 -0.94 -46.21
C THR K 105 20.61 -1.85 -45.58
N LYS K 106 20.64 -3.12 -45.96
CA LYS K 106 19.68 -4.09 -45.46
C LYS K 106 20.18 -4.65 -44.13
N VAL K 107 19.32 -4.58 -43.11
CA VAL K 107 19.63 -5.09 -41.79
C VAL K 107 18.74 -6.29 -41.52
N GLU K 108 19.35 -7.46 -41.39
CA GLU K 108 18.66 -8.68 -40.99
C GLU K 108 18.98 -9.02 -39.54
N ILE K 109 18.11 -9.80 -38.93
CA ILE K 109 18.21 -10.16 -37.51
C ILE K 109 18.81 -11.56 -37.43
N LYS K 110 20.08 -11.62 -37.03
CA LYS K 110 20.80 -12.88 -36.99
C LYS K 110 20.44 -13.69 -35.74
N ARG K 111 20.61 -15.00 -35.83
CA ARG K 111 20.20 -15.93 -34.78
C ARG K 111 21.03 -17.20 -34.91
N THR K 112 20.64 -18.23 -34.16
CA THR K 112 21.26 -19.55 -34.26
C THR K 112 20.73 -20.30 -35.48
N ALA K 113 21.55 -21.23 -35.98
CA ALA K 113 21.22 -21.92 -37.23
C ALA K 113 20.05 -22.88 -37.02
N ALA K 114 19.19 -22.96 -38.03
CA ALA K 114 18.01 -23.83 -37.99
C ALA K 114 17.84 -24.48 -39.36
N ALA K 115 17.80 -25.81 -39.37
CA ALA K 115 17.68 -26.56 -40.61
C ALA K 115 16.26 -26.46 -41.15
N PRO K 116 16.08 -26.56 -42.46
CA PRO K 116 14.73 -26.52 -43.04
C PRO K 116 14.01 -27.86 -42.96
N SER K 117 12.69 -27.78 -42.85
CA SER K 117 11.84 -28.94 -43.11
C SER K 117 11.47 -28.93 -44.59
N VAL K 118 11.66 -30.07 -45.26
CA VAL K 118 11.53 -30.16 -46.70
C VAL K 118 10.25 -30.92 -47.04
N PHE K 119 9.44 -30.34 -47.92
CA PHE K 119 8.26 -31.00 -48.48
C PHE K 119 8.32 -30.88 -50.00
N ILE K 120 7.61 -31.78 -50.68
CA ILE K 120 7.57 -31.81 -52.14
C ILE K 120 6.14 -32.13 -52.57
N PHE K 121 5.67 -31.44 -53.60
CA PHE K 121 4.28 -31.53 -54.03
C PHE K 121 4.21 -31.87 -55.51
N PRO K 122 3.51 -32.94 -55.90
CA PRO K 122 3.32 -33.22 -57.32
C PRO K 122 2.34 -32.24 -57.92
N PRO K 123 2.26 -32.14 -59.25
CA PRO K 123 1.24 -31.28 -59.86
C PRO K 123 -0.16 -31.83 -59.62
N SER K 124 -1.10 -30.93 -59.42
CA SER K 124 -2.50 -31.32 -59.30
C SER K 124 -2.98 -31.97 -60.58
N ASP K 125 -3.96 -32.87 -60.45
CA ASP K 125 -4.56 -33.48 -61.62
C ASP K 125 -5.26 -32.46 -62.50
N GLU K 126 -5.82 -31.41 -61.88
CA GLU K 126 -6.54 -30.40 -62.65
C GLU K 126 -5.59 -29.53 -63.47
N GLN K 127 -4.36 -29.33 -62.98
CA GLN K 127 -3.38 -28.58 -63.76
C GLN K 127 -2.93 -29.36 -64.98
N LEU K 128 -2.65 -30.66 -64.79
CA LEU K 128 -2.19 -31.50 -65.90
C LEU K 128 -3.18 -31.48 -67.05
N LYS K 129 -4.48 -31.54 -66.74
CA LYS K 129 -5.51 -31.46 -67.77
C LYS K 129 -5.37 -30.20 -68.61
N SER K 130 -4.90 -29.10 -68.00
CA SER K 130 -4.73 -27.86 -68.73
C SER K 130 -3.51 -27.88 -69.66
N GLY K 131 -2.51 -28.71 -69.39
CA GLY K 131 -1.39 -28.86 -70.32
C GLY K 131 0.00 -28.70 -69.74
N THR K 132 0.10 -28.20 -68.51
CA THR K 132 1.38 -27.91 -67.87
C THR K 132 1.46 -28.66 -66.54
N ALA K 133 2.68 -28.88 -66.07
CA ALA K 133 2.93 -29.54 -64.79
C ALA K 133 3.89 -28.69 -63.96
N SER K 134 3.51 -28.38 -62.72
CA SER K 134 4.34 -27.62 -61.80
C SER K 134 4.63 -28.46 -60.56
N VAL K 135 5.91 -28.67 -60.26
CA VAL K 135 6.34 -29.42 -59.09
C VAL K 135 6.95 -28.41 -58.12
N VAL K 136 6.43 -28.39 -56.89
CA VAL K 136 6.81 -27.40 -55.89
C VAL K 136 7.55 -28.09 -54.75
N CYS K 137 8.67 -27.50 -54.34
CA CYS K 137 9.46 -27.96 -53.20
C CYS K 137 9.47 -26.85 -52.16
N LEU K 138 9.25 -27.21 -50.89
CA LEU K 138 9.10 -26.24 -49.81
C LEU K 138 10.16 -26.48 -48.76
N LEU K 139 10.94 -25.44 -48.46
CA LEU K 139 11.93 -25.45 -47.39
C LEU K 139 11.40 -24.52 -46.30
N ASN K 140 10.97 -25.08 -45.18
CA ASN K 140 10.19 -24.34 -44.20
C ASN K 140 11.06 -23.96 -43.00
N ASN K 141 10.99 -22.67 -42.62
CA ASN K 141 11.54 -22.14 -41.37
C ASN K 141 13.00 -22.53 -41.14
N PHE K 142 13.92 -21.83 -41.79
CA PHE K 142 15.34 -22.12 -41.69
C PHE K 142 16.13 -20.82 -41.60
N TYR K 143 17.34 -20.93 -41.06
CA TYR K 143 18.28 -19.82 -40.97
C TYR K 143 19.68 -20.41 -40.96
N PRO K 144 20.64 -19.82 -41.70
CA PRO K 144 20.54 -18.58 -42.50
C PRO K 144 19.87 -18.73 -43.87
N ARG K 145 19.84 -17.63 -44.62
CA ARG K 145 19.03 -17.57 -45.83
C ARG K 145 19.57 -18.50 -46.91
N GLU K 146 20.89 -18.64 -47.00
CA GLU K 146 21.50 -19.34 -48.14
C GLU K 146 21.12 -20.82 -48.13
N ALA K 147 20.46 -21.25 -49.19
CA ALA K 147 20.05 -22.65 -49.35
C ALA K 147 20.05 -23.01 -50.82
N LYS K 148 20.69 -24.13 -51.15
CA LYS K 148 20.69 -24.66 -52.51
C LYS K 148 19.58 -25.69 -52.66
N VAL K 149 18.87 -25.62 -53.79
CA VAL K 149 17.81 -26.57 -54.11
C VAL K 149 18.10 -27.12 -55.50
N GLN K 150 18.33 -28.43 -55.58
CA GLN K 150 18.65 -29.11 -56.83
C GLN K 150 17.50 -30.02 -57.23
N TRP K 151 16.92 -29.77 -58.40
CA TRP K 151 15.87 -30.63 -58.94
C TRP K 151 16.49 -31.80 -59.70
N LYS K 152 15.88 -32.97 -59.53
CA LYS K 152 16.33 -34.17 -60.22
C LYS K 152 15.12 -34.91 -60.78
N VAL K 153 15.25 -35.32 -62.04
CA VAL K 153 14.21 -36.08 -62.72
C VAL K 153 14.85 -37.38 -63.22
N ASP K 154 14.44 -38.50 -62.65
CA ASP K 154 15.14 -39.78 -62.80
C ASP K 154 16.64 -39.58 -62.60
N ASN K 155 16.98 -38.81 -61.57
CA ASN K 155 18.34 -38.50 -61.16
C ASN K 155 19.13 -37.74 -62.21
N ALA K 156 18.44 -37.07 -63.14
CA ALA K 156 19.07 -36.15 -64.08
C ALA K 156 18.88 -34.73 -63.56
N LEU K 157 19.97 -34.04 -63.28
CA LEU K 157 19.88 -32.72 -62.67
C LEU K 157 19.26 -31.73 -63.65
N GLN K 158 18.30 -30.96 -63.18
CA GLN K 158 17.54 -30.04 -64.03
C GLN K 158 18.25 -28.68 -64.09
N SER K 159 17.84 -27.86 -65.07
CA SER K 159 18.51 -26.59 -65.30
C SER K 159 17.61 -25.68 -66.12
N GLY K 160 17.54 -24.41 -65.73
CA GLY K 160 16.81 -23.41 -66.48
C GLY K 160 15.32 -23.58 -66.51
N ASN K 161 14.75 -24.33 -65.56
CA ASN K 161 13.32 -24.59 -65.57
C ASN K 161 12.70 -24.54 -64.18
N SER K 162 13.36 -23.90 -63.22
CA SER K 162 12.79 -23.71 -61.89
C SER K 162 13.02 -22.28 -61.43
N GLN K 163 12.19 -21.85 -60.47
CA GLN K 163 12.26 -20.52 -59.91
C GLN K 163 12.09 -20.57 -58.39
N GLU K 164 12.79 -19.68 -57.69
CA GLU K 164 12.79 -19.66 -56.24
C GLU K 164 12.21 -18.36 -55.71
N SER K 165 11.55 -18.44 -54.57
CA SER K 165 11.04 -17.28 -53.86
C SER K 165 11.22 -17.49 -52.36
N VAL K 166 11.53 -16.40 -51.65
CA VAL K 166 11.82 -16.44 -50.22
C VAL K 166 10.90 -15.47 -49.50
N THR K 167 10.42 -15.89 -48.33
CA THR K 167 9.60 -15.02 -47.49
C THR K 167 10.48 -14.03 -46.74
N GLU K 168 9.83 -13.03 -46.15
CA GLU K 168 10.52 -12.14 -45.23
C GLU K 168 10.83 -12.87 -43.93
N GLN K 169 11.74 -12.30 -43.14
CA GLN K 169 12.07 -12.89 -41.85
C GLN K 169 10.83 -12.97 -40.97
N ASP K 170 10.67 -14.11 -40.31
CA ASP K 170 9.50 -14.31 -39.45
C ASP K 170 9.54 -13.33 -38.28
N SER K 171 8.37 -12.74 -37.99
CA SER K 171 8.29 -11.70 -36.98
C SER K 171 8.75 -12.21 -35.61
N LYS K 172 8.44 -13.47 -35.30
CA LYS K 172 8.72 -14.00 -33.98
C LYS K 172 10.10 -14.62 -33.86
N ASP K 173 10.49 -15.51 -34.79
CA ASP K 173 11.70 -16.31 -34.63
C ASP K 173 12.74 -16.08 -35.71
N SER K 174 12.56 -15.08 -36.59
CA SER K 174 13.58 -14.60 -37.51
C SER K 174 13.98 -15.62 -38.58
N THR K 175 13.17 -16.66 -38.81
CA THR K 175 13.52 -17.65 -39.82
C THR K 175 13.01 -17.24 -41.20
N TYR K 176 13.42 -18.00 -42.21
CA TYR K 176 12.99 -17.82 -43.58
C TYR K 176 12.25 -19.05 -44.07
N SER K 177 11.47 -18.87 -45.13
CA SER K 177 10.90 -19.98 -45.88
C SER K 177 11.15 -19.75 -47.36
N LEU K 178 11.29 -20.84 -48.10
CA LEU K 178 11.63 -20.77 -49.51
C LEU K 178 10.80 -21.77 -50.29
N SER K 179 10.27 -21.34 -51.42
CA SER K 179 9.64 -22.24 -52.37
C SER K 179 10.49 -22.32 -53.64
N SER K 180 10.48 -23.49 -54.26
CA SER K 180 11.12 -23.71 -55.56
C SER K 180 10.12 -24.46 -56.43
N THR K 181 9.90 -23.95 -57.63
CA THR K 181 8.85 -24.46 -58.51
C THR K 181 9.46 -24.88 -59.84
N LEU K 182 9.39 -26.18 -60.13
CA LEU K 182 9.84 -26.73 -61.40
C LEU K 182 8.66 -26.82 -62.36
N THR K 183 8.81 -26.28 -63.56
CA THR K 183 7.74 -26.25 -64.55
C THR K 183 8.14 -27.04 -65.78
N LEU K 184 7.25 -27.93 -66.22
CA LEU K 184 7.47 -28.76 -67.39
C LEU K 184 6.19 -28.83 -68.20
N SER K 185 6.31 -29.30 -69.43
CA SER K 185 5.11 -29.64 -70.18
C SER K 185 4.51 -30.93 -69.61
N LYS K 186 3.22 -31.13 -69.86
CA LYS K 186 2.60 -32.39 -69.45
C LYS K 186 3.30 -33.58 -70.09
N ALA K 187 3.64 -33.46 -71.38
CA ALA K 187 4.33 -34.54 -72.08
C ALA K 187 5.66 -34.87 -71.41
N ASP K 188 6.48 -33.84 -71.16
CA ASP K 188 7.77 -34.06 -70.50
C ASP K 188 7.57 -34.68 -69.12
N TYR K 189 6.57 -34.20 -68.39
CA TYR K 189 6.28 -34.77 -67.07
C TYR K 189 5.94 -36.26 -67.17
N GLU K 190 5.15 -36.64 -68.17
CA GLU K 190 4.76 -38.04 -68.30
C GLU K 190 5.90 -38.95 -68.74
N LYS K 191 7.03 -38.38 -69.18
CA LYS K 191 8.14 -39.19 -69.69
C LYS K 191 9.00 -39.81 -68.61
N HIS K 192 8.88 -39.41 -67.35
CA HIS K 192 9.83 -39.83 -66.31
C HIS K 192 9.09 -40.17 -65.03
N LYS K 193 9.77 -40.80 -64.06
CA LYS K 193 9.10 -41.23 -62.84
C LYS K 193 9.55 -40.47 -61.59
N LEU K 194 10.83 -40.54 -61.26
CA LEU K 194 11.32 -40.13 -59.96
C LEU K 194 11.61 -38.64 -59.98
N TYR K 195 10.80 -37.86 -59.27
CA TYR K 195 10.99 -36.43 -59.14
C TYR K 195 11.53 -36.13 -57.75
N ALA K 196 12.71 -35.54 -57.69
CA ALA K 196 13.43 -35.38 -56.43
C ALA K 196 13.86 -33.93 -56.22
N CYS K 197 13.90 -33.52 -54.95
CA CYS K 197 14.34 -32.19 -54.55
C CYS K 197 15.45 -32.36 -53.53
N GLU K 198 16.69 -32.04 -53.93
CA GLU K 198 17.86 -32.19 -53.06
C GLU K 198 18.24 -30.82 -52.50
N VAL K 199 18.29 -30.73 -51.17
CA VAL K 199 18.47 -29.47 -50.47
C VAL K 199 19.78 -29.50 -49.71
N THR K 200 20.58 -28.44 -49.87
CA THR K 200 21.83 -28.25 -49.15
C THR K 200 21.70 -27.01 -48.28
N HIS K 201 22.21 -27.11 -47.05
CA HIS K 201 22.08 -26.00 -46.10
C HIS K 201 23.04 -26.23 -44.94
N GLN K 202 23.47 -25.12 -44.33
CA GLN K 202 24.47 -25.19 -43.27
C GLN K 202 24.01 -26.03 -42.09
N GLY K 203 22.73 -25.92 -41.73
CA GLY K 203 22.21 -26.67 -40.59
C GLY K 203 21.89 -28.12 -40.86
N LEU K 204 22.19 -28.62 -42.05
CA LEU K 204 22.03 -30.01 -42.39
C LEU K 204 23.40 -30.66 -42.49
N SER K 205 23.58 -31.77 -41.77
CA SER K 205 24.85 -32.47 -41.79
C SER K 205 25.14 -33.04 -43.17
N SER K 206 24.15 -33.68 -43.78
CA SER K 206 24.20 -34.21 -45.12
C SER K 206 23.03 -33.66 -45.93
N PRO K 207 23.18 -33.54 -47.26
CA PRO K 207 22.04 -33.08 -48.08
C PRO K 207 20.81 -33.92 -47.85
N VAL K 208 19.64 -33.28 -47.94
CA VAL K 208 18.35 -33.90 -47.69
C VAL K 208 17.58 -33.95 -49.00
N THR K 209 17.09 -35.12 -49.36
CA THR K 209 16.31 -35.32 -50.57
C THR K 209 14.91 -35.80 -50.21
N LYS K 210 13.90 -35.12 -50.74
CA LYS K 210 12.53 -35.60 -50.76
C LYS K 210 12.15 -35.90 -52.20
N SER K 211 11.22 -36.82 -52.39
CA SER K 211 10.94 -37.30 -53.74
C SER K 211 9.60 -38.03 -53.77
N PHE K 212 9.13 -38.28 -54.99
CA PHE K 212 7.95 -39.09 -55.24
C PHE K 212 8.06 -39.73 -56.61
N ASN K 213 7.26 -40.76 -56.84
CA ASN K 213 7.15 -41.41 -58.14
C ASN K 213 5.82 -41.01 -58.78
N ARG K 214 5.87 -40.63 -60.05
CA ARG K 214 4.69 -40.13 -60.74
C ARG K 214 3.55 -41.13 -60.69
N GLY K 215 2.34 -40.63 -60.52
CA GLY K 215 1.18 -41.49 -60.36
C GLY K 215 1.19 -42.19 -59.03
N GLU K 216 2.03 -43.21 -58.92
CA GLU K 216 2.25 -44.02 -57.71
C GLU K 216 2.09 -43.28 -56.37
N ASP L 3 -11.33 -29.59 45.55
CA ASP L 3 -11.01 -28.32 44.90
C ASP L 3 -11.82 -28.11 43.62
N ILE L 4 -12.41 -26.93 43.51
CA ILE L 4 -12.92 -26.42 42.25
C ILE L 4 -11.87 -25.45 41.71
N GLN L 5 -11.56 -25.55 40.42
CA GLN L 5 -10.57 -24.69 39.79
C GLN L 5 -11.24 -23.86 38.71
N MET L 6 -11.00 -22.55 38.73
CA MET L 6 -11.62 -21.60 37.80
C MET L 6 -10.55 -21.00 36.90
N THR L 7 -10.63 -21.28 35.61
CA THR L 7 -9.72 -20.70 34.62
C THR L 7 -10.42 -19.54 33.91
N GLN L 8 -9.85 -18.34 34.05
CA GLN L 8 -10.31 -17.19 33.30
C GLN L 8 -9.54 -17.09 31.99
N SER L 9 -10.12 -16.36 31.04
CA SER L 9 -9.52 -16.13 29.73
C SER L 9 -10.20 -14.95 29.05
N PRO L 10 -9.43 -13.99 28.51
CA PRO L 10 -7.97 -13.93 28.57
C PRO L 10 -7.46 -13.50 29.95
N SER L 11 -6.15 -13.36 30.10
CA SER L 11 -5.59 -12.83 31.34
C SER L 11 -5.43 -11.32 31.27
N SER L 12 -5.13 -10.79 30.08
CA SER L 12 -5.05 -9.35 29.84
C SER L 12 -5.85 -9.03 28.59
N LEU L 13 -6.25 -7.77 28.46
CA LEU L 13 -7.17 -7.39 27.41
C LEU L 13 -7.19 -5.88 27.30
N SER L 14 -7.12 -5.37 26.07
CA SER L 14 -7.11 -3.94 25.78
C SER L 14 -8.25 -3.62 24.84
N ALA L 15 -8.99 -2.55 25.13
CA ALA L 15 -10.09 -2.14 24.28
C ALA L 15 -10.30 -0.64 24.39
N SER L 16 -10.85 -0.05 23.34
CA SER L 16 -11.11 1.38 23.29
C SER L 16 -12.48 1.70 23.89
N VAL L 17 -12.66 2.97 24.27
CA VAL L 17 -13.95 3.40 24.77
C VAL L 17 -15.01 3.13 23.72
N GLY L 18 -16.11 2.50 24.14
CA GLY L 18 -17.16 2.09 23.23
C GLY L 18 -17.10 0.66 22.79
N ASP L 19 -15.98 -0.03 23.00
CA ASP L 19 -15.85 -1.41 22.54
C ASP L 19 -16.73 -2.35 23.36
N ARG L 20 -17.10 -3.46 22.72
CA ARG L 20 -17.57 -4.63 23.44
C ARG L 20 -16.37 -5.32 24.08
N VAL L 21 -16.58 -5.87 25.27
CA VAL L 21 -15.52 -6.57 25.99
C VAL L 21 -16.10 -7.84 26.60
N THR L 22 -15.43 -8.97 26.36
CA THR L 22 -15.91 -10.25 26.84
C THR L 22 -14.81 -11.00 27.55
N ILE L 23 -15.13 -11.53 28.73
CA ILE L 23 -14.21 -12.31 29.55
C ILE L 23 -14.89 -13.64 29.87
N THR L 24 -14.12 -14.73 29.83
CA THR L 24 -14.64 -16.07 30.02
C THR L 24 -14.06 -16.69 31.30
N CYS L 25 -14.91 -17.43 32.02
CA CYS L 25 -14.53 -18.13 33.24
C CYS L 25 -14.96 -19.59 33.10
N ARG L 26 -14.01 -20.52 33.27
CA ARG L 26 -14.26 -21.95 33.08
C ARG L 26 -14.09 -22.70 34.40
N ALA L 27 -15.08 -23.52 34.73
CA ALA L 27 -15.09 -24.28 35.99
C ALA L 27 -14.72 -25.73 35.73
N SER L 28 -13.92 -26.30 36.63
CA SER L 28 -13.45 -27.67 36.46
C SER L 28 -14.57 -28.69 36.62
N GLN L 29 -15.63 -28.34 37.34
CA GLN L 29 -16.82 -29.19 37.43
C GLN L 29 -18.05 -28.31 37.32
N SER L 30 -19.19 -28.95 37.06
CA SER L 30 -20.45 -28.23 36.90
C SER L 30 -20.87 -27.59 38.23
N ILE L 31 -21.27 -26.32 38.17
CA ILE L 31 -21.60 -25.57 39.38
C ILE L 31 -22.93 -24.83 39.23
N SER L 32 -23.78 -25.28 38.30
CA SER L 32 -25.10 -24.67 38.06
C SER L 32 -24.88 -23.19 37.75
N ARG L 33 -25.57 -22.27 38.41
CA ARG L 33 -25.34 -20.84 38.25
C ARG L 33 -24.79 -20.22 39.54
N TYR L 34 -23.98 -20.97 40.27
CA TYR L 34 -23.39 -20.49 41.52
C TYR L 34 -22.06 -19.79 41.21
N LEU L 35 -22.19 -18.62 40.57
CA LEU L 35 -21.04 -17.87 40.10
C LEU L 35 -21.30 -16.38 40.31
N ASN L 36 -20.23 -15.65 40.63
CA ASN L 36 -20.30 -14.20 40.81
C ASN L 36 -19.12 -13.54 40.13
N TRP L 37 -19.31 -12.29 39.71
CA TRP L 37 -18.27 -11.48 39.08
C TRP L 37 -18.01 -10.23 39.90
N TYR L 38 -16.74 -9.98 40.20
CA TYR L 38 -16.32 -8.76 40.89
C TYR L 38 -15.40 -7.94 40.00
N GLN L 39 -15.35 -6.64 40.27
CA GLN L 39 -14.42 -5.72 39.65
C GLN L 39 -13.53 -5.13 40.74
N GLN L 40 -12.22 -5.07 40.49
CA GLN L 40 -11.27 -4.59 41.49
C GLN L 40 -10.23 -3.69 40.85
N LYS L 41 -10.26 -2.42 41.22
CA LYS L 41 -9.17 -1.50 40.95
C LYS L 41 -8.05 -1.72 41.96
N PRO L 42 -6.82 -1.35 41.63
CA PRO L 42 -5.68 -1.75 42.47
C PRO L 42 -5.74 -1.12 43.86
N GLY L 43 -5.64 -1.98 44.87
CA GLY L 43 -5.63 -1.51 46.24
C GLY L 43 -6.95 -0.98 46.74
N LYS L 44 -8.06 -1.42 46.14
CA LYS L 44 -9.39 -1.01 46.55
C LYS L 44 -10.23 -2.25 46.86
N ALA L 45 -11.32 -2.04 47.58
CA ALA L 45 -12.21 -3.15 47.91
C ALA L 45 -12.88 -3.66 46.64
N PRO L 46 -13.12 -4.97 46.53
CA PRO L 46 -13.85 -5.49 45.36
C PRO L 46 -15.28 -4.96 45.31
N LYS L 47 -15.78 -4.80 44.08
CA LYS L 47 -17.13 -4.36 43.79
C LYS L 47 -17.87 -5.52 43.11
N LEU L 48 -18.99 -5.93 43.70
CA LEU L 48 -19.80 -7.00 43.12
C LEU L 48 -20.60 -6.48 41.92
N LEU L 49 -20.44 -7.13 40.77
CA LEU L 49 -21.15 -6.76 39.54
C LEU L 49 -22.32 -7.68 39.26
N ILE L 50 -22.07 -8.98 39.17
CA ILE L 50 -23.07 -9.97 38.77
C ILE L 50 -23.07 -11.09 39.80
N TYR L 51 -24.26 -11.49 40.23
CA TYR L 51 -24.41 -12.64 41.12
C TYR L 51 -25.38 -13.63 40.49
N ALA L 52 -25.24 -14.89 40.89
CA ALA L 52 -26.00 -16.00 40.31
C ALA L 52 -25.89 -16.01 38.78
N ALA L 53 -24.64 -15.89 38.32
CA ALA L 53 -24.27 -16.04 36.90
C ALA L 53 -24.78 -14.93 35.99
N SER L 54 -25.98 -14.41 36.25
CA SER L 54 -26.57 -13.48 35.30
C SER L 54 -27.37 -12.33 35.91
N SER L 55 -27.49 -12.25 37.23
CA SER L 55 -28.29 -11.20 37.86
C SER L 55 -27.46 -9.96 38.12
N LEU L 56 -27.96 -8.80 37.69
CA LEU L 56 -27.26 -7.54 37.81
C LEU L 56 -27.40 -6.98 39.22
N GLN L 57 -26.29 -6.88 39.94
CA GLN L 57 -26.29 -6.30 41.29
C GLN L 57 -26.80 -4.86 41.25
N SER L 58 -27.59 -4.49 42.26
CA SER L 58 -28.16 -3.16 42.30
C SER L 58 -27.07 -2.10 42.39
N GLY L 59 -27.21 -1.05 41.59
CA GLY L 59 -26.24 0.02 41.50
C GLY L 59 -25.31 -0.08 40.31
N VAL L 60 -25.01 -1.30 39.86
CA VAL L 60 -24.04 -1.48 38.77
C VAL L 60 -24.69 -1.05 37.46
N PRO L 61 -23.99 -0.28 36.60
CA PRO L 61 -24.57 0.13 35.31
C PRO L 61 -25.11 -1.01 34.48
N SER L 62 -26.00 -0.70 33.54
CA SER L 62 -26.67 -1.74 32.76
C SER L 62 -25.75 -2.38 31.73
N ARG L 63 -24.63 -1.74 31.38
CA ARG L 63 -23.74 -2.28 30.36
C ARG L 63 -23.08 -3.58 30.80
N PHE L 64 -23.06 -3.87 32.10
CA PHE L 64 -22.55 -5.14 32.59
C PHE L 64 -23.63 -6.21 32.51
N SER L 65 -23.25 -7.39 32.03
CA SER L 65 -24.16 -8.53 32.00
C SER L 65 -23.35 -9.81 32.05
N GLY L 66 -23.94 -10.86 32.61
CA GLY L 66 -23.31 -12.15 32.65
C GLY L 66 -24.25 -13.24 32.17
N SER L 67 -23.65 -14.33 31.72
CA SER L 67 -24.43 -15.50 31.31
C SER L 67 -23.57 -16.74 31.47
N GLY L 68 -24.22 -17.89 31.38
CA GLY L 68 -23.55 -19.17 31.50
C GLY L 68 -24.20 -20.06 32.54
N SER L 69 -23.75 -21.30 32.56
CA SER L 69 -24.16 -22.27 33.56
C SER L 69 -23.19 -23.45 33.50
N GLU L 70 -23.30 -24.32 34.49
CA GLU L 70 -22.50 -25.54 34.55
C GLU L 70 -21.01 -25.22 34.57
N THR L 71 -20.37 -25.14 33.40
CA THR L 71 -18.91 -25.05 33.33
C THR L 71 -18.39 -23.86 32.53
N GLU L 72 -19.25 -23.03 31.94
CA GLU L 72 -18.80 -21.96 31.04
C GLU L 72 -19.60 -20.70 31.32
N PHE L 73 -18.91 -19.63 31.70
CA PHE L 73 -19.55 -18.36 32.06
C PHE L 73 -18.86 -17.21 31.34
N THR L 74 -19.64 -16.18 31.02
CA THR L 74 -19.13 -15.00 30.35
C THR L 74 -19.61 -13.74 31.07
N LEU L 75 -18.73 -12.75 31.14
CA LEU L 75 -19.06 -11.40 31.60
C LEU L 75 -18.86 -10.44 30.44
N THR L 76 -19.87 -9.60 30.19
CA THR L 76 -19.90 -8.79 28.98
C THR L 76 -20.13 -7.33 29.32
N ILE L 77 -19.17 -6.48 28.94
CA ILE L 77 -19.36 -5.04 28.95
C ILE L 77 -19.75 -4.65 27.53
N SER L 78 -20.99 -4.18 27.36
CA SER L 78 -21.51 -3.93 26.02
C SER L 78 -20.77 -2.78 25.34
N SER L 79 -20.49 -1.70 26.07
CA SER L 79 -19.78 -0.55 25.53
C SER L 79 -18.85 -0.02 26.61
N LEU L 80 -17.55 -0.08 26.36
CA LEU L 80 -16.56 0.25 27.38
C LEU L 80 -16.55 1.74 27.69
N HIS L 81 -16.50 2.08 29.00
CA HIS L 81 -16.36 3.42 29.55
C HIS L 81 -14.93 3.62 30.05
N PRO L 82 -14.42 4.86 30.00
CA PRO L 82 -12.99 5.08 30.29
C PRO L 82 -12.58 4.65 31.70
N ASP L 83 -13.50 4.65 32.64
CA ASP L 83 -13.21 4.23 34.01
C ASP L 83 -13.20 2.71 34.14
N ASP L 84 -13.70 1.98 33.14
CA ASP L 84 -13.90 0.54 33.32
C ASP L 84 -12.60 -0.26 33.41
N PHE L 85 -11.43 0.38 33.45
CA PHE L 85 -10.21 -0.38 33.68
C PHE L 85 -10.18 -0.91 35.11
N ALA L 86 -9.68 -2.13 35.26
CA ALA L 86 -9.55 -2.84 36.54
C ALA L 86 -9.18 -4.28 36.26
N THR L 87 -9.13 -5.10 37.31
CA THR L 87 -9.01 -6.54 37.15
C THR L 87 -10.34 -7.17 37.54
N TYR L 88 -10.86 -8.03 36.68
CA TYR L 88 -12.18 -8.62 36.85
C TYR L 88 -12.04 -10.07 37.27
N TYR L 89 -12.73 -10.44 38.34
CA TYR L 89 -12.63 -11.76 38.95
C TYR L 89 -13.98 -12.47 38.92
N CYS L 90 -13.95 -13.77 38.65
CA CYS L 90 -15.11 -14.63 38.87
C CYS L 90 -14.89 -15.47 40.12
N GLN L 91 -15.99 -15.83 40.78
CA GLN L 91 -15.92 -16.54 42.06
C GLN L 91 -17.06 -17.54 42.14
N GLN L 92 -16.72 -18.83 42.27
CA GLN L 92 -17.77 -19.83 42.46
C GLN L 92 -18.26 -19.84 43.89
N SER L 93 -19.54 -20.15 44.07
CA SER L 93 -20.18 -20.22 45.38
C SER L 93 -20.84 -21.58 45.56
N TYR L 94 -20.18 -22.63 45.07
CA TYR L 94 -20.69 -23.99 45.06
C TYR L 94 -20.07 -24.87 46.12
N SER L 95 -18.77 -24.73 46.36
CA SER L 95 -18.08 -25.46 47.42
C SER L 95 -18.54 -24.93 48.78
N THR L 96 -17.87 -25.38 49.84
CA THR L 96 -18.36 -25.19 51.19
C THR L 96 -17.42 -24.39 52.08
N LEU L 97 -17.02 -23.19 51.61
CA LEU L 97 -16.19 -22.17 52.26
C LEU L 97 -14.68 -22.34 52.04
N PRO L 98 -14.20 -23.45 51.44
CA PRO L 98 -12.94 -23.22 50.70
C PRO L 98 -13.26 -22.75 49.28
N TYR L 99 -13.52 -21.45 49.18
CA TYR L 99 -13.99 -20.86 47.94
C TYR L 99 -12.88 -20.85 46.89
N THR L 100 -13.29 -20.68 45.64
CA THR L 100 -12.36 -20.48 44.55
C THR L 100 -12.62 -19.12 43.89
N PHE L 101 -11.56 -18.55 43.34
CA PHE L 101 -11.64 -17.39 42.47
C PHE L 101 -10.91 -17.70 41.17
N GLY L 102 -11.18 -16.89 40.16
CA GLY L 102 -10.34 -16.91 38.97
C GLY L 102 -9.06 -16.12 39.19
N GLN L 103 -8.08 -16.35 38.31
CA GLN L 103 -6.82 -15.63 38.42
C GLN L 103 -6.99 -14.14 38.13
N GLY L 104 -8.08 -13.76 37.50
CA GLY L 104 -8.33 -12.36 37.20
C GLY L 104 -7.98 -12.01 35.77
N THR L 105 -8.74 -11.06 35.22
CA THR L 105 -8.53 -10.55 33.87
C THR L 105 -8.33 -9.05 33.94
N LYS L 106 -7.18 -8.58 33.49
CA LYS L 106 -6.82 -7.17 33.57
C LYS L 106 -7.24 -6.45 32.30
N VAL L 107 -8.10 -5.46 32.45
CA VAL L 107 -8.68 -4.70 31.33
C VAL L 107 -8.05 -3.31 31.31
N GLU L 108 -7.41 -2.97 30.19
CA GLU L 108 -6.84 -1.65 29.96
C GLU L 108 -7.61 -0.93 28.87
N ILE L 109 -7.68 0.38 28.98
CA ILE L 109 -8.30 1.21 27.96
C ILE L 109 -7.28 1.48 26.85
N LYS L 110 -7.66 1.19 25.62
CA LYS L 110 -6.85 1.51 24.44
C LYS L 110 -7.28 2.87 23.90
N ARG L 111 -6.32 3.62 23.37
CA ARG L 111 -6.60 4.95 22.85
C ARG L 111 -5.49 5.35 21.88
N THR L 112 -5.61 6.57 21.35
CA THR L 112 -4.62 7.08 20.41
C THR L 112 -3.34 7.47 21.14
N ALA L 113 -2.23 7.37 20.43
CA ALA L 113 -0.91 7.52 21.05
C ALA L 113 -0.68 8.95 21.50
N ALA L 114 -0.09 9.10 22.69
CA ALA L 114 0.24 10.40 23.27
C ALA L 114 1.68 10.36 23.76
N ALA L 115 2.50 11.27 23.24
CA ALA L 115 3.91 11.30 23.62
C ALA L 115 4.07 11.85 25.05
N PRO L 116 5.13 11.45 25.74
CA PRO L 116 5.31 11.92 27.12
C PRO L 116 6.00 13.28 27.18
N SER L 117 5.58 14.10 28.14
CA SER L 117 6.39 15.23 28.57
C SER L 117 7.46 14.72 29.53
N VAL L 118 8.71 15.06 29.27
CA VAL L 118 9.84 14.51 30.02
C VAL L 118 10.46 15.61 30.88
N PHE L 119 10.63 15.31 32.17
CA PHE L 119 11.30 16.18 33.12
C PHE L 119 12.42 15.40 33.80
N ILE L 120 13.43 16.13 34.27
CA ILE L 120 14.55 15.55 34.98
C ILE L 120 14.88 16.41 36.20
N PHE L 121 15.20 15.75 37.31
CA PHE L 121 15.48 16.42 38.57
C PHE L 121 16.86 16.02 39.07
N PRO L 122 17.76 16.96 39.33
CA PRO L 122 19.03 16.62 39.97
C PRO L 122 18.81 16.31 41.44
N PRO L 123 19.77 15.68 42.11
CA PRO L 123 19.60 15.43 43.54
C PRO L 123 19.54 16.74 44.32
N SER L 124 18.68 16.77 45.32
CA SER L 124 18.57 17.94 46.17
C SER L 124 19.86 18.15 46.95
N ASP L 125 20.25 19.41 47.11
CA ASP L 125 21.43 19.72 47.94
C ASP L 125 21.28 19.14 49.34
N GLU L 126 20.05 19.10 49.85
CA GLU L 126 19.80 18.56 51.19
C GLU L 126 20.07 17.07 51.25
N GLN L 127 19.78 16.35 50.16
CA GLN L 127 20.09 14.92 50.12
C GLN L 127 21.60 14.68 50.04
N LEU L 128 22.29 15.43 49.19
CA LEU L 128 23.72 15.25 49.02
C LEU L 128 24.46 15.48 50.33
N LYS L 129 24.02 16.46 51.11
CA LYS L 129 24.63 16.69 52.43
C LYS L 129 24.49 15.46 53.31
N SER L 130 23.40 14.71 53.17
CA SER L 130 23.22 13.51 53.97
C SER L 130 24.16 12.40 53.55
N GLY L 131 24.48 12.31 52.25
CA GLY L 131 25.49 11.36 51.79
C GLY L 131 25.11 10.48 50.62
N THR L 132 23.90 10.67 50.08
CA THR L 132 23.41 9.89 48.96
C THR L 132 22.95 10.81 47.85
N ALA L 133 22.69 10.24 46.67
CA ALA L 133 22.28 11.04 45.51
C ALA L 133 21.27 10.27 44.68
N SER L 134 20.13 10.90 44.40
CA SER L 134 19.06 10.31 43.61
C SER L 134 18.68 11.25 42.47
N VAL L 135 18.67 10.72 41.25
CA VAL L 135 18.27 11.46 40.06
C VAL L 135 16.94 10.88 39.59
N VAL L 136 15.96 11.75 39.38
CA VAL L 136 14.59 11.35 39.02
C VAL L 136 14.28 11.85 37.61
N CYS L 137 13.71 10.97 36.79
CA CYS L 137 13.20 11.31 35.47
C CYS L 137 11.70 11.04 35.44
N LEU L 138 10.93 12.00 34.94
CA LEU L 138 9.48 11.91 34.95
C LEU L 138 8.96 11.90 33.51
N LEU L 139 8.12 10.91 33.21
CA LEU L 139 7.43 10.79 31.93
C LEU L 139 5.94 10.99 32.20
N ASN L 140 5.38 12.10 31.74
CA ASN L 140 4.06 12.55 32.16
C ASN L 140 3.03 12.35 31.06
N ASN L 141 1.92 11.72 31.42
CA ASN L 141 0.71 11.62 30.60
C ASN L 141 1.00 11.15 29.18
N PHE L 142 1.22 9.85 29.03
CA PHE L 142 1.54 9.26 27.74
C PHE L 142 0.73 7.97 27.56
N TYR L 143 0.66 7.53 26.29
CA TYR L 143 0.08 6.24 25.94
C TYR L 143 0.71 5.81 24.63
N PRO L 144 1.04 4.51 24.45
CA PRO L 144 0.82 3.40 25.38
C PRO L 144 1.82 3.31 26.52
N ARG L 145 1.65 2.28 27.35
CA ARG L 145 2.46 2.13 28.56
C ARG L 145 3.92 1.91 28.21
N GLU L 146 4.20 1.19 27.12
CA GLU L 146 5.57 0.81 26.79
C GLU L 146 6.42 2.04 26.52
N ALA L 147 7.45 2.23 27.33
CA ALA L 147 8.42 3.30 27.10
C ALA L 147 9.77 2.85 27.64
N LYS L 148 10.81 3.02 26.83
CA LYS L 148 12.18 2.81 27.27
C LYS L 148 12.74 4.11 27.83
N VAL L 149 13.34 4.06 29.01
CA VAL L 149 14.09 5.18 29.55
C VAL L 149 15.51 4.70 29.79
N GLN L 150 16.47 5.37 29.18
CA GLN L 150 17.88 5.01 29.28
C GLN L 150 18.61 6.11 30.06
N TRP L 151 19.17 5.75 31.20
CA TRP L 151 20.03 6.65 31.95
C TRP L 151 21.42 6.66 31.33
N LYS L 152 21.99 7.84 31.19
CA LYS L 152 23.33 7.98 30.64
C LYS L 152 24.15 8.89 31.55
N VAL L 153 25.36 8.46 31.87
CA VAL L 153 26.27 9.21 32.72
C VAL L 153 27.54 9.46 31.92
N ASP L 154 27.77 10.73 31.57
CA ASP L 154 28.78 11.10 30.58
C ASP L 154 28.69 10.19 29.36
N ASN L 155 27.44 10.03 28.90
CA ASN L 155 27.08 9.22 27.73
C ASN L 155 27.51 7.76 27.87
N ALA L 156 27.67 7.28 29.10
CA ALA L 156 27.78 5.86 29.38
C ALA L 156 26.42 5.35 29.81
N LEU L 157 25.91 4.33 29.14
CA LEU L 157 24.59 3.81 29.46
C LEU L 157 24.62 3.13 30.82
N GLN L 158 23.62 3.42 31.65
CA GLN L 158 23.56 2.87 32.98
C GLN L 158 22.73 1.59 33.00
N SER L 159 22.93 0.80 34.06
CA SER L 159 22.24 -0.48 34.18
C SER L 159 22.26 -0.92 35.63
N GLY L 160 21.15 -1.52 36.07
CA GLY L 160 21.06 -2.11 37.39
C GLY L 160 21.04 -1.14 38.54
N ASN L 161 20.91 0.17 38.28
CA ASN L 161 20.93 1.17 39.34
C ASN L 161 19.72 2.11 39.27
N SER L 162 18.64 1.70 38.62
CA SER L 162 17.45 2.54 38.52
C SER L 162 16.20 1.69 38.69
N GLN L 163 15.10 2.35 39.07
CA GLN L 163 13.82 1.67 39.25
C GLN L 163 12.70 2.53 38.68
N GLU L 164 11.70 1.88 38.08
CA GLU L 164 10.57 2.54 37.46
C GLU L 164 9.30 2.30 38.25
N SER L 165 8.39 3.28 38.20
CA SER L 165 7.05 3.15 38.76
C SER L 165 6.07 3.80 37.80
N VAL L 166 4.90 3.17 37.64
CA VAL L 166 3.89 3.63 36.70
C VAL L 166 2.58 3.83 37.44
N THR L 167 1.92 4.96 37.20
CA THR L 167 0.64 5.23 37.82
C THR L 167 -0.46 4.39 37.17
N GLU L 168 -1.63 4.39 37.80
CA GLU L 168 -2.79 3.82 37.15
C GLU L 168 -3.25 4.75 36.03
N GLN L 169 -4.01 4.18 35.10
CA GLN L 169 -4.51 4.97 33.97
C GLN L 169 -5.36 6.14 34.48
N ASP L 170 -5.27 7.26 33.76
CA ASP L 170 -6.09 8.41 34.10
C ASP L 170 -7.55 8.09 33.86
N SER L 171 -8.39 8.40 34.85
CA SER L 171 -9.82 8.08 34.76
C SER L 171 -10.47 8.76 33.56
N LYS L 172 -10.00 9.95 33.19
CA LYS L 172 -10.65 10.71 32.12
C LYS L 172 -10.07 10.40 30.74
N ASP L 173 -8.75 10.46 30.57
CA ASP L 173 -8.15 10.36 29.25
C ASP L 173 -7.29 9.11 29.02
N SER L 174 -7.19 8.21 29.99
CA SER L 174 -6.59 6.89 29.84
C SER L 174 -5.08 6.92 29.63
N THR L 175 -4.39 7.99 30.03
CA THR L 175 -2.94 8.03 29.87
C THR L 175 -2.24 7.45 31.09
N TYR L 176 -0.91 7.41 31.03
CA TYR L 176 -0.07 6.92 32.11
C TYR L 176 0.97 7.97 32.48
N SER L 177 1.55 7.81 33.67
CA SER L 177 2.72 8.55 34.08
C SER L 177 3.75 7.59 34.66
N LEU L 178 5.03 7.90 34.45
CA LEU L 178 6.12 7.03 34.85
C LEU L 178 7.23 7.85 35.48
N SER L 179 7.80 7.33 36.57
CA SER L 179 8.97 7.90 37.21
C SER L 179 10.10 6.87 37.17
N SER L 180 11.32 7.35 36.96
CA SER L 180 12.50 6.50 37.02
C SER L 180 13.54 7.18 37.90
N THR L 181 14.10 6.43 38.83
CA THR L 181 14.96 6.97 39.87
C THR L 181 16.32 6.28 39.81
N LEU L 182 17.34 7.03 39.42
CA LEU L 182 18.72 6.55 39.42
C LEU L 182 19.37 6.90 40.76
N THR L 183 20.03 5.92 41.37
CA THR L 183 20.66 6.10 42.68
C THR L 183 22.14 5.80 42.60
N LEU L 184 22.95 6.69 43.15
CA LEU L 184 24.40 6.54 43.20
C LEU L 184 24.91 6.98 44.56
N SER L 185 26.05 6.44 44.96
CA SER L 185 26.77 7.00 46.09
C SER L 185 27.16 8.44 45.78
N LYS L 186 27.25 9.27 46.83
CA LYS L 186 27.73 10.63 46.63
C LYS L 186 29.09 10.62 45.94
N ALA L 187 29.96 9.70 46.35
CA ALA L 187 31.27 9.59 45.72
C ALA L 187 31.15 9.33 44.22
N ASP L 188 30.29 8.38 43.84
CA ASP L 188 30.08 8.11 42.42
C ASP L 188 29.50 9.32 41.71
N TYR L 189 28.52 9.99 42.34
CA TYR L 189 27.88 11.15 41.72
C TYR L 189 28.90 12.23 41.39
N GLU L 190 29.86 12.48 42.28
CA GLU L 190 30.85 13.53 42.06
C GLU L 190 31.88 13.16 41.00
N LYS L 191 31.89 11.92 40.50
CA LYS L 191 32.90 11.50 39.55
C LYS L 191 32.58 11.91 38.11
N HIS L 192 31.32 12.19 37.79
CA HIS L 192 30.93 12.47 36.42
C HIS L 192 30.18 13.79 36.37
N LYS L 193 29.85 14.22 35.14
CA LYS L 193 29.29 15.55 34.92
C LYS L 193 27.93 15.54 34.24
N LEU L 194 27.79 14.85 33.11
CA LEU L 194 26.58 14.91 32.29
C LEU L 194 25.65 13.75 32.66
N TYR L 195 24.48 14.09 33.22
CA TYR L 195 23.47 13.12 33.61
C TYR L 195 22.24 13.30 32.73
N ALA L 196 21.93 12.29 31.92
CA ALA L 196 20.89 12.39 30.90
C ALA L 196 19.85 11.29 31.06
N CYS L 197 18.63 11.59 30.61
CA CYS L 197 17.51 10.65 30.59
C CYS L 197 17.00 10.56 29.16
N GLU L 198 17.19 9.42 28.51
CA GLU L 198 16.87 9.24 27.10
C GLU L 198 15.65 8.34 26.95
N VAL L 199 14.55 8.90 26.46
CA VAL L 199 13.25 8.24 26.43
C VAL L 199 12.90 7.83 25.00
N THR L 200 12.47 6.58 24.84
CA THR L 200 11.98 6.05 23.57
C THR L 200 10.52 5.64 23.74
N HIS L 201 9.70 5.96 22.75
CA HIS L 201 8.27 5.73 22.86
C HIS L 201 7.65 5.75 21.46
N GLN L 202 6.49 5.10 21.35
CA GLN L 202 5.80 5.01 20.06
C GLN L 202 5.41 6.40 19.56
N GLY L 203 4.84 7.22 20.43
CA GLY L 203 4.40 8.56 20.06
C GLY L 203 5.52 9.56 19.84
N LEU L 204 6.78 9.13 19.87
CA LEU L 204 7.91 9.99 19.60
C LEU L 204 8.58 9.56 18.30
N SER L 205 8.82 10.52 17.41
CA SER L 205 9.46 10.20 16.14
C SER L 205 10.92 9.84 16.35
N SER L 206 11.59 10.52 17.28
CA SER L 206 12.98 10.31 17.62
C SER L 206 13.09 10.33 19.15
N PRO L 207 14.09 9.65 19.71
CA PRO L 207 14.24 9.66 21.17
C PRO L 207 14.44 11.07 21.72
N VAL L 208 13.96 11.27 22.95
CA VAL L 208 13.98 12.57 23.61
C VAL L 208 14.91 12.48 24.82
N THR L 209 15.79 13.46 24.96
CA THR L 209 16.75 13.51 26.05
C THR L 209 16.55 14.76 26.89
N LYS L 210 16.60 14.60 28.20
CA LYS L 210 16.70 15.71 29.15
C LYS L 210 17.91 15.44 30.04
N SER L 211 18.63 16.51 30.40
CA SER L 211 19.91 16.32 31.05
C SER L 211 20.27 17.56 31.85
N PHE L 212 21.32 17.43 32.66
CA PHE L 212 21.89 18.54 33.41
C PHE L 212 23.35 18.21 33.73
N ASN L 213 24.12 19.24 34.02
CA ASN L 213 25.51 19.11 34.40
C ASN L 213 25.64 19.35 35.90
N ARG L 214 26.40 18.48 36.58
CA ARG L 214 26.52 18.55 38.04
C ARG L 214 27.07 19.91 38.45
N GLY L 215 26.43 20.51 39.45
CA GLY L 215 26.79 21.84 39.91
C GLY L 215 26.20 22.97 39.09
N GLU L 216 26.26 22.86 37.76
CA GLU L 216 25.76 23.86 36.82
C GLU L 216 24.26 24.14 37.05
C1 NAG M . -9.27 0.66 2.79
C2 NAG M . -9.73 1.12 1.39
C3 NAG M . -8.60 0.98 0.36
C4 NAG M . -7.29 1.61 0.87
C5 NAG M . -6.96 0.99 2.21
C6 NAG M . -5.67 1.50 2.82
C7 NAG M . -11.81 0.80 0.13
C8 NAG M . -12.93 -0.16 -0.18
N2 NAG M . -10.88 0.34 0.97
O3 NAG M . -8.98 1.62 -0.85
O4 NAG M . -6.24 1.37 -0.05
O5 NAG M . -8.02 1.29 3.12
O6 NAG M . -5.63 2.91 2.91
O7 NAG M . -11.77 1.93 -0.33
C1 FUC M . -6.05 3.32 4.22
C2 FUC M . -4.82 3.74 5.06
C3 FUC M . -4.22 5.05 4.55
C4 FUC M . -5.32 6.13 4.38
C5 FUC M . -6.47 5.58 3.53
C6 FUC M . -7.64 6.53 3.43
O2 FUC M . -3.83 2.72 5.14
O3 FUC M . -3.27 5.56 5.47
O4 FUC M . -5.79 6.54 5.64
O5 FUC M . -6.98 4.37 4.11
C1 NAG N . 35.11 50.16 -52.24
C2 NAG N . 34.86 51.20 -53.34
C3 NAG N . 35.95 51.12 -54.42
C4 NAG N . 37.33 51.22 -53.80
C5 NAG N . 37.50 50.16 -52.73
C6 NAG N . 38.81 50.29 -51.99
C7 NAG N . 32.77 52.06 -54.31
C8 NAG N . 31.44 51.70 -54.92
N2 NAG N . 33.55 51.04 -53.94
O3 NAG N . 35.76 52.18 -55.35
O4 NAG N . 38.33 51.04 -54.80
O5 NAG N . 36.46 50.29 -51.74
O6 NAG N . 38.74 51.35 -51.04
O7 NAG N . 33.12 53.23 -54.17
C1 FUC N . 40.03 51.63 -50.48
C2 FUC N . 39.88 52.83 -49.56
C3 FUC N . 38.93 52.50 -48.41
C4 FUC N . 39.39 51.23 -47.65
C5 FUC N . 39.70 50.08 -48.65
C6 FUC N . 40.43 48.93 -48.02
O2 FUC N . 39.44 54.00 -50.25
O3 FUC N . 38.90 53.56 -47.48
O4 FUC N . 40.53 51.52 -46.86
O5 FUC N . 40.51 50.52 -49.76
C1 NAG O . 31.84 94.39 -32.81
C2 NAG O . 31.28 94.94 -34.14
C3 NAG O . 32.35 94.90 -35.24
C4 NAG O . 33.63 95.58 -34.78
C5 NAG O . 34.11 94.91 -33.50
C6 NAG O . 35.37 95.53 -32.95
C7 NAG O . 29.15 94.68 -35.34
C8 NAG O . 28.02 93.74 -35.66
N2 NAG O . 30.11 94.18 -34.56
O3 NAG O . 31.85 95.56 -36.41
O4 NAG O . 34.64 95.46 -35.78
O5 NAG O . 33.10 95.05 -32.50
O6 NAG O . 35.09 96.60 -32.06
O7 NAG O . 29.18 95.83 -35.76
C1 NAG P . -42.95 -48.48 50.30
C2 NAG P . -42.95 -49.50 51.45
C3 NAG P . -42.17 -50.76 51.04
C4 NAG P . -42.69 -51.33 49.74
C5 NAG P . -42.63 -50.25 48.66
C6 NAG P . -43.20 -50.70 47.34
C7 NAG P . -42.97 -49.03 53.86
C8 NAG P . -42.24 -48.37 54.99
N2 NAG P . -42.38 -48.93 52.66
O3 NAG P . -42.29 -51.74 52.08
O4 NAG P . -41.90 -52.44 49.32
O5 NAG P . -43.42 -49.12 49.08
O6 NAG P . -44.56 -51.10 47.44
O7 NAG P . -44.02 -49.62 54.01
#